data_9JVW
#
_entry.id   9JVW
#
_cell.length_a   1.00
_cell.length_b   1.00
_cell.length_c   1.00
_cell.angle_alpha   90.00
_cell.angle_beta   90.00
_cell.angle_gamma   90.00
#
_symmetry.space_group_name_H-M   'P 1'
#
loop_
_entity.id
_entity.type
_entity.pdbx_description
1 polymer 'Excitatory amino acid transporter 2'
2 non-polymer CHOLESTEROL
3 non-polymer '(2S)-2-azanyl-4-[[4-[2-bromanyl-4,5-bis(fluoranyl)phenoxy]phenyl]amino]-4-oxidanylidene-butanoic acid'
#
_entity_poly.entity_id   1
_entity_poly.type   'polypeptide(L)'
_entity_poly.pdbx_seq_one_letter_code
;MASTEGANNMPKQVEVRMHDSHLGSEEPKHRHLGLRLCDKLGKNLLLTLTVFGVILGAVCGGLLRLASPIHPDVVMLIAF
PGDILMRMLKMLILPLIISSLITGLSGLDAKASGRLGTRAMVYYMSTTIIAAVLGVILVLAIHPGNPKLKKQLGPGKKND
EVSSLDAFLDLIRNLFPENLVQACFQQIQTVTKKVLVAPPPDEEANATSAVVSLLNETVTEVPEETKMVIKKGLEFKDGM
NVLGLIGFFIAFGIAMGKMGDQAKLMVDFFNILNEIVMKLVIMIMWYSPLGIACLICGKIIAIKDLEVVARQLGMYMVTV
IIGLIIHGGIFLPLIYFVVTRKNPFSFFAGIFQAWITALGTASSAGTLPVTFRCLEENLGIDKRVTRFVLPVGATINMDG
TALYEAVAAIFIAQMNGVVLDGGQIVTVSLTATLASVGAASIPSAGLVTMLLILTAVGLPTEDISLLVAVDWLLDRMRTS
VNVVGDSFGAGIVYHLSKSELDTIDSQHRVHEDIEMTKTQSIYDDMKNHRESNSNQCVYAAHNSVIVDECKVTLAANGKS
ADCSVEEEPWKREK
;
_entity_poly.pdbx_strand_id   A,B,C
#
loop_
_chem_comp.id
_chem_comp.type
_chem_comp.name
_chem_comp.formula
CLR non-polymer CHOLESTEROL 'C27 H46 O'
GJ0 non-polymer '(2S)-2-azanyl-4-[[4-[2-bromanyl-4,5-bis(fluoranyl)phenoxy]phenyl]amino]-4-oxidanylidene-butanoic acid' 'C16 H13 Br F2 N2 O4'
#
# COMPACT_ATOMS: atom_id res chain seq x y z
N LYS A 40 29.37 -28.19 -22.96
CA LYS A 40 28.22 -27.36 -23.27
C LYS A 40 27.18 -27.39 -22.15
N LEU A 41 27.27 -28.41 -21.29
CA LEU A 41 26.35 -28.57 -20.18
C LEU A 41 26.59 -27.54 -19.08
N GLY A 42 27.81 -27.03 -18.95
CA GLY A 42 28.11 -26.07 -17.92
C GLY A 42 27.85 -24.64 -18.38
N LYS A 43 27.84 -24.43 -19.69
CA LYS A 43 27.49 -23.16 -20.27
C LYS A 43 25.97 -23.07 -20.39
N ASN A 44 25.42 -21.93 -19.94
CA ASN A 44 23.98 -21.65 -19.95
C ASN A 44 23.20 -22.72 -19.18
N LEU A 45 23.44 -22.77 -17.88
CA LEU A 45 22.80 -23.76 -17.02
C LEU A 45 21.41 -23.30 -16.56
N LEU A 46 20.60 -22.82 -17.47
CA LEU A 46 19.20 -22.64 -17.14
C LEU A 46 18.29 -23.23 -18.19
N LEU A 47 18.64 -23.12 -19.46
CA LEU A 47 17.81 -23.72 -20.49
C LEU A 47 17.97 -25.24 -20.50
N THR A 48 19.17 -25.72 -20.19
CA THR A 48 19.39 -27.16 -20.15
C THR A 48 18.70 -27.80 -18.95
N LEU A 49 18.68 -27.13 -17.80
CA LEU A 49 17.94 -27.66 -16.66
C LEU A 49 16.44 -27.56 -16.89
N THR A 50 16.00 -26.54 -17.62
CA THR A 50 14.58 -26.44 -17.94
C THR A 50 14.13 -27.55 -18.87
N VAL A 51 14.90 -27.86 -19.92
CA VAL A 51 14.45 -28.93 -20.81
C VAL A 51 14.66 -30.29 -20.16
N PHE A 52 15.64 -30.43 -19.26
CA PHE A 52 15.77 -31.67 -18.51
C PHE A 52 14.61 -31.86 -17.56
N GLY A 53 14.15 -30.80 -16.91
CA GLY A 53 12.98 -30.90 -16.05
C GLY A 53 11.70 -31.18 -16.83
N VAL A 54 11.57 -30.60 -18.02
CA VAL A 54 10.41 -30.86 -18.86
C VAL A 54 10.38 -32.32 -19.32
N ILE A 55 11.53 -32.85 -19.75
CA ILE A 55 11.58 -34.24 -20.20
C ILE A 55 11.37 -35.20 -19.03
N LEU A 56 11.94 -34.89 -17.86
CA LEU A 56 11.77 -35.76 -16.70
C LEU A 56 10.32 -35.74 -16.20
N GLY A 57 9.69 -34.57 -16.19
CA GLY A 57 8.31 -34.48 -15.76
C GLY A 57 7.37 -35.16 -16.75
N ALA A 58 7.67 -35.07 -18.05
CA ALA A 58 6.85 -35.75 -19.03
C ALA A 58 7.01 -37.26 -18.94
N VAL A 59 8.21 -37.74 -18.63
CA VAL A 59 8.43 -39.17 -18.47
C VAL A 59 7.69 -39.70 -17.24
N CYS A 60 7.79 -38.97 -16.12
CA CYS A 60 7.09 -39.41 -14.91
C CYS A 60 5.57 -39.31 -15.05
N GLY A 61 5.07 -38.30 -15.75
CA GLY A 61 3.65 -38.23 -16.00
C GLY A 61 3.15 -39.30 -16.95
N GLY A 62 3.92 -39.59 -18.00
CA GLY A 62 3.50 -40.61 -18.95
C GLY A 62 3.60 -42.01 -18.39
N LEU A 63 4.52 -42.22 -17.46
CA LEU A 63 4.58 -43.51 -16.79
C LEU A 63 3.57 -43.61 -15.66
N LEU A 64 3.16 -42.49 -15.08
CA LEU A 64 2.31 -42.55 -13.90
C LEU A 64 0.82 -42.56 -14.23
N ARG A 65 0.42 -42.04 -15.38
CA ARG A 65 -0.97 -42.19 -15.80
C ARG A 65 -1.25 -43.57 -16.37
N LEU A 66 -0.20 -44.33 -16.68
CA LEU A 66 -0.37 -45.71 -17.12
C LEU A 66 -0.79 -46.62 -15.98
N ALA A 67 -0.45 -46.25 -14.73
CA ALA A 67 -0.61 -47.15 -13.60
C ALA A 67 -2.06 -47.36 -13.23
N SER A 68 -2.77 -46.31 -12.86
CA SER A 68 -4.10 -46.44 -12.27
C SER A 68 -4.82 -45.11 -12.42
N PRO A 69 -6.15 -45.09 -12.19
CA PRO A 69 -6.81 -43.81 -11.93
C PRO A 69 -6.35 -43.23 -10.61
N ILE A 70 -5.61 -42.14 -10.68
CA ILE A 70 -4.93 -41.59 -9.51
C ILE A 70 -5.91 -40.80 -8.66
N HIS A 71 -5.75 -40.90 -7.34
CA HIS A 71 -6.55 -40.12 -6.39
C HIS A 71 -6.29 -38.63 -6.58
N PRO A 72 -7.30 -37.78 -6.41
CA PRO A 72 -7.08 -36.33 -6.65
C PRO A 72 -6.19 -35.67 -5.62
N ASP A 73 -6.11 -36.20 -4.41
CA ASP A 73 -5.29 -35.56 -3.38
C ASP A 73 -3.81 -35.77 -3.63
N VAL A 74 -3.41 -36.96 -4.08
CA VAL A 74 -2.01 -37.16 -4.41
C VAL A 74 -1.67 -36.48 -5.74
N VAL A 75 -2.67 -36.24 -6.60
CA VAL A 75 -2.47 -35.38 -7.76
C VAL A 75 -2.16 -33.95 -7.31
N MET A 76 -2.88 -33.46 -6.30
CA MET A 76 -2.60 -32.13 -5.76
C MET A 76 -1.23 -32.07 -5.09
N LEU A 77 -0.84 -33.13 -4.38
CA LEU A 77 0.49 -33.18 -3.78
C LEU A 77 1.59 -33.26 -4.82
N ILE A 78 1.32 -33.81 -6.00
CA ILE A 78 2.31 -33.80 -7.06
C ILE A 78 2.42 -32.42 -7.69
N ALA A 79 1.29 -31.80 -8.00
CA ALA A 79 1.30 -30.50 -8.67
C ALA A 79 1.52 -29.33 -7.72
N PHE A 80 1.74 -29.57 -6.44
CA PHE A 80 1.95 -28.48 -5.49
C PHE A 80 3.20 -27.62 -5.68
N PRO A 81 4.40 -28.13 -6.02
CA PRO A 81 5.52 -27.19 -6.23
C PRO A 81 5.36 -26.26 -7.41
N GLY A 82 4.61 -26.67 -8.44
CA GLY A 82 4.28 -25.73 -9.50
C GLY A 82 3.34 -24.63 -9.04
N ASP A 83 2.43 -24.96 -8.12
CA ASP A 83 1.60 -23.93 -7.51
C ASP A 83 2.42 -22.96 -6.68
N ILE A 84 3.44 -23.48 -5.99
CA ILE A 84 4.34 -22.61 -5.23
C ILE A 84 5.13 -21.70 -6.16
N LEU A 85 5.54 -22.23 -7.32
CA LEU A 85 6.24 -21.40 -8.31
C LEU A 85 5.35 -20.31 -8.88
N MET A 86 4.09 -20.64 -9.18
CA MET A 86 3.17 -19.64 -9.71
C MET A 86 2.86 -18.56 -8.68
N ARG A 87 2.78 -18.93 -7.40
CA ARG A 87 2.55 -17.92 -6.37
C ARG A 87 3.76 -17.04 -6.15
N MET A 88 4.97 -17.62 -6.19
CA MET A 88 6.17 -16.82 -6.02
C MET A 88 6.43 -15.92 -7.21
N LEU A 89 5.93 -16.28 -8.39
CA LEU A 89 6.08 -15.37 -9.52
C LEU A 89 4.98 -14.32 -9.56
N LYS A 90 3.75 -14.67 -9.15
CA LYS A 90 2.69 -13.69 -9.09
C LYS A 90 2.84 -12.71 -7.95
N MET A 91 3.67 -13.04 -6.95
CA MET A 91 3.94 -12.10 -5.87
C MET A 91 4.70 -10.87 -6.35
N LEU A 92 5.42 -10.98 -7.47
CA LEU A 92 6.32 -9.94 -7.92
C LEU A 92 5.84 -9.17 -9.14
N ILE A 93 4.60 -9.33 -9.59
CA ILE A 93 4.22 -8.56 -10.76
C ILE A 93 3.75 -7.16 -10.39
N LEU A 94 3.45 -6.90 -9.13
CA LEU A 94 3.06 -5.54 -8.77
C LEU A 94 4.26 -4.61 -8.52
N PRO A 95 5.28 -4.96 -7.72
CA PRO A 95 6.41 -4.03 -7.59
C PRO A 95 7.26 -3.95 -8.84
N LEU A 96 7.22 -4.96 -9.71
CA LEU A 96 7.97 -4.88 -10.94
C LEU A 96 7.33 -3.89 -11.90
N ILE A 97 5.99 -3.86 -11.96
CA ILE A 97 5.29 -2.85 -12.76
C ILE A 97 5.53 -1.45 -12.21
N ILE A 98 5.37 -1.30 -10.88
CA ILE A 98 5.48 0.01 -10.24
C ILE A 98 6.89 0.56 -10.39
N SER A 99 7.91 -0.27 -10.19
CA SER A 99 9.28 0.21 -10.30
C SER A 99 9.70 0.38 -11.76
N SER A 100 9.24 -0.50 -12.66
CA SER A 100 9.71 -0.47 -14.03
C SER A 100 9.15 0.70 -14.80
N LEU A 101 7.88 1.05 -14.57
CA LEU A 101 7.30 2.21 -15.24
C LEU A 101 7.97 3.51 -14.82
N ILE A 102 8.23 3.67 -13.52
CA ILE A 102 8.79 4.91 -13.01
C ILE A 102 10.28 5.00 -13.34
N THR A 103 10.96 3.87 -13.39
CA THR A 103 12.37 3.89 -13.79
C THR A 103 12.51 4.15 -15.29
N GLY A 104 11.67 3.53 -16.11
CA GLY A 104 11.78 3.70 -17.53
C GLY A 104 11.31 5.04 -18.06
N LEU A 105 10.10 5.46 -17.68
CA LEU A 105 9.53 6.66 -18.27
C LEU A 105 10.19 7.94 -17.77
N SER A 106 10.93 7.90 -16.68
CA SER A 106 11.67 9.07 -16.22
C SER A 106 13.05 9.15 -16.83
N GLY A 107 13.49 8.13 -17.56
CA GLY A 107 14.79 8.15 -18.19
C GLY A 107 14.70 8.47 -19.68
N LEU A 108 13.59 9.06 -20.08
CA LEU A 108 13.38 9.41 -21.48
C LEU A 108 13.95 10.79 -21.82
N ASP A 109 14.88 10.82 -22.77
CA ASP A 109 15.52 12.04 -23.21
C ASP A 109 14.88 12.51 -24.51
N ALA A 110 14.31 13.71 -24.49
CA ALA A 110 13.76 14.31 -25.70
C ALA A 110 14.84 14.88 -26.61
N LYS A 111 16.09 14.95 -26.14
CA LYS A 111 17.23 15.36 -26.95
C LYS A 111 17.95 14.17 -27.54
N ALA A 112 17.30 13.01 -27.63
CA ALA A 112 17.93 11.78 -28.12
C ALA A 112 18.06 11.85 -29.64
N SER A 113 19.09 12.60 -30.07
CA SER A 113 19.42 12.88 -31.47
C SER A 113 18.26 13.54 -32.23
N GLY A 114 17.43 14.28 -31.52
CA GLY A 114 16.36 15.02 -32.17
C GLY A 114 15.21 14.14 -32.59
N ARG A 115 14.88 14.18 -33.87
CA ARG A 115 13.71 13.49 -34.38
C ARG A 115 13.96 11.99 -34.59
N LEU A 116 15.21 11.55 -34.52
CA LEU A 116 15.51 10.13 -34.69
C LEU A 116 15.03 9.32 -33.50
N GLY A 117 14.83 9.95 -32.36
CA GLY A 117 14.23 9.26 -31.23
C GLY A 117 12.75 9.07 -31.44
N THR A 118 12.07 10.16 -31.82
CA THR A 118 10.61 10.14 -31.94
C THR A 118 10.15 9.27 -33.10
N ARG A 119 10.89 9.29 -34.23
CA ARG A 119 10.53 8.44 -35.36
C ARG A 119 10.68 6.97 -35.02
N ALA A 120 11.76 6.62 -34.32
CA ALA A 120 11.98 5.23 -33.93
C ALA A 120 10.94 4.78 -32.91
N MET A 121 10.54 5.67 -32.01
CA MET A 121 9.55 5.27 -31.00
C MET A 121 8.16 5.11 -31.62
N VAL A 122 7.81 5.96 -32.59
CA VAL A 122 6.54 5.81 -33.30
C VAL A 122 6.53 4.53 -34.12
N TYR A 123 7.67 4.14 -34.70
CA TYR A 123 7.72 2.86 -35.40
C TYR A 123 7.58 1.68 -34.44
N TYR A 124 8.31 1.72 -33.32
CA TYR A 124 8.33 0.60 -32.38
C TYR A 124 6.98 0.39 -31.70
N MET A 125 6.28 1.47 -31.38
CA MET A 125 4.97 1.32 -30.76
C MET A 125 3.84 1.16 -31.77
N SER A 126 4.16 1.10 -33.06
CA SER A 126 3.12 0.82 -34.05
C SER A 126 3.18 -0.62 -34.53
N THR A 127 4.40 -1.12 -34.81
CA THR A 127 4.52 -2.47 -35.33
C THR A 127 4.20 -3.51 -34.26
N THR A 128 4.48 -3.20 -32.99
CA THR A 128 4.12 -4.10 -31.91
C THR A 128 2.61 -4.22 -31.75
N ILE A 129 1.90 -3.09 -31.91
CA ILE A 129 0.44 -3.10 -31.79
C ILE A 129 -0.18 -3.86 -32.96
N ILE A 130 0.36 -3.66 -34.16
CA ILE A 130 -0.13 -4.41 -35.33
C ILE A 130 0.13 -5.90 -35.17
N ALA A 131 1.26 -6.27 -34.57
CA ALA A 131 1.58 -7.67 -34.37
C ALA A 131 0.66 -8.32 -33.35
N ALA A 132 0.34 -7.60 -32.26
CA ALA A 132 -0.54 -8.16 -31.24
C ALA A 132 -1.97 -8.28 -31.76
N VAL A 133 -2.42 -7.31 -32.56
CA VAL A 133 -3.76 -7.37 -33.14
C VAL A 133 -3.87 -8.52 -34.14
N LEU A 134 -2.83 -8.72 -34.94
CA LEU A 134 -2.81 -9.85 -35.88
C LEU A 134 -2.79 -11.18 -35.14
N GLY A 135 -2.09 -11.24 -34.00
CA GLY A 135 -2.10 -12.47 -33.21
C GLY A 135 -3.45 -12.78 -32.62
N VAL A 136 -4.16 -11.76 -32.12
CA VAL A 136 -5.49 -11.96 -31.56
C VAL A 136 -6.47 -12.42 -32.64
N ILE A 137 -6.42 -11.80 -33.82
CA ILE A 137 -7.30 -12.18 -34.92
C ILE A 137 -7.00 -13.61 -35.38
N LEU A 138 -5.71 -13.97 -35.49
CA LEU A 138 -5.37 -15.29 -35.99
C LEU A 138 -5.65 -16.38 -34.98
N VAL A 139 -5.65 -16.08 -33.68
CA VAL A 139 -6.03 -17.13 -32.73
C VAL A 139 -7.54 -17.21 -32.57
N LEU A 140 -8.28 -16.13 -32.85
CA LEU A 140 -9.73 -16.22 -32.83
C LEU A 140 -10.29 -16.82 -34.10
N ALA A 141 -9.53 -16.85 -35.19
CA ALA A 141 -10.00 -17.39 -36.46
C ALA A 141 -9.60 -18.83 -36.69
N ILE A 142 -8.36 -19.21 -36.37
CA ILE A 142 -7.93 -20.60 -36.48
C ILE A 142 -8.64 -21.45 -35.44
N HIS A 143 -8.85 -20.88 -34.24
CA HIS A 143 -9.51 -21.48 -33.08
C HIS A 143 -8.90 -22.82 -32.67
N PRO A 144 -7.70 -22.85 -32.09
CA PRO A 144 -7.21 -24.12 -31.54
C PRO A 144 -7.73 -24.31 -30.13
N GLY A 145 -7.84 -25.58 -29.72
CA GLY A 145 -8.35 -25.86 -28.40
C GLY A 145 -9.85 -25.76 -28.28
N ASN A 146 -10.56 -26.65 -28.96
CA ASN A 146 -12.01 -26.75 -28.81
C ASN A 146 -12.36 -27.35 -27.47
N VAL A 162 -23.92 -10.87 -20.87
CA VAL A 162 -24.02 -9.42 -20.77
C VAL A 162 -23.75 -8.85 -22.17
N SER A 163 -24.12 -7.59 -22.39
CA SER A 163 -23.93 -6.95 -23.68
C SER A 163 -22.46 -6.64 -23.90
N SER A 164 -22.11 -6.31 -25.14
CA SER A 164 -20.75 -5.91 -25.44
C SER A 164 -20.52 -4.46 -25.03
N LEU A 165 -21.58 -3.66 -25.03
CA LEU A 165 -21.49 -2.27 -24.60
C LEU A 165 -21.14 -2.16 -23.13
N ASP A 166 -21.75 -3.00 -22.30
CA ASP A 166 -21.41 -3.02 -20.89
C ASP A 166 -19.99 -3.52 -20.66
N ALA A 167 -19.50 -4.42 -21.51
CA ALA A 167 -18.12 -4.89 -21.38
C ALA A 167 -17.13 -3.79 -21.72
N PHE A 168 -17.40 -3.03 -22.77
CA PHE A 168 -16.50 -1.92 -23.11
C PHE A 168 -16.58 -0.80 -22.09
N LEU A 169 -17.75 -0.54 -21.53
CA LEU A 169 -17.84 0.47 -20.49
C LEU A 169 -17.16 0.01 -19.21
N ASP A 170 -17.18 -1.30 -18.91
CA ASP A 170 -16.42 -1.79 -17.77
C ASP A 170 -14.93 -1.69 -18.00
N LEU A 171 -14.47 -1.85 -19.25
CA LEU A 171 -13.07 -1.63 -19.55
C LEU A 171 -12.67 -0.17 -19.34
N ILE A 172 -13.50 0.76 -19.80
CA ILE A 172 -13.20 2.18 -19.63
C ILE A 172 -13.27 2.58 -18.16
N ARG A 173 -14.18 1.98 -17.39
CA ARG A 173 -14.19 2.22 -15.95
C ARG A 173 -12.96 1.62 -15.27
N ASN A 174 -12.46 0.50 -15.76
CA ASN A 174 -11.31 -0.13 -15.13
C ASN A 174 -10.01 0.57 -15.46
N LEU A 175 -9.97 1.37 -16.53
CA LEU A 175 -8.78 2.18 -16.77
C LEU A 175 -8.60 3.26 -15.71
N PHE A 176 -9.69 3.80 -15.17
CA PHE A 176 -9.65 4.89 -14.19
C PHE A 176 -10.25 4.39 -12.88
N PRO A 177 -9.44 3.84 -11.98
CA PRO A 177 -9.98 3.26 -10.76
C PRO A 177 -10.33 4.33 -9.72
N GLU A 178 -11.37 4.04 -8.95
CA GLU A 178 -11.76 4.93 -7.87
C GLU A 178 -10.75 4.97 -6.74
N ASN A 179 -10.07 3.86 -6.47
CA ASN A 179 -9.14 3.76 -5.36
C ASN A 179 -7.89 3.07 -5.84
N LEU A 180 -6.74 3.43 -5.27
CA LEU A 180 -5.48 2.85 -5.72
C LEU A 180 -5.12 1.58 -4.97
N VAL A 181 -5.46 1.49 -3.69
CA VAL A 181 -5.16 0.29 -2.94
C VAL A 181 -6.14 -0.82 -3.31
N GLN A 182 -7.36 -0.44 -3.69
CA GLN A 182 -8.30 -1.45 -4.18
C GLN A 182 -7.99 -1.88 -5.59
N ALA A 183 -7.26 -1.08 -6.36
CA ALA A 183 -6.90 -1.48 -7.70
C ALA A 183 -5.76 -2.48 -7.71
N CYS A 184 -5.11 -2.69 -6.58
CA CYS A 184 -4.08 -3.71 -6.50
C CYS A 184 -4.65 -5.12 -6.42
N PHE A 185 -5.92 -5.28 -6.05
CA PHE A 185 -6.48 -6.62 -5.99
C PHE A 185 -7.94 -6.76 -6.38
N GLN A 186 -8.60 -5.73 -6.90
CA GLN A 186 -10.01 -5.86 -7.23
C GLN A 186 -10.33 -5.09 -8.50
N GLN A 187 -11.23 -5.66 -9.30
CA GLN A 187 -11.72 -5.03 -10.52
C GLN A 187 -13.19 -4.72 -10.34
N ILE A 188 -13.76 -4.02 -11.32
CA ILE A 188 -15.18 -3.72 -11.30
C ILE A 188 -15.83 -4.42 -12.48
N GLN A 189 -17.13 -4.70 -12.36
CA GLN A 189 -17.86 -5.33 -13.45
C GLN A 189 -19.34 -4.99 -13.31
N THR A 190 -20.06 -5.13 -14.41
CA THR A 190 -21.49 -4.81 -14.45
C THR A 190 -22.29 -6.10 -14.31
N VAL A 191 -22.88 -6.29 -13.14
CA VAL A 191 -23.89 -7.31 -12.93
C VAL A 191 -25.22 -6.77 -13.43
N THR A 192 -26.23 -7.62 -13.52
CA THR A 192 -27.54 -7.17 -13.94
C THR A 192 -28.62 -7.99 -13.24
N LYS A 193 -29.83 -7.47 -13.24
CA LYS A 193 -30.99 -8.18 -12.71
C LYS A 193 -31.68 -8.96 -13.84
N LYS A 231 -31.24 -0.88 -11.47
CA LYS A 231 -31.42 -2.24 -11.94
C LYS A 231 -30.08 -2.89 -12.27
N LYS A 232 -29.25 -2.19 -13.05
CA LYS A 232 -27.95 -2.70 -13.44
C LYS A 232 -26.99 -2.86 -12.26
N GLY A 233 -26.54 -1.76 -11.68
CA GLY A 233 -25.61 -1.82 -10.59
C GLY A 233 -24.19 -2.17 -11.02
N LEU A 234 -23.24 -1.85 -10.15
CA LEU A 234 -21.82 -2.11 -10.36
C LEU A 234 -21.30 -2.89 -9.17
N GLU A 235 -20.52 -3.93 -9.43
CA GLU A 235 -20.09 -4.87 -8.41
C GLU A 235 -18.60 -5.11 -8.52
N PHE A 236 -17.93 -5.27 -7.39
CA PHE A 236 -16.49 -5.51 -7.37
C PHE A 236 -16.19 -7.00 -7.43
N LYS A 237 -15.67 -7.45 -8.56
CA LYS A 237 -15.15 -8.81 -8.68
C LYS A 237 -13.71 -8.83 -8.20
N ASP A 238 -13.16 -10.03 -8.07
CA ASP A 238 -11.81 -10.18 -7.53
C ASP A 238 -10.81 -10.42 -8.65
N GLY A 239 -9.58 -9.98 -8.42
CA GLY A 239 -8.54 -10.06 -9.42
C GLY A 239 -7.82 -8.74 -9.57
N MET A 240 -6.52 -8.76 -9.87
CA MET A 240 -5.74 -7.53 -9.91
C MET A 240 -6.11 -6.68 -11.12
N ASN A 241 -6.20 -5.38 -10.92
CA ASN A 241 -6.53 -4.43 -11.99
C ASN A 241 -5.23 -3.96 -12.61
N VAL A 242 -4.83 -4.58 -13.72
CA VAL A 242 -3.53 -4.28 -14.30
C VAL A 242 -3.55 -2.98 -15.07
N LEU A 243 -4.61 -2.76 -15.87
CA LEU A 243 -4.65 -1.61 -16.77
C LEU A 243 -4.79 -0.30 -16.01
N GLY A 244 -5.49 -0.31 -14.88
CA GLY A 244 -5.62 0.91 -14.09
C GLY A 244 -4.32 1.33 -13.45
N LEU A 245 -3.56 0.37 -12.93
CA LEU A 245 -2.27 0.68 -12.33
C LEU A 245 -1.26 1.10 -13.39
N ILE A 246 -1.31 0.47 -14.56
CA ILE A 246 -0.42 0.86 -15.65
C ILE A 246 -0.74 2.27 -16.13
N GLY A 247 -2.03 2.63 -16.20
CA GLY A 247 -2.40 3.98 -16.59
C GLY A 247 -1.99 5.03 -15.57
N PHE A 248 -2.23 4.76 -14.28
CA PHE A 248 -1.85 5.73 -13.25
C PHE A 248 -0.35 5.89 -13.16
N PHE A 249 0.41 4.82 -13.28
CA PHE A 249 1.85 5.00 -13.15
C PHE A 249 2.50 5.47 -14.44
N ILE A 250 1.83 5.34 -15.58
CA ILE A 250 2.27 6.08 -16.77
C ILE A 250 2.12 7.57 -16.54
N ALA A 251 0.98 7.99 -15.97
CA ALA A 251 0.81 9.40 -15.62
C ALA A 251 1.81 9.86 -14.57
N PHE A 252 2.12 8.99 -13.62
CA PHE A 252 3.08 9.32 -12.55
C PHE A 252 4.49 9.50 -13.09
N GLY A 253 4.94 8.57 -13.93
CA GLY A 253 6.27 8.68 -14.51
C GLY A 253 6.40 9.85 -15.48
N ILE A 254 5.34 10.14 -16.23
CA ILE A 254 5.40 11.28 -17.15
C ILE A 254 5.42 12.60 -16.39
N ALA A 255 4.63 12.69 -15.31
CA ALA A 255 4.66 13.91 -14.50
C ALA A 255 5.95 14.05 -13.71
N MET A 256 6.59 12.94 -13.37
CA MET A 256 7.86 13.00 -12.66
C MET A 256 9.01 13.36 -13.58
N GLY A 257 8.98 12.91 -14.82
CA GLY A 257 10.03 13.25 -15.77
C GLY A 257 10.07 14.70 -16.15
N LYS A 258 8.98 15.43 -15.96
CA LYS A 258 8.95 16.86 -16.25
C LYS A 258 9.41 17.72 -15.09
N MET A 259 9.56 17.14 -13.89
CA MET A 259 10.09 17.92 -12.78
C MET A 259 11.58 18.19 -12.94
N GLY A 260 12.28 17.30 -13.63
CA GLY A 260 13.68 17.52 -13.94
C GLY A 260 14.57 17.04 -12.82
N ASP A 261 15.45 17.92 -12.35
CA ASP A 261 16.41 17.54 -11.32
C ASP A 261 15.86 17.69 -9.92
N GLN A 262 14.63 18.16 -9.75
CA GLN A 262 14.02 18.22 -8.43
C GLN A 262 13.64 16.83 -7.95
N ALA A 263 13.17 15.99 -8.85
CA ALA A 263 12.79 14.62 -8.49
C ALA A 263 13.91 13.63 -8.76
N LYS A 264 15.07 13.86 -8.16
CA LYS A 264 16.18 12.93 -8.29
C LYS A 264 16.17 11.89 -7.19
N LEU A 265 15.74 12.27 -6.00
CA LEU A 265 15.63 11.35 -4.87
C LEU A 265 14.63 10.25 -5.14
N MET A 266 13.49 10.56 -5.75
CA MET A 266 12.50 9.54 -6.02
C MET A 266 12.92 8.58 -7.12
N VAL A 267 13.60 9.07 -8.17
CA VAL A 267 14.05 8.14 -9.19
C VAL A 267 15.21 7.29 -8.68
N ASP A 268 16.02 7.77 -7.73
CA ASP A 268 17.03 6.91 -7.13
C ASP A 268 16.40 5.84 -6.25
N PHE A 269 15.36 6.21 -5.49
CA PHE A 269 14.62 5.24 -4.68
C PHE A 269 14.01 4.15 -5.54
N PHE A 270 13.39 4.53 -6.65
CA PHE A 270 12.77 3.52 -7.50
C PHE A 270 13.79 2.73 -8.32
N ASN A 271 14.95 3.30 -8.60
CA ASN A 271 16.02 2.50 -9.22
C ASN A 271 16.51 1.42 -8.28
N ILE A 272 16.66 1.74 -6.99
CA ILE A 272 17.08 0.75 -6.01
C ILE A 272 16.03 -0.34 -5.85
N LEU A 273 14.74 0.04 -5.84
CA LEU A 273 13.67 -0.95 -5.77
C LEU A 273 13.63 -1.83 -7.01
N ASN A 274 13.96 -1.27 -8.17
CA ASN A 274 13.97 -2.05 -9.40
C ASN A 274 15.10 -3.06 -9.42
N GLU A 275 16.29 -2.67 -8.93
CA GLU A 275 17.40 -3.62 -8.87
C GLU A 275 17.12 -4.76 -7.90
N ILE A 276 16.47 -4.45 -6.77
CA ILE A 276 16.16 -5.48 -5.79
C ILE A 276 15.15 -6.46 -6.34
N VAL A 277 14.09 -5.96 -7.00
CA VAL A 277 13.09 -6.87 -7.52
C VAL A 277 13.59 -7.64 -8.74
N MET A 278 14.59 -7.11 -9.46
CA MET A 278 15.17 -7.90 -10.54
C MET A 278 16.07 -9.02 -10.01
N LYS A 279 16.77 -8.80 -8.90
CA LYS A 279 17.51 -9.91 -8.27
C LYS A 279 16.55 -10.97 -7.75
N LEU A 280 15.40 -10.55 -7.23
CA LEU A 280 14.41 -11.52 -6.75
C LEU A 280 13.82 -12.32 -7.90
N VAL A 281 13.60 -11.69 -9.05
CA VAL A 281 13.13 -12.43 -10.23
C VAL A 281 14.20 -13.39 -10.73
N ILE A 282 15.48 -13.03 -10.63
CA ILE A 282 16.56 -13.94 -10.97
C ILE A 282 16.60 -15.20 -10.10
N MET A 283 16.38 -15.08 -8.79
CA MET A 283 16.44 -16.27 -7.92
C MET A 283 15.31 -17.27 -8.18
N ILE A 284 14.08 -16.78 -8.37
CA ILE A 284 12.94 -17.67 -8.55
C ILE A 284 13.03 -18.41 -9.86
N MET A 285 13.61 -17.78 -10.88
CA MET A 285 13.82 -18.49 -12.13
C MET A 285 14.93 -19.52 -12.04
N TRP A 286 15.81 -19.42 -11.05
CA TRP A 286 16.69 -20.54 -10.76
C TRP A 286 15.95 -21.67 -10.09
N TYR A 287 14.95 -21.35 -9.28
CA TYR A 287 14.13 -22.41 -8.68
C TYR A 287 13.29 -23.12 -9.73
N SER A 288 12.84 -22.40 -10.76
CA SER A 288 11.88 -22.80 -11.79
C SER A 288 11.94 -24.20 -12.43
N PRO A 289 13.10 -24.82 -12.72
CA PRO A 289 13.05 -26.16 -13.36
C PRO A 289 12.51 -27.28 -12.49
N LEU A 290 12.35 -27.07 -11.19
CA LEU A 290 11.62 -28.02 -10.37
C LEU A 290 10.11 -27.82 -10.45
N GLY A 291 9.65 -26.57 -10.50
CA GLY A 291 8.23 -26.28 -10.58
C GLY A 291 7.63 -26.61 -11.92
N ILE A 292 8.39 -26.40 -13.00
CA ILE A 292 7.89 -26.71 -14.34
C ILE A 292 7.68 -28.22 -14.50
N ALA A 293 8.57 -29.02 -13.91
CA ALA A 293 8.45 -30.47 -13.98
C ALA A 293 7.22 -30.96 -13.25
N CYS A 294 6.96 -30.42 -12.06
CA CYS A 294 5.79 -30.83 -11.29
C CYS A 294 4.50 -30.38 -11.96
N LEU A 295 4.51 -29.20 -12.60
CA LEU A 295 3.33 -28.74 -13.31
C LEU A 295 3.04 -29.60 -14.53
N ILE A 296 4.08 -30.02 -15.26
CA ILE A 296 3.87 -30.88 -16.42
C ILE A 296 3.40 -32.26 -16.00
N CYS A 297 3.93 -32.79 -14.89
CA CYS A 297 3.47 -34.09 -14.41
C CYS A 297 2.03 -34.05 -13.94
N GLY A 298 1.66 -32.99 -13.22
CA GLY A 298 0.26 -32.82 -12.83
C GLY A 298 -0.68 -32.54 -13.98
N LYS A 299 -0.18 -31.99 -15.09
CA LYS A 299 -1.06 -31.77 -16.22
C LYS A 299 -1.16 -33.02 -17.10
N ILE A 300 -0.15 -33.87 -17.09
CA ILE A 300 -0.23 -35.09 -17.87
C ILE A 300 -1.09 -36.14 -17.16
N ILE A 301 -1.00 -36.19 -15.83
CA ILE A 301 -1.73 -37.21 -15.07
C ILE A 301 -3.25 -36.98 -15.14
N ALA A 302 -3.66 -35.71 -15.21
CA ALA A 302 -5.08 -35.41 -15.14
C ALA A 302 -5.63 -34.86 -16.44
N ILE A 303 -5.28 -35.48 -17.56
CA ILE A 303 -5.67 -34.97 -18.87
C ILE A 303 -6.87 -35.69 -19.49
N LYS A 304 -7.17 -36.93 -19.06
CA LYS A 304 -8.36 -37.74 -19.34
C LYS A 304 -8.44 -38.24 -20.78
N ASP A 305 -7.57 -37.73 -21.67
CA ASP A 305 -7.43 -38.15 -23.05
C ASP A 305 -6.16 -37.51 -23.61
N LEU A 306 -5.30 -38.29 -24.24
CA LEU A 306 -3.99 -37.79 -24.63
C LEU A 306 -3.92 -37.23 -26.03
N GLU A 307 -4.65 -37.81 -26.99
CA GLU A 307 -4.60 -37.35 -28.36
C GLU A 307 -5.51 -36.15 -28.62
N VAL A 308 -6.18 -35.62 -27.60
CA VAL A 308 -6.96 -34.41 -27.77
C VAL A 308 -6.17 -33.18 -27.34
N VAL A 309 -5.09 -33.37 -26.57
CA VAL A 309 -4.25 -32.23 -26.21
C VAL A 309 -3.06 -32.14 -27.16
N ALA A 310 -2.66 -33.25 -27.76
CA ALA A 310 -1.60 -33.22 -28.76
C ALA A 310 -2.07 -32.67 -30.09
N ARG A 311 -3.38 -32.53 -30.29
CA ARG A 311 -3.88 -31.89 -31.48
C ARG A 311 -3.94 -30.38 -31.31
N GLN A 312 -4.39 -29.91 -30.15
CA GLN A 312 -4.39 -28.46 -29.95
C GLN A 312 -2.99 -27.92 -29.69
N LEU A 313 -2.08 -28.73 -29.14
CA LEU A 313 -0.69 -28.28 -29.10
C LEU A 313 -0.01 -28.29 -30.46
N GLY A 314 -0.60 -28.95 -31.46
CA GLY A 314 -0.09 -28.85 -32.81
C GLY A 314 -0.68 -27.65 -33.53
N MET A 315 -1.98 -27.44 -33.35
CA MET A 315 -2.63 -26.29 -34.00
C MET A 315 -2.18 -24.97 -33.39
N TYR A 316 -1.73 -24.99 -32.14
CA TYR A 316 -1.18 -23.78 -31.53
C TYR A 316 0.16 -23.40 -32.15
N MET A 317 1.02 -24.39 -32.39
CA MET A 317 2.25 -24.11 -33.12
C MET A 317 1.97 -23.69 -34.56
N VAL A 318 0.93 -24.25 -35.17
CA VAL A 318 0.59 -23.87 -36.54
C VAL A 318 0.09 -22.43 -36.61
N THR A 319 -0.72 -21.99 -35.64
CA THR A 319 -1.18 -20.61 -35.71
C THR A 319 -0.09 -19.62 -35.31
N VAL A 320 0.86 -20.01 -34.46
CA VAL A 320 1.98 -19.13 -34.17
C VAL A 320 2.89 -18.99 -35.38
N ILE A 321 3.15 -20.09 -36.09
CA ILE A 321 3.97 -20.02 -37.30
C ILE A 321 3.29 -19.24 -38.42
N ILE A 322 1.99 -19.42 -38.62
CA ILE A 322 1.24 -18.62 -39.59
C ILE A 322 1.26 -17.14 -39.22
N GLY A 323 1.14 -16.82 -37.93
CA GLY A 323 1.24 -15.45 -37.47
C GLY A 323 2.59 -14.81 -37.74
N LEU A 324 3.67 -15.54 -37.45
CA LEU A 324 5.00 -15.02 -37.69
C LEU A 324 5.26 -14.82 -39.18
N ILE A 325 4.87 -15.79 -40.01
CA ILE A 325 5.10 -15.75 -41.45
C ILE A 325 4.32 -14.59 -42.06
N ILE A 326 3.04 -14.46 -41.72
CA ILE A 326 2.19 -13.42 -42.27
C ILE A 326 2.69 -12.05 -41.83
N HIS A 327 2.94 -11.87 -40.53
CA HIS A 327 3.40 -10.60 -39.96
C HIS A 327 4.70 -10.15 -40.59
N GLY A 328 5.77 -10.92 -40.44
CA GLY A 328 7.04 -10.60 -41.07
C GLY A 328 6.95 -10.47 -42.58
N GLY A 329 6.76 -11.59 -43.28
CA GLY A 329 6.81 -11.66 -44.73
C GLY A 329 5.84 -10.80 -45.51
N ILE A 330 4.69 -10.43 -44.95
CA ILE A 330 3.79 -9.55 -45.67
C ILE A 330 3.84 -8.15 -45.09
N PHE A 331 3.62 -8.02 -43.77
CA PHE A 331 3.36 -6.71 -43.21
C PHE A 331 4.61 -5.86 -43.10
N LEU A 332 5.81 -6.48 -43.03
CA LEU A 332 7.01 -5.64 -42.93
C LEU A 332 7.49 -5.13 -44.29
N PRO A 333 7.52 -5.93 -45.37
CA PRO A 333 7.79 -5.32 -46.67
C PRO A 333 6.69 -4.39 -47.17
N LEU A 334 5.44 -4.59 -46.74
CA LEU A 334 4.39 -3.68 -47.14
C LEU A 334 4.54 -2.33 -46.43
N ILE A 335 4.93 -2.34 -45.17
CA ILE A 335 5.09 -1.10 -44.42
C ILE A 335 6.42 -0.46 -44.81
N TYR A 336 7.30 -1.24 -45.45
CA TYR A 336 8.50 -0.63 -46.01
C TYR A 336 8.21 -0.04 -47.39
N PHE A 337 7.24 -0.59 -48.11
CA PHE A 337 6.99 -0.10 -49.46
C PHE A 337 6.21 1.21 -49.46
N VAL A 338 5.22 1.35 -48.57
CA VAL A 338 4.38 2.55 -48.58
C VAL A 338 5.05 3.75 -47.93
N VAL A 339 6.24 3.59 -47.36
CA VAL A 339 6.92 4.70 -46.71
C VAL A 339 8.14 5.09 -47.53
N THR A 340 9.04 4.14 -47.78
CA THR A 340 10.28 4.47 -48.43
C THR A 340 10.20 4.40 -49.94
N ARG A 341 9.28 3.57 -50.46
CA ARG A 341 9.08 3.33 -51.90
C ARG A 341 10.36 2.83 -52.58
N LYS A 342 11.16 2.07 -51.86
CA LYS A 342 12.28 1.34 -52.41
C LYS A 342 11.89 -0.14 -52.52
N ASN A 343 12.64 -0.87 -53.32
CA ASN A 343 12.29 -2.26 -53.58
C ASN A 343 12.69 -3.12 -52.40
N PRO A 344 11.76 -3.72 -51.67
CA PRO A 344 12.09 -4.36 -50.39
C PRO A 344 12.72 -5.73 -50.51
N PHE A 345 12.86 -6.28 -51.72
CA PHE A 345 13.50 -7.59 -51.84
C PHE A 345 15.02 -7.50 -51.81
N SER A 346 15.60 -6.39 -52.30
CA SER A 346 17.01 -6.14 -52.08
C SER A 346 17.31 -5.90 -50.60
N PHE A 347 16.30 -5.46 -49.84
CA PHE A 347 16.49 -5.31 -48.39
C PHE A 347 16.65 -6.67 -47.71
N PHE A 348 15.84 -7.66 -48.10
CA PHE A 348 16.08 -9.02 -47.58
C PHE A 348 17.35 -9.63 -48.14
N ALA A 349 17.76 -9.22 -49.34
CA ALA A 349 19.05 -9.65 -49.84
C ALA A 349 20.19 -9.05 -49.02
N GLY A 350 19.96 -7.91 -48.38
CA GLY A 350 20.97 -7.32 -47.54
C GLY A 350 21.10 -7.90 -46.16
N ILE A 351 19.99 -8.17 -45.48
CA ILE A 351 20.01 -8.53 -44.07
C ILE A 351 19.93 -10.05 -43.87
N PHE A 352 20.31 -10.83 -44.89
CA PHE A 352 20.12 -12.28 -44.85
C PHE A 352 20.98 -12.95 -43.79
N GLN A 353 22.22 -12.49 -43.63
CA GLN A 353 23.11 -13.09 -42.65
C GLN A 353 22.66 -12.80 -41.23
N ALA A 354 22.07 -11.63 -41.00
CA ALA A 354 21.50 -11.33 -39.69
C ALA A 354 20.32 -12.23 -39.38
N TRP A 355 19.51 -12.56 -40.39
CA TRP A 355 18.39 -13.46 -40.18
C TRP A 355 18.84 -14.88 -39.90
N ILE A 356 19.87 -15.35 -40.63
CA ILE A 356 20.40 -16.69 -40.39
C ILE A 356 21.05 -16.79 -39.01
N THR A 357 21.78 -15.75 -38.61
CA THR A 357 22.41 -15.75 -37.29
C THR A 357 21.37 -15.63 -36.18
N ALA A 358 20.26 -14.92 -36.43
CA ALA A 358 19.20 -14.87 -35.42
C ALA A 358 18.48 -16.21 -35.30
N LEU A 359 18.37 -16.95 -36.40
CA LEU A 359 17.87 -18.33 -36.31
C LEU A 359 18.86 -19.21 -35.56
N GLY A 360 20.16 -18.93 -35.70
CA GLY A 360 21.18 -19.71 -35.04
C GLY A 360 21.29 -19.51 -33.54
N THR A 361 21.65 -18.30 -33.11
CA THR A 361 21.95 -18.09 -31.70
C THR A 361 20.72 -17.91 -30.84
N ALA A 362 19.53 -17.75 -31.46
CA ALA A 362 18.23 -17.66 -30.79
C ALA A 362 18.17 -16.54 -29.77
N SER A 363 18.85 -15.43 -30.03
CA SER A 363 18.87 -14.30 -29.11
C SER A 363 19.13 -13.02 -29.91
N SER A 364 18.26 -12.03 -29.72
CA SER A 364 18.41 -10.77 -30.43
C SER A 364 19.55 -9.93 -29.89
N ALA A 365 19.91 -10.09 -28.62
CA ALA A 365 20.95 -9.28 -28.01
C ALA A 365 22.34 -9.65 -28.50
N GLY A 366 22.60 -10.94 -28.73
CA GLY A 366 23.89 -11.37 -29.22
C GLY A 366 24.08 -11.26 -30.71
N THR A 367 23.06 -10.81 -31.44
CA THR A 367 23.09 -10.76 -32.90
C THR A 367 23.40 -9.36 -33.40
N LEU A 368 23.76 -8.44 -32.50
CA LEU A 368 24.06 -7.07 -32.91
C LEU A 368 25.30 -6.92 -33.81
N PRO A 369 26.48 -7.54 -33.55
CA PRO A 369 27.60 -7.33 -34.48
C PRO A 369 27.42 -7.97 -35.83
N VAL A 370 26.43 -8.84 -36.01
CA VAL A 370 26.14 -9.35 -37.34
C VAL A 370 25.24 -8.39 -38.10
N THR A 371 24.19 -7.88 -37.45
CA THR A 371 23.27 -6.99 -38.14
C THR A 371 23.86 -5.60 -38.38
N PHE A 372 24.84 -5.17 -37.56
CA PHE A 372 25.56 -3.94 -37.86
C PHE A 372 26.37 -4.08 -39.14
N ARG A 373 27.17 -5.15 -39.23
CA ARG A 373 27.96 -5.44 -40.42
C ARG A 373 27.09 -5.74 -41.63
N CYS A 374 25.85 -6.16 -41.42
CA CYS A 374 24.93 -6.30 -42.55
C CYS A 374 24.44 -4.94 -43.01
N LEU A 375 23.81 -4.18 -42.11
CA LEU A 375 23.12 -2.95 -42.47
C LEU A 375 24.07 -1.88 -42.97
N GLU A 376 25.01 -1.44 -42.11
CA GLU A 376 25.81 -0.27 -42.47
C GLU A 376 26.96 -0.59 -43.41
N GLU A 377 26.99 -1.78 -44.00
CA GLU A 377 28.00 -2.12 -44.99
C GLU A 377 27.35 -2.65 -46.26
N ASN A 378 26.07 -3.02 -46.21
CA ASN A 378 25.40 -3.56 -47.39
C ASN A 378 24.24 -2.71 -47.89
N LEU A 379 23.60 -1.92 -47.03
CA LEU A 379 22.40 -1.21 -47.46
C LEU A 379 22.53 0.31 -47.45
N GLY A 380 23.72 0.83 -47.17
CA GLY A 380 23.91 2.27 -47.23
C GLY A 380 23.26 3.05 -46.12
N ILE A 381 22.91 2.41 -45.02
CA ILE A 381 22.33 3.13 -43.89
C ILE A 381 23.45 3.88 -43.16
N ASP A 382 23.15 5.10 -42.73
CA ASP A 382 24.14 5.93 -42.08
C ASP A 382 24.42 5.42 -40.67
N LYS A 383 25.65 5.62 -40.22
CA LYS A 383 26.05 5.16 -38.88
C LYS A 383 25.43 6.00 -37.77
N ARG A 384 24.90 7.18 -38.07
CA ARG A 384 24.18 7.94 -37.06
C ARG A 384 22.78 7.39 -36.82
N VAL A 385 22.28 6.54 -37.71
CA VAL A 385 20.95 5.97 -37.56
C VAL A 385 20.99 4.64 -36.84
N THR A 386 21.89 3.74 -37.28
CA THR A 386 21.92 2.38 -36.75
C THR A 386 22.38 2.38 -35.30
N ARG A 387 23.38 3.19 -34.96
CA ARG A 387 23.95 3.24 -33.62
C ARG A 387 22.98 3.73 -32.55
N PHE A 388 21.84 4.30 -32.95
CA PHE A 388 20.74 4.53 -32.02
C PHE A 388 19.60 3.55 -32.21
N VAL A 389 19.23 3.24 -33.45
CA VAL A 389 17.99 2.50 -33.71
C VAL A 389 18.14 1.03 -33.30
N LEU A 390 19.24 0.40 -33.67
CA LEU A 390 19.42 -1.01 -33.33
C LEU A 390 19.61 -1.32 -31.85
N PRO A 391 20.46 -0.61 -31.06
CA PRO A 391 20.61 -1.03 -29.66
C PRO A 391 19.42 -0.69 -28.77
N VAL A 392 18.43 0.07 -29.25
CA VAL A 392 17.19 0.20 -28.50
C VAL A 392 16.12 -0.71 -29.07
N GLY A 393 16.24 -1.07 -30.35
CA GLY A 393 15.33 -2.03 -30.94
C GLY A 393 15.58 -3.44 -30.50
N ALA A 394 16.80 -3.75 -30.06
CA ALA A 394 17.09 -5.04 -29.48
C ALA A 394 16.63 -5.14 -28.03
N THR A 395 16.02 -4.11 -27.49
CA THR A 395 15.49 -4.11 -26.14
C THR A 395 13.99 -3.91 -26.09
N ILE A 396 13.45 -2.94 -26.81
CA ILE A 396 12.02 -2.63 -26.70
C ILE A 396 11.22 -3.04 -27.92
N ASN A 397 11.85 -3.41 -29.03
CA ASN A 397 11.12 -3.79 -30.24
C ASN A 397 11.13 -5.30 -30.34
N MET A 398 10.16 -5.92 -29.69
CA MET A 398 9.94 -7.36 -29.74
C MET A 398 8.53 -7.56 -30.29
N ASP A 399 8.42 -7.63 -31.62
CA ASP A 399 7.10 -7.82 -32.23
C ASP A 399 6.80 -9.26 -32.55
N GLY A 400 7.74 -10.17 -32.34
CA GLY A 400 7.42 -11.57 -32.44
C GLY A 400 6.87 -12.06 -31.11
N THR A 401 7.43 -11.54 -30.02
CA THR A 401 6.97 -11.89 -28.69
C THR A 401 5.58 -11.33 -28.43
N ALA A 402 5.23 -10.21 -29.06
CA ALA A 402 3.88 -9.67 -28.92
C ALA A 402 2.85 -10.57 -29.57
N LEU A 403 3.14 -11.07 -30.77
CA LEU A 403 2.22 -11.98 -31.44
C LEU A 403 2.14 -13.31 -30.71
N TYR A 404 3.27 -13.80 -30.19
CA TYR A 404 3.27 -15.05 -29.46
C TYR A 404 2.47 -14.95 -28.16
N GLU A 405 2.65 -13.86 -27.42
CA GLU A 405 1.94 -13.72 -26.15
C GLU A 405 0.50 -13.28 -26.33
N ALA A 406 0.13 -12.76 -27.49
CA ALA A 406 -1.28 -12.50 -27.74
C ALA A 406 -1.99 -13.73 -28.26
N VAL A 407 -1.28 -14.67 -28.88
CA VAL A 407 -1.88 -15.93 -29.26
C VAL A 407 -2.01 -16.84 -28.04
N ALA A 408 -0.94 -16.94 -27.25
CA ALA A 408 -0.84 -17.93 -26.19
C ALA A 408 -1.65 -17.60 -24.96
N ALA A 409 -2.30 -16.44 -24.90
CA ALA A 409 -3.21 -16.16 -23.80
C ALA A 409 -4.63 -16.56 -24.15
N ILE A 410 -5.06 -16.23 -25.38
CA ILE A 410 -6.36 -16.66 -25.85
C ILE A 410 -6.39 -18.16 -26.12
N PHE A 411 -5.23 -18.79 -26.33
CA PHE A 411 -5.21 -20.25 -26.41
C PHE A 411 -5.51 -20.89 -25.06
N ILE A 412 -4.96 -20.34 -23.98
CA ILE A 412 -5.28 -20.84 -22.65
C ILE A 412 -6.73 -20.51 -22.28
N ALA A 413 -7.22 -19.37 -22.77
CA ALA A 413 -8.64 -19.06 -22.59
C ALA A 413 -9.54 -20.03 -23.34
N GLN A 414 -9.11 -20.52 -24.49
CA GLN A 414 -9.94 -21.46 -25.24
C GLN A 414 -9.79 -22.89 -24.74
N MET A 415 -8.69 -23.23 -24.08
CA MET A 415 -8.56 -24.58 -23.56
C MET A 415 -9.45 -24.80 -22.34
N ASN A 416 -9.65 -23.78 -21.52
CA ASN A 416 -10.49 -23.89 -20.35
C ASN A 416 -11.94 -23.55 -20.63
N GLY A 417 -12.34 -23.44 -21.89
CA GLY A 417 -13.72 -23.19 -22.24
C GLY A 417 -14.21 -21.78 -22.04
N VAL A 418 -13.35 -20.87 -21.61
CA VAL A 418 -13.75 -19.48 -21.39
C VAL A 418 -13.91 -18.79 -22.73
N VAL A 419 -14.96 -18.00 -22.88
CA VAL A 419 -15.14 -17.15 -24.04
C VAL A 419 -14.85 -15.71 -23.61
N LEU A 420 -13.88 -15.09 -24.24
CA LEU A 420 -13.53 -13.72 -23.90
C LEU A 420 -14.49 -12.77 -24.60
N ASP A 421 -14.97 -11.77 -23.86
CA ASP A 421 -15.90 -10.78 -24.41
C ASP A 421 -15.10 -9.69 -25.12
N GLY A 422 -15.79 -8.59 -25.43
CA GLY A 422 -15.11 -7.48 -26.09
C GLY A 422 -14.21 -6.66 -25.19
N GLY A 423 -14.28 -6.88 -23.89
CA GLY A 423 -13.48 -6.10 -22.96
C GLY A 423 -12.21 -6.81 -22.54
N GLN A 424 -12.16 -8.12 -22.77
CA GLN A 424 -10.95 -8.87 -22.48
C GLN A 424 -10.06 -9.04 -23.70
N ILE A 425 -10.63 -8.94 -24.91
CA ILE A 425 -9.83 -8.94 -26.13
C ILE A 425 -8.93 -7.71 -26.19
N VAL A 426 -9.46 -6.55 -25.83
CA VAL A 426 -8.66 -5.33 -25.81
C VAL A 426 -7.64 -5.38 -24.68
N THR A 427 -7.98 -6.05 -23.57
CA THR A 427 -7.03 -6.18 -22.48
C THR A 427 -5.87 -7.09 -22.86
N VAL A 428 -6.14 -8.17 -23.60
CA VAL A 428 -5.08 -9.03 -24.11
C VAL A 428 -4.22 -8.28 -25.12
N SER A 429 -4.86 -7.52 -26.01
CA SER A 429 -4.13 -6.79 -27.03
C SER A 429 -3.29 -5.65 -26.48
N LEU A 430 -3.65 -5.09 -25.32
CA LEU A 430 -2.81 -4.05 -24.72
C LEU A 430 -1.75 -4.64 -23.79
N THR A 431 -2.09 -5.68 -23.05
CA THR A 431 -1.11 -6.27 -22.14
C THR A 431 -0.06 -7.07 -22.88
N ALA A 432 -0.37 -7.62 -24.06
CA ALA A 432 0.66 -8.28 -24.86
C ALA A 432 1.66 -7.28 -25.40
N THR A 433 1.18 -6.08 -25.78
CA THR A 433 2.07 -5.01 -26.18
C THR A 433 2.96 -4.55 -25.03
N LEU A 434 2.38 -4.37 -23.84
CA LEU A 434 3.17 -3.91 -22.71
C LEU A 434 4.11 -4.99 -22.19
N ALA A 435 3.78 -6.26 -22.40
CA ALA A 435 4.62 -7.34 -21.92
C ALA A 435 5.69 -7.77 -22.90
N SER A 436 5.51 -7.51 -24.19
CA SER A 436 6.57 -7.77 -25.15
C SER A 436 7.76 -6.85 -24.95
N VAL A 437 7.52 -5.63 -24.49
CA VAL A 437 8.60 -4.70 -24.21
C VAL A 437 9.31 -5.11 -22.93
N GLY A 438 8.60 -5.76 -22.02
CA GLY A 438 9.16 -6.12 -20.74
C GLY A 438 9.84 -7.48 -20.71
N ALA A 439 9.52 -8.34 -21.66
CA ALA A 439 10.15 -9.64 -21.73
C ALA A 439 11.62 -9.58 -22.11
N ALA A 440 12.04 -8.55 -22.83
CA ALA A 440 13.43 -8.40 -23.21
C ALA A 440 14.19 -7.40 -22.35
N SER A 441 13.49 -6.43 -21.76
CA SER A 441 14.16 -5.44 -20.92
C SER A 441 14.52 -5.98 -19.55
N ILE A 442 13.79 -6.98 -19.06
CA ILE A 442 14.03 -7.58 -17.76
C ILE A 442 14.69 -8.94 -18.00
N PRO A 443 15.88 -9.19 -17.49
CA PRO A 443 16.54 -10.47 -17.75
C PRO A 443 15.90 -11.60 -16.97
N SER A 444 15.83 -12.77 -17.63
CA SER A 444 15.27 -14.01 -17.09
C SER A 444 13.81 -13.85 -16.65
N ALA A 445 13.08 -12.95 -17.30
CA ALA A 445 11.68 -12.72 -17.00
C ALA A 445 10.90 -13.00 -18.28
N GLY A 446 10.63 -14.28 -18.50
CA GLY A 446 9.85 -14.68 -19.67
C GLY A 446 8.61 -15.41 -19.21
N LEU A 447 8.61 -15.77 -17.93
CA LEU A 447 7.45 -16.40 -17.33
C LEU A 447 6.59 -15.44 -16.53
N VAL A 448 7.15 -14.32 -16.10
CA VAL A 448 6.34 -13.34 -15.40
C VAL A 448 5.49 -12.52 -16.38
N THR A 449 5.90 -12.45 -17.64
CA THR A 449 5.14 -11.71 -18.64
C THR A 449 3.88 -12.44 -19.05
N MET A 450 3.93 -13.78 -19.08
CA MET A 450 2.73 -14.56 -19.38
C MET A 450 1.75 -14.52 -18.21
N LEU A 451 2.27 -14.55 -17.00
CA LEU A 451 1.41 -14.45 -15.82
C LEU A 451 0.79 -13.07 -15.71
N LEU A 452 1.45 -12.04 -16.23
CA LEU A 452 0.85 -10.71 -16.27
C LEU A 452 -0.43 -10.69 -17.10
N ILE A 453 -0.41 -11.32 -18.29
CA ILE A 453 -1.60 -11.34 -19.12
C ILE A 453 -2.67 -12.26 -18.53
N LEU A 454 -2.24 -13.43 -18.03
CA LEU A 454 -3.19 -14.41 -17.52
C LEU A 454 -3.86 -13.95 -16.24
N THR A 455 -3.25 -13.01 -15.51
CA THR A 455 -3.98 -12.40 -14.42
C THR A 455 -4.57 -11.04 -14.77
N ALA A 456 -4.21 -10.49 -15.94
CA ALA A 456 -4.89 -9.28 -16.39
C ALA A 456 -6.30 -9.59 -16.87
N VAL A 457 -6.49 -10.75 -17.50
CA VAL A 457 -7.83 -11.13 -17.93
C VAL A 457 -8.46 -12.19 -17.05
N GLY A 458 -7.81 -12.57 -15.95
CA GLY A 458 -8.40 -13.49 -14.99
C GLY A 458 -8.56 -14.91 -15.50
N LEU A 459 -7.45 -15.61 -15.72
CA LEU A 459 -7.47 -16.95 -16.27
C LEU A 459 -6.70 -17.90 -15.36
N PRO A 460 -7.01 -19.19 -15.39
CA PRO A 460 -6.22 -20.16 -14.63
C PRO A 460 -4.83 -20.30 -15.22
N THR A 461 -3.81 -20.09 -14.38
CA THR A 461 -2.42 -20.02 -14.81
C THR A 461 -1.74 -21.38 -14.79
N GLU A 462 -2.45 -22.44 -14.39
CA GLU A 462 -1.85 -23.76 -14.29
C GLU A 462 -1.73 -24.46 -15.63
N ASP A 463 -2.35 -23.91 -16.68
CA ASP A 463 -2.24 -24.47 -18.02
C ASP A 463 -1.02 -23.94 -18.75
N ILE A 464 -0.16 -23.19 -18.06
CA ILE A 464 1.01 -22.59 -18.69
C ILE A 464 2.11 -23.62 -18.92
N SER A 465 1.99 -24.81 -18.34
CA SER A 465 3.04 -25.82 -18.48
C SER A 465 2.99 -26.48 -19.84
N LEU A 466 1.85 -26.39 -20.54
CA LEU A 466 1.77 -26.90 -21.89
C LEU A 466 2.36 -25.93 -22.90
N LEU A 467 2.70 -24.72 -22.47
CA LEU A 467 3.32 -23.75 -23.36
C LEU A 467 4.83 -23.80 -23.27
N VAL A 468 5.36 -24.14 -22.09
CA VAL A 468 6.80 -24.24 -21.90
C VAL A 468 7.35 -25.48 -22.60
N ALA A 469 6.53 -26.50 -22.82
CA ALA A 469 6.99 -27.71 -23.48
C ALA A 469 7.20 -27.53 -24.98
N VAL A 470 6.74 -26.42 -25.56
CA VAL A 470 6.98 -26.13 -26.98
C VAL A 470 7.63 -24.77 -27.19
N ASP A 471 8.11 -24.12 -26.14
CA ASP A 471 8.69 -22.79 -26.29
C ASP A 471 10.06 -22.83 -26.96
N TRP A 472 10.80 -23.92 -26.77
CA TRP A 472 12.12 -24.01 -27.38
C TRP A 472 12.06 -24.47 -28.82
N LEU A 473 10.87 -24.72 -29.35
CA LEU A 473 10.70 -24.86 -30.79
C LEU A 473 10.21 -23.58 -31.44
N LEU A 474 9.94 -22.54 -30.65
CA LEU A 474 9.34 -21.31 -31.15
C LEU A 474 10.14 -20.05 -30.90
N ASP A 475 11.02 -20.03 -29.88
CA ASP A 475 11.79 -18.81 -29.65
C ASP A 475 12.85 -18.58 -30.73
N ARG A 476 13.34 -19.66 -31.34
CA ARG A 476 14.28 -19.55 -32.45
C ARG A 476 13.68 -18.93 -33.69
N MET A 477 12.35 -18.91 -33.81
CA MET A 477 11.70 -18.19 -34.89
C MET A 477 11.06 -16.89 -34.41
N ARG A 478 10.85 -16.71 -33.11
CA ARG A 478 10.48 -15.40 -32.59
C ARG A 478 11.61 -14.40 -32.78
N THR A 479 12.85 -14.85 -32.54
CA THR A 479 14.01 -13.97 -32.63
C THR A 479 14.23 -13.48 -34.07
N SER A 480 13.83 -14.31 -35.05
CA SER A 480 13.96 -13.94 -36.45
C SER A 480 13.05 -12.77 -36.80
N VAL A 481 11.80 -12.80 -36.33
CA VAL A 481 10.87 -11.71 -36.61
C VAL A 481 11.29 -10.46 -35.86
N ASN A 482 11.85 -10.62 -34.65
CA ASN A 482 12.37 -9.47 -33.92
C ASN A 482 13.52 -8.78 -34.66
N VAL A 483 14.45 -9.56 -35.20
CA VAL A 483 15.60 -9.00 -35.91
C VAL A 483 15.17 -8.37 -37.22
N VAL A 484 14.22 -8.99 -37.94
CA VAL A 484 13.73 -8.41 -39.19
C VAL A 484 12.98 -7.11 -38.93
N GLY A 485 12.20 -7.04 -37.84
CA GLY A 485 11.56 -5.80 -37.45
C GLY A 485 12.53 -4.71 -37.03
N ASP A 486 13.68 -5.07 -36.48
CA ASP A 486 14.71 -4.09 -36.20
C ASP A 486 15.34 -3.55 -37.49
N SER A 487 15.65 -4.44 -38.42
CA SER A 487 16.32 -4.04 -39.65
C SER A 487 15.44 -3.16 -40.52
N PHE A 488 14.14 -3.46 -40.56
CA PHE A 488 13.25 -2.60 -41.35
C PHE A 488 13.06 -1.24 -40.68
N GLY A 489 13.13 -1.19 -39.35
CA GLY A 489 13.07 0.10 -38.68
C GLY A 489 14.29 0.95 -38.94
N ALA A 490 15.47 0.33 -38.95
CA ALA A 490 16.67 1.06 -39.33
C ALA A 490 16.69 1.41 -40.81
N GLY A 491 15.92 0.72 -41.63
CA GLY A 491 15.79 1.13 -43.02
C GLY A 491 14.80 2.26 -43.24
N ILE A 492 13.81 2.36 -42.36
CA ILE A 492 12.76 3.36 -42.49
C ILE A 492 13.16 4.70 -41.85
N VAL A 493 13.75 4.64 -40.66
CA VAL A 493 14.15 5.87 -39.95
C VAL A 493 15.24 6.62 -40.71
N TYR A 494 16.09 5.92 -41.44
CA TYR A 494 17.04 6.59 -42.32
C TYR A 494 16.38 7.30 -43.49
N HIS A 495 15.33 6.73 -44.06
CA HIS A 495 14.63 7.41 -45.14
C HIS A 495 13.76 8.56 -44.69
N LEU A 496 13.20 8.52 -43.49
CA LEU A 496 12.48 9.66 -42.96
C LEU A 496 13.41 10.72 -42.37
N SER A 497 14.72 10.52 -42.43
CA SER A 497 15.67 11.49 -41.89
C SER A 497 16.86 11.70 -42.83
N LYS A 498 16.63 11.74 -44.13
CA LYS A 498 17.74 11.98 -45.06
C LYS A 498 18.13 13.45 -45.09
N SER A 499 17.13 14.33 -45.09
CA SER A 499 17.37 15.76 -45.28
C SER A 499 18.05 16.39 -44.07
N GLU A 500 17.63 16.03 -42.85
CA GLU A 500 18.22 16.60 -41.65
C GLU A 500 19.67 16.16 -41.50
N LEU A 501 19.96 14.89 -41.81
CA LEU A 501 21.34 14.43 -41.80
C LEU A 501 22.16 15.05 -42.91
N ASP A 502 21.52 15.42 -44.02
CA ASP A 502 22.24 16.10 -45.08
C ASP A 502 22.61 17.52 -44.69
N THR A 503 21.69 18.23 -44.01
CA THR A 503 22.03 19.58 -43.56
C THR A 503 23.01 19.58 -42.39
N ILE A 504 22.98 18.56 -41.53
CA ILE A 504 24.02 18.45 -40.51
C ILE A 504 25.35 18.05 -41.13
N ASP A 505 25.34 17.34 -42.27
CA ASP A 505 26.57 17.04 -42.97
C ASP A 505 27.10 18.30 -43.66
N SER A 506 26.22 19.08 -44.26
CA SER A 506 26.63 20.32 -44.91
C SER A 506 26.22 21.54 -44.08
N LYS B 40 -10.68 39.31 -22.93
CA LYS B 40 -10.95 38.72 -21.62
C LYS B 40 -11.14 37.22 -21.72
N LEU B 41 -11.43 36.72 -22.91
CA LEU B 41 -11.64 35.30 -23.15
C LEU B 41 -10.35 34.50 -23.07
N GLY B 42 -9.21 35.13 -23.35
CA GLY B 42 -7.94 34.43 -23.30
C GLY B 42 -7.32 34.46 -21.92
N LYS B 43 -7.72 35.43 -21.11
CA LYS B 43 -7.31 35.50 -19.72
C LYS B 43 -8.22 34.63 -18.89
N ASN B 44 -7.60 33.81 -18.02
CA ASN B 44 -8.28 32.86 -17.13
C ASN B 44 -9.18 31.90 -17.91
N LEU B 45 -8.52 31.05 -18.72
CA LEU B 45 -9.24 30.10 -19.56
C LEU B 45 -9.58 28.81 -18.80
N LEU B 46 -10.12 28.94 -17.62
CA LEU B 46 -10.72 27.78 -16.98
C LEU B 46 -12.10 28.06 -16.45
N LEU B 47 -12.34 29.25 -15.90
CA LEU B 47 -13.67 29.58 -15.44
C LEU B 47 -14.60 29.85 -16.60
N THR B 48 -14.08 30.44 -17.69
CA THR B 48 -14.91 30.70 -18.85
C THR B 48 -15.27 29.41 -19.59
N LEU B 49 -14.35 28.45 -19.66
CA LEU B 49 -14.70 27.17 -20.26
C LEU B 49 -15.63 26.37 -19.37
N THR B 50 -15.51 26.54 -18.05
CA THR B 50 -16.44 25.86 -17.14
C THR B 50 -17.85 26.41 -17.27
N VAL B 51 -18.02 27.74 -17.33
CA VAL B 51 -19.38 28.24 -17.46
C VAL B 51 -19.92 28.04 -18.87
N PHE B 52 -19.04 28.00 -19.88
CA PHE B 52 -19.50 27.64 -21.22
C PHE B 52 -19.95 26.19 -21.29
N GLY B 53 -19.24 25.28 -20.61
CA GLY B 53 -19.67 23.90 -20.56
C GLY B 53 -20.95 23.72 -19.78
N VAL B 54 -21.12 24.47 -18.69
CA VAL B 54 -22.37 24.41 -17.91
C VAL B 54 -23.55 24.90 -18.74
N ILE B 55 -23.39 26.02 -19.45
CA ILE B 55 -24.49 26.54 -20.26
C ILE B 55 -24.79 25.62 -21.43
N LEU B 56 -23.76 25.06 -22.07
CA LEU B 56 -23.97 24.14 -23.19
C LEU B 56 -24.63 22.85 -22.74
N GLY B 57 -24.22 22.31 -21.60
CA GLY B 57 -24.83 21.10 -21.10
C GLY B 57 -26.26 21.33 -20.65
N ALA B 58 -26.54 22.50 -20.07
CA ALA B 58 -27.91 22.80 -19.69
C ALA B 58 -28.81 23.00 -20.90
N VAL B 59 -28.26 23.58 -21.98
CA VAL B 59 -29.05 23.75 -23.21
C VAL B 59 -29.34 22.41 -23.86
N CYS B 60 -28.33 21.53 -23.92
CA CYS B 60 -28.57 20.21 -24.52
C CYS B 60 -29.48 19.34 -23.66
N GLY B 61 -29.39 19.45 -22.33
CA GLY B 61 -30.31 18.73 -21.49
C GLY B 61 -31.73 19.25 -21.55
N GLY B 62 -31.89 20.57 -21.61
CA GLY B 62 -33.21 21.14 -21.66
C GLY B 62 -33.88 20.92 -23.01
N LEU B 63 -33.09 20.83 -24.07
CA LEU B 63 -33.65 20.50 -25.37
C LEU B 63 -33.87 19.00 -25.53
N LEU B 64 -33.13 18.18 -24.80
CA LEU B 64 -33.19 16.74 -25.03
C LEU B 64 -34.24 16.05 -24.17
N ARG B 65 -34.61 16.61 -23.03
CA ARG B 65 -35.73 16.06 -22.27
C ARG B 65 -37.08 16.48 -22.85
N LEU B 66 -37.08 17.46 -23.75
CA LEU B 66 -38.29 17.84 -24.45
C LEU B 66 -38.69 16.80 -25.49
N ALA B 67 -37.74 16.03 -25.99
CA ALA B 67 -37.96 15.16 -27.13
C ALA B 67 -38.86 13.97 -26.79
N SER B 68 -38.41 13.13 -25.87
CA SER B 68 -39.07 11.85 -25.63
C SER B 68 -38.67 11.35 -24.25
N PRO B 69 -39.37 10.34 -23.72
CA PRO B 69 -38.80 9.58 -22.61
C PRO B 69 -37.58 8.79 -23.06
N ILE B 70 -36.41 9.19 -22.58
CA ILE B 70 -35.15 8.68 -23.10
C ILE B 70 -34.86 7.32 -22.47
N HIS B 71 -34.30 6.42 -23.27
CA HIS B 71 -33.86 5.11 -22.82
C HIS B 71 -32.76 5.26 -21.76
N PRO B 72 -32.72 4.38 -20.74
CA PRO B 72 -31.72 4.55 -19.69
C PRO B 72 -30.29 4.26 -20.14
N ASP B 73 -30.11 3.44 -21.17
CA ASP B 73 -28.77 3.10 -21.61
C ASP B 73 -28.10 4.26 -22.34
N VAL B 74 -28.86 4.98 -23.17
CA VAL B 74 -28.28 6.15 -23.81
C VAL B 74 -28.14 7.31 -22.81
N VAL B 75 -28.94 7.31 -21.74
CA VAL B 75 -28.71 8.23 -20.62
C VAL B 75 -27.37 7.92 -19.96
N MET B 76 -27.06 6.64 -19.77
CA MET B 76 -25.77 6.25 -19.20
C MET B 76 -24.62 6.62 -20.15
N LEU B 77 -24.82 6.44 -21.45
CA LEU B 77 -23.80 6.83 -22.42
C LEU B 77 -23.59 8.33 -22.48
N ILE B 78 -24.62 9.11 -22.15
CA ILE B 78 -24.46 10.56 -22.09
C ILE B 78 -23.70 10.95 -20.84
N ALA B 79 -24.10 10.41 -19.69
CA ALA B 79 -23.49 10.79 -18.42
C ALA B 79 -22.16 10.08 -18.14
N PHE B 80 -21.66 9.27 -19.08
CA PHE B 80 -20.41 8.55 -18.85
C PHE B 80 -19.13 9.40 -18.71
N PRO B 81 -18.89 10.48 -19.49
CA PRO B 81 -17.67 11.25 -19.24
C PRO B 81 -17.61 11.95 -17.90
N GLY B 82 -18.76 12.30 -17.33
CA GLY B 82 -18.75 12.79 -15.96
C GLY B 82 -18.40 11.72 -14.95
N ASP B 83 -18.79 10.48 -15.21
CA ASP B 83 -18.36 9.37 -14.37
C ASP B 83 -16.86 9.16 -14.47
N ILE B 84 -16.31 9.33 -15.67
CA ILE B 84 -14.85 9.23 -15.85
C ILE B 84 -14.14 10.35 -15.10
N LEU B 85 -14.72 11.55 -15.09
CA LEU B 85 -14.15 12.66 -14.35
C LEU B 85 -14.18 12.41 -12.85
N MET B 86 -15.29 11.88 -12.34
CA MET B 86 -15.40 11.58 -10.91
C MET B 86 -14.43 10.48 -10.50
N ARG B 87 -14.20 9.49 -11.36
CA ARG B 87 -13.24 8.45 -11.03
C ARG B 87 -11.80 8.96 -11.08
N MET B 88 -11.49 9.81 -12.05
CA MET B 88 -10.14 10.36 -12.12
C MET B 88 -9.85 11.35 -11.00
N LEU B 89 -10.88 11.97 -10.44
CA LEU B 89 -10.64 12.83 -9.28
C LEU B 89 -10.61 12.04 -7.99
N LYS B 90 -11.43 10.99 -7.86
CA LYS B 90 -11.39 10.16 -6.66
C LYS B 90 -10.16 9.28 -6.60
N MET B 91 -9.47 9.07 -7.72
CA MET B 91 -8.22 8.32 -7.72
C MET B 91 -7.12 9.04 -6.95
N LEU B 92 -7.21 10.36 -6.80
CA LEU B 92 -6.14 11.16 -6.26
C LEU B 92 -6.41 11.71 -4.86
N ILE B 93 -7.46 11.28 -4.17
CA ILE B 93 -7.66 11.85 -2.84
C ILE B 93 -6.84 11.11 -1.79
N LEU B 94 -6.33 9.93 -2.08
CA LEU B 94 -5.49 9.27 -1.09
C LEU B 94 -4.03 9.72 -1.11
N PRO B 95 -3.32 9.79 -2.26
CA PRO B 95 -1.95 10.32 -2.18
C PRO B 95 -1.88 11.80 -1.90
N LEU B 96 -2.95 12.55 -2.19
CA LEU B 96 -2.95 13.97 -1.86
C LEU B 96 -3.06 14.18 -0.35
N ILE B 97 -3.88 13.38 0.34
CA ILE B 97 -3.95 13.43 1.80
C ILE B 97 -2.62 13.01 2.41
N ILE B 98 -2.08 11.87 1.95
CA ILE B 98 -0.85 11.32 2.53
C ILE B 98 0.33 12.27 2.33
N SER B 99 0.46 12.85 1.14
CA SER B 99 1.58 13.76 0.90
C SER B 99 1.35 15.12 1.55
N SER B 100 0.10 15.60 1.58
CA SER B 100 -0.17 16.95 2.05
C SER B 100 -0.02 17.05 3.56
N LEU B 101 -0.46 16.03 4.30
CA LEU B 101 -0.30 16.05 5.75
C LEU B 101 1.17 16.01 6.16
N ILE B 102 1.96 15.16 5.51
CA ILE B 102 3.36 15.00 5.90
C ILE B 102 4.19 16.18 5.41
N THR B 103 3.82 16.79 4.28
CA THR B 103 4.53 17.98 3.84
C THR B 103 4.18 19.18 4.70
N GLY B 104 2.91 19.34 5.07
CA GLY B 104 2.50 20.48 5.85
C GLY B 104 2.91 20.45 7.30
N LEU B 105 2.62 19.35 7.99
CA LEU B 105 2.84 19.29 9.44
C LEU B 105 4.32 19.18 9.80
N SER B 106 5.19 18.84 8.86
CA SER B 106 6.61 18.83 9.14
C SER B 106 7.28 20.17 8.85
N GLY B 107 6.54 21.11 8.26
CA GLY B 107 7.08 22.42 7.98
C GLY B 107 6.64 23.46 8.99
N LEU B 108 6.19 23.00 10.15
CA LEU B 108 5.74 23.89 11.21
C LEU B 108 6.89 24.37 12.10
N ASP B 109 7.08 25.68 12.15
CA ASP B 109 8.11 26.29 12.96
C ASP B 109 7.51 26.82 14.25
N ALA B 110 7.99 26.32 15.38
CA ALA B 110 7.56 26.83 16.68
C ALA B 110 8.25 28.15 17.04
N LYS B 111 9.24 28.57 16.27
CA LYS B 111 9.88 29.87 16.42
C LYS B 111 9.28 30.92 15.51
N ALA B 112 8.05 30.69 15.02
CA ALA B 112 7.40 31.60 14.08
C ALA B 112 6.90 32.85 14.82
N SER B 113 7.86 33.74 15.08
CA SER B 113 7.67 34.99 15.83
C SER B 113 7.11 34.76 17.24
N GLY B 114 7.39 33.60 17.83
CA GLY B 114 6.99 33.35 19.19
C GLY B 114 5.51 33.02 19.30
N ARG B 115 4.81 33.79 20.14
CA ARG B 115 3.42 33.51 20.43
C ARG B 115 2.47 33.99 19.34
N LEU B 116 2.96 34.79 18.38
CA LEU B 116 2.11 35.26 17.30
C LEU B 116 1.75 34.14 16.34
N GLY B 117 2.53 33.06 16.32
CA GLY B 117 2.16 31.90 15.55
C GLY B 117 1.04 31.13 16.23
N THR B 118 1.21 30.87 17.52
CA THR B 118 0.26 30.04 18.25
C THR B 118 -1.09 30.74 18.43
N ARG B 119 -1.09 32.06 18.65
CA ARG B 119 -2.35 32.79 18.77
C ARG B 119 -3.12 32.79 17.46
N ALA B 120 -2.41 32.98 16.34
CA ALA B 120 -3.06 32.97 15.04
C ALA B 120 -3.57 31.58 14.69
N MET B 121 -2.85 30.54 15.08
CA MET B 121 -3.31 29.18 14.77
C MET B 121 -4.52 28.79 15.61
N VAL B 122 -4.55 29.21 16.88
CA VAL B 122 -5.71 28.96 17.73
C VAL B 122 -6.93 29.73 17.21
N TYR B 123 -6.74 30.93 16.68
CA TYR B 123 -7.86 31.64 16.07
C TYR B 123 -8.36 30.95 14.80
N TYR B 124 -7.43 30.55 13.93
CA TYR B 124 -7.79 29.97 12.64
C TYR B 124 -8.47 28.62 12.79
N MET B 125 -8.03 27.80 13.74
CA MET B 125 -8.69 26.52 13.95
C MET B 125 -9.89 26.59 14.87
N SER B 126 -10.27 27.78 15.33
CA SER B 126 -11.50 27.91 16.11
C SER B 126 -12.63 28.47 15.26
N THR B 127 -12.34 29.51 14.47
CA THR B 127 -13.41 30.13 13.68
C THR B 127 -13.87 29.22 12.55
N THR B 128 -12.97 28.40 12.02
CA THR B 128 -13.35 27.45 10.99
C THR B 128 -14.28 26.37 11.54
N ILE B 129 -14.02 25.92 12.77
CA ILE B 129 -14.86 24.90 13.41
C ILE B 129 -16.23 25.48 13.73
N ILE B 130 -16.27 26.73 14.22
CA ILE B 130 -17.55 27.39 14.49
C ILE B 130 -18.34 27.60 13.20
N ALA B 131 -17.66 27.90 12.10
CA ALA B 131 -18.34 28.10 10.83
C ALA B 131 -18.91 26.80 10.29
N ALA B 132 -18.16 25.69 10.42
CA ALA B 132 -18.68 24.42 9.93
C ALA B 132 -19.84 23.91 10.77
N VAL B 133 -19.78 24.13 12.08
CA VAL B 133 -20.88 23.73 12.97
C VAL B 133 -22.13 24.55 12.68
N LEU B 134 -21.97 25.85 12.43
CA LEU B 134 -23.11 26.70 12.08
C LEU B 134 -23.70 26.29 10.73
N GLY B 135 -22.85 25.87 9.80
CA GLY B 135 -23.35 25.40 8.51
C GLY B 135 -24.15 24.12 8.63
N VAL B 136 -23.68 23.18 9.47
CA VAL B 136 -24.40 21.92 9.67
C VAL B 136 -25.75 22.17 10.34
N ILE B 137 -25.77 23.04 11.35
CA ILE B 137 -27.03 23.36 12.04
C ILE B 137 -28.01 24.07 11.10
N LEU B 138 -27.50 25.00 10.29
CA LEU B 138 -28.40 25.75 9.40
C LEU B 138 -28.90 24.92 8.24
N VAL B 139 -28.16 23.89 7.81
CA VAL B 139 -28.72 23.04 6.76
C VAL B 139 -29.63 21.97 7.33
N LEU B 140 -29.46 21.59 8.61
CA LEU B 140 -30.39 20.67 9.23
C LEU B 140 -31.67 21.35 9.68
N ALA B 141 -31.67 22.67 9.84
CA ALA B 141 -32.84 23.39 10.32
C ALA B 141 -33.67 23.98 9.19
N ILE B 142 -33.04 24.57 8.17
CA ILE B 142 -33.77 25.07 7.01
C ILE B 142 -34.35 23.91 6.21
N HIS B 143 -33.61 22.81 6.12
CA HIS B 143 -33.94 21.57 5.42
C HIS B 143 -34.31 21.79 3.96
N PRO B 144 -33.36 22.11 3.07
CA PRO B 144 -33.70 22.14 1.65
C PRO B 144 -33.57 20.75 1.05
N GLY B 145 -34.33 20.51 0.00
CA GLY B 145 -34.28 19.21 -0.64
C GLY B 145 -35.09 18.15 0.08
N ASN B 146 -36.41 18.31 0.11
CA ASN B 146 -37.28 17.29 0.66
C ASN B 146 -37.36 16.10 -0.28
N VAL B 162 -30.49 1.91 13.86
CA VAL B 162 -29.53 1.62 14.92
C VAL B 162 -29.55 2.80 15.89
N SER B 163 -29.01 2.59 17.10
CA SER B 163 -28.99 3.62 18.11
C SER B 163 -27.96 4.70 17.75
N SER B 164 -28.05 5.83 18.45
CA SER B 164 -27.06 6.89 18.24
C SER B 164 -25.77 6.56 18.97
N LEU B 165 -25.88 5.79 20.06
CA LEU B 165 -24.70 5.38 20.82
C LEU B 165 -23.81 4.46 20.00
N ASP B 166 -24.42 3.52 19.26
CA ASP B 166 -23.65 2.67 18.37
C ASP B 166 -23.03 3.45 17.23
N ALA B 167 -23.68 4.51 16.77
CA ALA B 167 -23.11 5.34 15.71
C ALA B 167 -21.90 6.11 16.20
N PHE B 168 -21.97 6.66 17.42
CA PHE B 168 -20.82 7.37 17.95
C PHE B 168 -19.68 6.42 18.30
N LEU B 169 -20.00 5.22 18.77
CA LEU B 169 -18.93 4.26 19.02
C LEU B 169 -18.31 3.76 17.72
N ASP B 170 -19.09 3.67 16.64
CA ASP B 170 -18.49 3.32 15.35
C ASP B 170 -17.61 4.44 14.83
N LEU B 171 -17.95 5.69 15.13
CA LEU B 171 -17.07 6.80 14.76
C LEU B 171 -15.75 6.73 15.53
N ILE B 172 -15.82 6.46 16.83
CA ILE B 172 -14.59 6.36 17.63
C ILE B 172 -13.76 5.14 17.23
N ARG B 173 -14.40 4.05 16.83
CA ARG B 173 -13.65 2.92 16.29
C ARG B 173 -13.03 3.24 14.95
N ASN B 174 -13.69 4.06 14.14
CA ASN B 174 -13.17 4.38 12.83
C ASN B 174 -12.04 5.38 12.87
N LEU B 175 -11.91 6.14 13.96
CA LEU B 175 -10.73 6.99 14.12
C LEU B 175 -9.46 6.17 14.28
N PHE B 176 -9.53 5.01 14.93
CA PHE B 176 -8.37 4.17 15.21
C PHE B 176 -8.52 2.85 14.47
N PRO B 177 -8.04 2.73 13.25
CA PRO B 177 -8.26 1.52 12.48
C PRO B 177 -7.32 0.40 12.89
N GLU B 178 -7.83 -0.83 12.78
CA GLU B 178 -7.02 -2.00 13.07
C GLU B 178 -5.92 -2.23 12.07
N ASN B 179 -6.15 -1.88 10.80
CA ASN B 179 -5.21 -2.13 9.74
C ASN B 179 -5.11 -0.89 8.88
N LEU B 180 -3.93 -0.63 8.32
CA LEU B 180 -3.74 0.57 7.52
C LEU B 180 -4.09 0.37 6.05
N VAL B 181 -3.81 -0.81 5.52
CA VAL B 181 -4.14 -1.06 4.12
C VAL B 181 -5.65 -1.28 3.97
N GLN B 182 -6.29 -1.80 5.01
CA GLN B 182 -7.74 -1.92 4.97
C GLN B 182 -8.43 -0.60 5.21
N ALA B 183 -7.76 0.35 5.84
CA ALA B 183 -8.37 1.66 6.04
C ALA B 183 -8.35 2.49 4.78
N CYS B 184 -7.63 2.07 3.75
CA CYS B 184 -7.66 2.79 2.49
C CYS B 184 -8.93 2.51 1.71
N PHE B 185 -9.66 1.44 1.99
CA PHE B 185 -10.89 1.18 1.26
C PHE B 185 -12.03 0.57 2.04
N GLN B 186 -11.95 0.43 3.37
CA GLN B 186 -13.03 -0.20 4.11
C GLN B 186 -13.22 0.48 5.45
N GLN B 187 -14.48 0.59 5.86
CA GLN B 187 -14.85 1.14 7.15
C GLN B 187 -15.47 0.04 7.99
N ILE B 188 -15.75 0.34 9.24
CA ILE B 188 -16.40 -0.62 10.13
C ILE B 188 -17.75 -0.05 10.53
N GLN B 189 -18.68 -0.93 10.88
CA GLN B 189 -20.00 -0.50 11.32
C GLN B 189 -20.62 -1.58 12.18
N THR B 190 -21.61 -1.19 12.97
CA THR B 190 -22.26 -2.10 13.91
C THR B 190 -23.57 -2.57 13.29
N VAL B 191 -23.58 -3.83 12.84
CA VAL B 191 -24.81 -4.52 12.47
C VAL B 191 -25.45 -5.04 13.75
N THR B 192 -26.68 -5.53 13.65
CA THR B 192 -27.35 -6.09 14.81
C THR B 192 -28.27 -7.22 14.37
N LYS B 193 -28.66 -8.04 15.34
CA LYS B 193 -29.63 -9.11 15.10
C LYS B 193 -31.04 -8.60 15.41
N LYS B 231 -24.31 -11.00 19.90
CA LYS B 231 -25.54 -10.62 19.23
C LYS B 231 -25.30 -9.44 18.29
N LYS B 232 -24.64 -8.40 18.79
CA LYS B 232 -24.35 -7.22 18.00
C LYS B 232 -23.40 -7.49 16.84
N GLY B 233 -22.14 -7.77 17.13
CA GLY B 233 -21.15 -8.00 16.10
C GLY B 233 -20.71 -6.74 15.39
N LEU B 234 -19.56 -6.83 14.74
CA LEU B 234 -18.96 -5.74 13.99
C LEU B 234 -18.69 -6.23 12.58
N GLU B 235 -19.02 -5.42 11.59
CA GLU B 235 -18.98 -5.83 10.19
C GLU B 235 -18.28 -4.76 9.36
N PHE B 236 -17.51 -5.18 8.37
CA PHE B 236 -16.80 -4.25 7.50
C PHE B 236 -17.66 -3.86 6.31
N LYS B 237 -18.11 -2.61 6.30
CA LYS B 237 -18.75 -2.04 5.13
C LYS B 237 -17.69 -1.49 4.19
N ASP B 238 -18.12 -1.10 2.99
CA ASP B 238 -17.19 -0.65 1.98
C ASP B 238 -17.20 0.88 1.88
N GLY B 239 -16.06 1.43 1.50
CA GLY B 239 -15.88 2.87 1.44
C GLY B 239 -14.61 3.29 2.14
N MET B 240 -13.97 4.36 1.67
CA MET B 240 -12.67 4.75 2.20
C MET B 240 -12.82 5.33 3.60
N ASN B 241 -11.90 4.99 4.48
CA ASN B 241 -11.90 5.49 5.86
C ASN B 241 -11.04 6.74 5.89
N VAL B 242 -11.67 7.91 5.82
CA VAL B 242 -10.91 9.15 5.70
C VAL B 242 -10.37 9.59 7.05
N LEU B 243 -11.18 9.50 8.09
CA LEU B 243 -10.79 10.03 9.40
C LEU B 243 -9.68 9.22 10.04
N GLY B 244 -9.64 7.91 9.81
CA GLY B 244 -8.57 7.09 10.36
C GLY B 244 -7.23 7.38 9.73
N LEU B 245 -7.21 7.57 8.41
CA LEU B 245 -5.97 7.91 7.72
C LEU B 245 -5.51 9.31 8.08
N ILE B 246 -6.44 10.24 8.23
CA ILE B 246 -6.07 11.60 8.63
C ILE B 246 -5.51 11.60 10.05
N GLY B 247 -6.09 10.80 10.94
CA GLY B 247 -5.55 10.71 12.29
C GLY B 247 -4.17 10.09 12.36
N PHE B 248 -3.97 8.97 11.63
CA PHE B 248 -2.67 8.33 11.65
C PHE B 248 -1.59 9.19 11.02
N PHE B 249 -1.91 9.89 9.93
CA PHE B 249 -0.86 10.68 9.31
C PHE B 249 -0.67 12.03 9.99
N ILE B 250 -1.63 12.49 10.79
CA ILE B 250 -1.36 13.59 11.70
C ILE B 250 -0.33 13.16 12.74
N ALA B 251 -0.52 11.96 13.30
CA ALA B 251 0.48 11.42 14.23
C ALA B 251 1.83 11.21 13.57
N PHE B 252 1.83 10.77 12.31
CA PHE B 252 3.07 10.54 11.57
C PHE B 252 3.82 11.82 11.30
N GLY B 253 3.12 12.86 10.83
CA GLY B 253 3.76 14.13 10.57
C GLY B 253 4.24 14.82 11.82
N ILE B 254 3.50 14.70 12.92
CA ILE B 254 3.93 15.31 14.18
C ILE B 254 5.14 14.59 14.75
N ALA B 255 5.17 13.26 14.65
CA ALA B 255 6.34 12.53 15.12
C ALA B 255 7.55 12.72 14.22
N MET B 256 7.33 12.99 12.93
CA MET B 256 8.43 13.25 12.03
C MET B 256 9.00 14.65 12.20
N GLY B 257 8.16 15.63 12.51
CA GLY B 257 8.65 16.99 12.72
C GLY B 257 9.50 17.15 13.96
N LYS B 258 9.41 16.22 14.91
CA LYS B 258 10.24 16.27 16.10
C LYS B 258 11.58 15.58 15.92
N MET B 259 11.78 14.83 14.83
CA MET B 259 13.08 14.22 14.60
C MET B 259 14.10 15.27 14.17
N GLY B 260 13.64 16.34 13.54
CA GLY B 260 14.52 17.44 13.18
C GLY B 260 15.20 17.20 11.85
N ASP B 261 16.51 17.31 11.83
CA ASP B 261 17.28 17.17 10.59
C ASP B 261 17.60 15.73 10.25
N GLN B 262 17.24 14.77 11.12
CA GLN B 262 17.47 13.38 10.78
C GLN B 262 16.49 12.92 9.71
N ALA B 263 15.25 13.40 9.77
CA ALA B 263 14.24 13.03 8.79
C ALA B 263 14.14 14.06 7.67
N LYS B 264 15.25 14.32 6.99
CA LYS B 264 15.23 15.22 5.85
C LYS B 264 14.97 14.49 4.55
N LEU B 265 15.46 13.25 4.44
CA LEU B 265 15.24 12.44 3.26
C LEU B 265 13.76 12.11 3.06
N MET B 266 13.04 11.83 4.13
CA MET B 266 11.62 11.51 4.01
C MET B 266 10.78 12.73 3.67
N VAL B 267 11.10 13.91 4.21
CA VAL B 267 10.32 15.09 3.82
C VAL B 267 10.66 15.53 2.40
N ASP B 268 11.87 15.25 1.91
CA ASP B 268 12.13 15.53 0.51
C ASP B 268 11.40 14.57 -0.42
N PHE B 269 11.32 13.30 -0.03
CA PHE B 269 10.55 12.32 -0.79
C PHE B 269 9.07 12.70 -0.87
N PHE B 270 8.51 13.11 0.26
CA PHE B 270 7.09 13.47 0.24
C PHE B 270 6.84 14.83 -0.41
N ASN B 271 7.82 15.73 -0.41
CA ASN B 271 7.68 16.96 -1.17
C ASN B 271 7.63 16.67 -2.67
N ILE B 272 8.46 15.75 -3.14
CA ILE B 272 8.45 15.38 -4.55
C ILE B 272 7.12 14.71 -4.93
N LEU B 273 6.62 13.85 -4.04
CA LEU B 273 5.32 13.21 -4.28
C LEU B 273 4.19 14.24 -4.30
N ASN B 274 4.29 15.27 -3.46
CA ASN B 274 3.25 16.30 -3.42
C ASN B 274 3.26 17.14 -4.68
N GLU B 275 4.44 17.48 -5.20
CA GLU B 275 4.50 18.25 -6.44
C GLU B 275 3.96 17.44 -7.62
N ILE B 276 4.24 16.15 -7.66
CA ILE B 276 3.74 15.30 -8.75
C ILE B 276 2.23 15.20 -8.70
N VAL B 277 1.67 14.97 -7.51
CA VAL B 277 0.22 14.82 -7.44
C VAL B 277 -0.49 16.16 -7.62
N MET B 278 0.18 17.28 -7.36
CA MET B 278 -0.45 18.56 -7.67
C MET B 278 -0.45 18.86 -9.16
N LYS B 279 0.59 18.44 -9.90
CA LYS B 279 0.53 18.55 -11.36
C LYS B 279 -0.56 17.65 -11.94
N LEU B 280 -0.75 16.47 -11.35
CA LEU B 280 -1.81 15.60 -11.82
C LEU B 280 -3.20 16.18 -11.55
N VAL B 281 -3.38 16.85 -10.41
CA VAL B 281 -4.63 17.53 -10.13
C VAL B 281 -4.86 18.70 -11.09
N ILE B 282 -3.79 19.39 -11.49
CA ILE B 282 -3.88 20.45 -12.49
C ILE B 282 -4.36 19.94 -13.85
N MET B 283 -3.88 18.79 -14.32
CA MET B 283 -4.29 18.29 -15.65
C MET B 283 -5.77 17.87 -15.71
N ILE B 284 -6.25 17.19 -14.68
CA ILE B 284 -7.63 16.68 -14.69
C ILE B 284 -8.61 17.84 -14.62
N MET B 285 -8.25 18.91 -13.92
CA MET B 285 -9.11 20.08 -13.91
C MET B 285 -9.10 20.83 -15.24
N TRP B 286 -8.10 20.62 -16.07
CA TRP B 286 -8.20 21.10 -17.45
C TRP B 286 -9.15 20.23 -18.25
N TYR B 287 -9.20 18.94 -17.94
CA TYR B 287 -10.18 18.08 -18.62
C TYR B 287 -11.61 18.42 -18.22
N SER B 288 -11.81 18.84 -16.98
CA SER B 288 -13.10 19.07 -16.29
C SER B 288 -14.27 19.73 -17.02
N PRO B 289 -14.11 20.76 -17.88
CA PRO B 289 -15.30 21.37 -18.49
C PRO B 289 -16.03 20.48 -19.49
N LEU B 290 -15.45 19.37 -19.91
CA LEU B 290 -16.21 18.37 -20.66
C LEU B 290 -17.01 17.46 -19.76
N GLY B 291 -16.47 17.07 -18.61
CA GLY B 291 -17.17 16.20 -17.70
C GLY B 291 -18.32 16.88 -16.98
N ILE B 292 -18.15 18.16 -16.64
CA ILE B 292 -19.22 18.89 -15.97
C ILE B 292 -20.43 19.05 -16.88
N ALA B 293 -20.19 19.26 -18.18
CA ALA B 293 -21.28 19.39 -19.15
C ALA B 293 -22.07 18.09 -19.28
N CYS B 294 -21.37 16.97 -19.35
CA CYS B 294 -22.05 15.68 -19.48
C CYS B 294 -22.80 15.32 -18.20
N LEU B 295 -22.25 15.68 -17.05
CA LEU B 295 -22.95 15.42 -15.79
C LEU B 295 -24.21 16.26 -15.67
N ILE B 296 -24.16 17.52 -16.11
CA ILE B 296 -25.34 18.38 -16.04
C ILE B 296 -26.40 17.91 -17.03
N CYS B 297 -25.98 17.45 -18.22
CA CYS B 297 -26.94 16.95 -19.20
C CYS B 297 -27.61 15.66 -18.72
N GLY B 298 -26.82 14.76 -18.12
CA GLY B 298 -27.38 13.56 -17.54
C GLY B 298 -28.25 13.80 -16.31
N LYS B 299 -28.02 14.90 -15.59
CA LYS B 299 -28.88 15.19 -14.46
C LYS B 299 -30.15 15.93 -14.87
N ILE B 300 -30.10 16.66 -15.98
CA ILE B 300 -31.31 17.35 -16.43
C ILE B 300 -32.24 16.37 -17.15
N ILE B 301 -31.68 15.41 -17.89
CA ILE B 301 -32.51 14.47 -18.66
C ILE B 301 -33.29 13.54 -17.74
N ALA B 302 -32.72 13.19 -16.59
CA ALA B 302 -33.35 12.19 -15.73
C ALA B 302 -33.84 12.79 -14.42
N ILE B 303 -34.52 13.93 -14.48
CA ILE B 303 -34.94 14.63 -13.26
C ILE B 303 -36.41 14.42 -12.92
N LYS B 304 -37.25 14.03 -13.89
CA LYS B 304 -38.65 13.58 -13.77
C LYS B 304 -39.63 14.69 -13.38
N ASP B 305 -39.12 15.85 -12.98
CA ASP B 305 -39.88 17.06 -12.65
C ASP B 305 -38.91 18.21 -12.52
N LEU B 306 -39.18 19.34 -13.18
CA LEU B 306 -38.18 20.40 -13.24
C LEU B 306 -38.35 21.47 -12.16
N GLU B 307 -39.58 21.78 -11.77
CA GLU B 307 -39.79 22.82 -10.77
C GLU B 307 -39.65 22.31 -9.34
N VAL B 308 -39.28 21.05 -9.15
CA VAL B 308 -39.00 20.55 -7.81
C VAL B 308 -37.50 20.59 -7.52
N VAL B 309 -36.65 20.70 -8.54
CA VAL B 309 -35.23 20.85 -8.29
C VAL B 309 -34.82 22.31 -8.32
N ALA B 310 -35.59 23.15 -9.03
CA ALA B 310 -35.33 24.58 -9.01
C ALA B 310 -35.79 25.24 -7.71
N ARG B 311 -36.56 24.55 -6.90
CA ARG B 311 -36.93 25.07 -5.59
C ARG B 311 -35.87 24.73 -4.56
N GLN B 312 -35.34 23.51 -4.58
CA GLN B 312 -34.28 23.19 -3.64
C GLN B 312 -32.96 23.83 -4.03
N LEU B 313 -32.73 24.09 -5.32
CA LEU B 313 -31.56 24.87 -5.68
C LEU B 313 -31.72 26.35 -5.32
N GLY B 314 -32.92 26.82 -5.03
CA GLY B 314 -33.10 28.16 -4.53
C GLY B 314 -32.93 28.20 -3.03
N MET B 315 -33.51 27.22 -2.33
CA MET B 315 -33.40 27.17 -0.88
C MET B 315 -31.97 26.85 -0.44
N TYR B 316 -31.19 26.18 -1.29
CA TYR B 316 -29.79 25.93 -0.96
C TYR B 316 -28.98 27.22 -1.02
N MET B 317 -29.22 28.06 -2.02
CA MET B 317 -28.58 29.36 -2.05
C MET B 317 -29.06 30.25 -0.90
N VAL B 318 -30.32 30.11 -0.50
CA VAL B 318 -30.83 30.90 0.63
C VAL B 318 -30.18 30.47 1.94
N THR B 319 -29.98 29.17 2.16
CA THR B 319 -29.35 28.78 3.42
C THR B 319 -27.86 29.06 3.42
N VAL B 320 -27.19 29.06 2.26
CA VAL B 320 -25.78 29.45 2.23
C VAL B 320 -25.64 30.95 2.50
N ILE B 321 -26.52 31.77 1.93
CA ILE B 321 -26.47 33.21 2.19
C ILE B 321 -26.81 33.55 3.64
N ILE B 322 -27.81 32.89 4.24
CA ILE B 322 -28.12 33.06 5.65
C ILE B 322 -26.95 32.64 6.53
N GLY B 323 -26.28 31.54 6.17
CA GLY B 323 -25.10 31.11 6.89
C GLY B 323 -23.95 32.09 6.85
N LEU B 324 -23.67 32.64 5.68
CA LEU B 324 -22.60 33.62 5.53
C LEU B 324 -22.92 34.89 6.30
N ILE B 325 -24.15 35.38 6.19
CA ILE B 325 -24.58 36.62 6.83
C ILE B 325 -24.52 36.48 8.34
N ILE B 326 -25.08 35.38 8.87
CA ILE B 326 -25.10 35.15 10.32
C ILE B 326 -23.69 34.99 10.84
N HIS B 327 -22.88 34.12 10.21
CA HIS B 327 -21.51 33.85 10.63
C HIS B 327 -20.66 35.11 10.65
N GLY B 328 -20.47 35.76 9.50
CA GLY B 328 -19.75 37.02 9.46
C GLY B 328 -20.34 38.09 10.34
N GLY B 329 -21.50 38.63 9.96
CA GLY B 329 -22.11 39.78 10.62
C GLY B 329 -22.43 39.66 12.09
N ILE B 330 -22.65 38.45 12.62
CA ILE B 330 -22.89 38.34 14.06
C ILE B 330 -21.67 37.78 14.75
N PHE B 331 -21.18 36.61 14.30
CA PHE B 331 -20.22 35.87 15.10
C PHE B 331 -18.84 36.50 15.06
N LEU B 332 -18.50 37.27 14.01
CA LEU B 332 -17.16 37.88 14.00
C LEU B 332 -17.08 39.15 14.82
N PRO B 333 -18.05 40.10 14.76
CA PRO B 333 -17.99 41.19 15.73
C PRO B 333 -18.23 40.77 17.17
N LEU B 334 -18.96 39.67 17.39
CA LEU B 334 -19.14 39.20 18.76
C LEU B 334 -17.85 38.62 19.32
N ILE B 335 -17.10 37.90 18.49
CA ILE B 335 -15.85 37.29 18.94
C ILE B 335 -14.77 38.37 18.97
N TYR B 336 -15.01 39.49 18.31
CA TYR B 336 -14.11 40.62 18.46
C TYR B 336 -14.45 41.43 19.72
N PHE B 337 -15.71 41.42 20.14
CA PHE B 337 -16.08 42.24 21.29
C PHE B 337 -15.66 41.60 22.60
N VAL B 338 -15.80 40.28 22.72
CA VAL B 338 -15.51 39.62 24.00
C VAL B 338 -14.02 39.42 24.23
N VAL B 339 -13.17 39.76 23.27
CA VAL B 339 -11.74 39.57 23.43
C VAL B 339 -11.06 40.93 23.54
N THR B 340 -11.27 41.79 22.55
CA THR B 340 -10.55 43.05 22.52
C THR B 340 -11.27 44.15 23.27
N ARG B 341 -12.60 44.06 23.36
CA ARG B 341 -13.47 45.06 24.00
C ARG B 341 -13.32 46.45 23.37
N LYS B 342 -13.04 46.49 22.08
CA LYS B 342 -13.09 47.70 21.28
C LYS B 342 -14.38 47.70 20.46
N ASN B 343 -14.75 48.87 19.97
CA ASN B 343 -16.02 49.00 19.26
C ASN B 343 -15.86 48.45 17.85
N PRO B 344 -16.54 47.36 17.50
CA PRO B 344 -16.26 46.66 16.24
C PRO B 344 -16.85 47.31 15.01
N PHE B 345 -17.63 48.37 15.14
CA PHE B 345 -18.18 49.02 13.95
C PHE B 345 -17.18 49.96 13.28
N SER B 346 -16.29 50.57 14.05
CA SER B 346 -15.15 51.27 13.45
C SER B 346 -14.21 50.30 12.76
N PHE B 347 -14.21 49.03 13.16
CA PHE B 347 -13.41 48.04 12.46
C PHE B 347 -13.95 47.77 11.07
N PHE B 348 -15.27 47.66 10.91
CA PHE B 348 -15.84 47.55 9.57
C PHE B 348 -15.71 48.86 8.80
N ALA B 349 -15.67 49.99 9.50
CA ALA B 349 -15.38 51.25 8.82
C ALA B 349 -13.95 51.28 8.31
N GLY B 350 -13.05 50.52 8.93
CA GLY B 350 -11.69 50.46 8.47
C GLY B 350 -11.44 49.54 7.28
N ILE B 351 -12.02 48.36 7.29
CA ILE B 351 -11.68 47.33 6.30
C ILE B 351 -12.67 47.29 5.15
N PHE B 352 -13.39 48.39 4.90
CA PHE B 352 -14.47 48.40 3.93
C PHE B 352 -13.97 48.21 2.50
N GLN B 353 -12.84 48.84 2.16
CA GLN B 353 -12.30 48.71 0.81
C GLN B 353 -11.80 47.31 0.54
N ALA B 354 -11.27 46.63 1.55
CA ALA B 354 -10.88 45.24 1.39
C ALA B 354 -12.08 44.34 1.14
N TRP B 355 -13.21 44.64 1.78
CA TRP B 355 -14.42 43.86 1.56
C TRP B 355 -14.99 44.10 0.17
N ILE B 356 -14.98 45.35 -0.30
CA ILE B 356 -15.48 45.67 -1.64
C ILE B 356 -14.58 45.02 -2.70
N THR B 357 -13.27 45.08 -2.50
CA THR B 357 -12.34 44.46 -3.45
C THR B 357 -12.42 42.94 -3.42
N ALA B 358 -12.74 42.35 -2.26
CA ALA B 358 -12.93 40.90 -2.23
C ALA B 358 -14.23 40.49 -2.91
N LEU B 359 -15.25 41.35 -2.85
CA LEU B 359 -16.45 41.11 -3.66
C LEU B 359 -16.14 41.26 -5.14
N GLY B 360 -15.22 42.16 -5.49
CA GLY B 360 -14.87 42.40 -6.86
C GLY B 360 -14.04 41.30 -7.51
N THR B 361 -12.82 41.07 -7.03
CA THR B 361 -11.92 40.16 -7.72
C THR B 361 -12.20 38.70 -7.43
N ALA B 362 -13.06 38.40 -6.44
CA ALA B 362 -13.52 37.06 -6.10
C ALA B 362 -12.37 36.10 -5.76
N SER B 363 -11.31 36.62 -5.15
CA SER B 363 -10.15 35.81 -4.79
C SER B 363 -9.45 36.44 -3.61
N SER B 364 -9.24 35.64 -2.56
CA SER B 364 -8.58 36.14 -1.36
C SER B 364 -7.09 36.36 -1.56
N ALA B 365 -6.47 35.64 -2.49
CA ALA B 365 -5.03 35.75 -2.69
C ALA B 365 -4.63 37.04 -3.38
N GLY B 366 -5.45 37.52 -4.32
CA GLY B 366 -5.14 38.76 -4.99
C GLY B 366 -5.58 40.01 -4.26
N THR B 367 -6.19 39.87 -3.10
CA THR B 367 -6.74 40.99 -2.36
C THR B 367 -5.80 41.42 -1.22
N LEU B 368 -4.59 40.86 -1.17
CA LEU B 368 -3.63 41.23 -0.13
C LEU B 368 -3.15 42.68 -0.16
N PRO B 369 -2.76 43.30 -1.29
CA PRO B 369 -2.31 44.70 -1.21
C PRO B 369 -3.41 45.70 -0.91
N VAL B 370 -4.67 45.29 -0.98
CA VAL B 370 -5.75 46.18 -0.54
C VAL B 370 -5.95 46.08 0.95
N THR B 371 -5.97 44.86 1.49
CA THR B 371 -6.21 44.70 2.93
C THR B 371 -5.01 45.11 3.77
N PHE B 372 -3.79 45.06 3.21
CA PHE B 372 -2.63 45.62 3.91
C PHE B 372 -2.76 47.12 4.07
N ARG B 373 -3.03 47.82 2.95
CA ARG B 373 -3.24 49.26 2.96
C ARG B 373 -4.47 49.67 3.76
N CYS B 374 -5.43 48.77 3.93
CA CYS B 374 -6.54 49.05 4.82
C CYS B 374 -6.11 48.94 6.29
N LEU B 375 -5.60 47.77 6.68
CA LEU B 375 -5.33 47.47 8.09
C LEU B 375 -4.23 48.35 8.66
N GLU B 376 -3.01 48.24 8.11
CA GLU B 376 -1.87 48.88 8.75
C GLU B 376 -1.78 50.38 8.45
N GLU B 377 -2.81 50.98 7.86
CA GLU B 377 -2.83 52.41 7.63
C GLU B 377 -4.11 53.02 8.19
N ASN B 378 -5.13 52.21 8.50
CA ASN B 378 -6.38 52.75 9.01
C ASN B 378 -6.72 52.31 10.43
N LEU B 379 -6.22 51.15 10.87
CA LEU B 379 -6.64 50.64 12.17
C LEU B 379 -5.53 50.54 13.21
N GLY B 380 -4.33 51.03 12.89
CA GLY B 380 -3.26 51.04 13.86
C GLY B 380 -2.67 49.69 14.20
N ILE B 381 -2.86 48.70 13.34
CA ILE B 381 -2.26 47.39 13.57
C ILE B 381 -0.78 47.46 13.22
N ASP B 382 0.05 46.81 14.03
CA ASP B 382 1.48 46.85 13.85
C ASP B 382 1.88 46.01 12.64
N LYS B 383 2.95 46.42 11.98
CA LYS B 383 3.43 45.71 10.80
C LYS B 383 4.07 44.38 11.13
N ARG B 384 4.43 44.14 12.39
CA ARG B 384 4.92 42.82 12.77
C ARG B 384 3.81 41.82 12.94
N VAL B 385 2.55 42.27 12.99
CA VAL B 385 1.42 41.36 13.14
C VAL B 385 0.83 41.00 11.78
N THR B 386 0.59 42.00 10.94
CA THR B 386 -0.09 41.76 9.67
C THR B 386 0.77 40.94 8.72
N ARG B 387 2.07 41.23 8.67
CA ARG B 387 3.01 40.57 7.76
C ARG B 387 3.18 39.09 8.05
N PHE B 388 2.71 38.60 9.20
CA PHE B 388 2.58 37.16 9.42
C PHE B 388 1.14 36.68 9.35
N VAL B 389 0.20 37.44 9.91
CA VAL B 389 -1.16 36.93 10.10
C VAL B 389 -1.91 36.87 8.77
N LEU B 390 -1.81 37.92 7.95
CA LEU B 390 -2.53 37.93 6.69
C LEU B 390 -2.00 36.96 5.62
N PRO B 391 -0.69 36.81 5.35
CA PRO B 391 -0.31 35.87 4.28
C PRO B 391 -0.44 34.41 4.65
N VAL B 392 -0.72 34.06 5.90
CA VAL B 392 -1.08 32.68 6.21
C VAL B 392 -2.58 32.54 6.34
N GLY B 393 -3.28 33.63 6.66
CA GLY B 393 -4.73 33.61 6.69
C GLY B 393 -5.35 33.59 5.33
N ALA B 394 -4.64 34.06 4.32
CA ALA B 394 -5.10 33.94 2.94
C ALA B 394 -4.86 32.56 2.36
N THR B 395 -4.30 31.64 3.14
CA THR B 395 -4.08 30.28 2.70
C THR B 395 -4.83 29.25 3.55
N ILE B 396 -4.80 29.36 4.87
CA ILE B 396 -5.40 28.34 5.72
C ILE B 396 -6.67 28.79 6.41
N ASN B 397 -7.00 30.09 6.39
CA ASN B 397 -8.19 30.58 7.06
C ASN B 397 -9.26 30.83 6.00
N MET B 398 -10.01 29.79 5.70
CA MET B 398 -11.14 29.85 4.78
C MET B 398 -12.35 29.40 5.58
N ASP B 399 -13.01 30.34 6.25
CA ASP B 399 -14.18 29.99 7.04
C ASP B 399 -15.49 30.20 6.29
N GLY B 400 -15.45 30.74 5.08
CA GLY B 400 -16.64 30.76 4.26
C GLY B 400 -16.76 29.45 3.52
N THR B 401 -15.61 28.93 3.08
CA THR B 401 -15.59 27.65 2.38
C THR B 401 -15.95 26.50 3.32
N ALA B 402 -15.66 26.64 4.61
CA ALA B 402 -16.05 25.62 5.57
C ALA B 402 -17.56 25.55 5.72
N LEU B 403 -18.22 26.71 5.83
CA LEU B 403 -19.68 26.75 5.93
C LEU B 403 -20.33 26.27 4.65
N TYR B 404 -19.75 26.64 3.50
CA TYR B 404 -20.31 26.22 2.21
C TYR B 404 -20.18 24.72 2.02
N GLU B 405 -19.04 24.15 2.36
CA GLU B 405 -18.86 22.72 2.17
C GLU B 405 -19.50 21.89 3.26
N ALA B 406 -19.85 22.48 4.40
CA ALA B 406 -20.63 21.74 5.37
C ALA B 406 -22.12 21.82 5.08
N VAL B 407 -22.57 22.86 4.37
CA VAL B 407 -23.96 22.89 3.92
C VAL B 407 -24.15 21.98 2.72
N ALA B 408 -23.25 22.08 1.75
CA ALA B 408 -23.43 21.44 0.45
C ALA B 408 -23.19 19.94 0.47
N ALA B 409 -22.77 19.36 1.58
CA ALA B 409 -22.68 17.91 1.66
C ALA B 409 -23.97 17.32 2.22
N ILE B 410 -24.51 17.94 3.28
CA ILE B 410 -25.78 17.51 3.81
C ILE B 410 -26.93 17.87 2.88
N PHE B 411 -26.73 18.84 1.98
CA PHE B 411 -27.75 19.08 0.96
C PHE B 411 -27.82 17.93 -0.05
N ILE B 412 -26.66 17.39 -0.45
CA ILE B 412 -26.65 16.22 -1.32
C ILE B 412 -27.16 14.99 -0.57
N ALA B 413 -26.89 14.91 0.73
CA ALA B 413 -27.46 13.84 1.54
C ALA B 413 -28.98 13.95 1.64
N GLN B 414 -29.52 15.16 1.64
CA GLN B 414 -30.96 15.31 1.73
C GLN B 414 -31.65 15.17 0.38
N MET B 415 -30.94 15.41 -0.71
CA MET B 415 -31.56 15.24 -2.03
C MET B 415 -31.75 13.77 -2.37
N ASN B 416 -30.84 12.91 -1.94
CA ASN B 416 -30.95 11.48 -2.21
C ASN B 416 -31.72 10.74 -1.13
N GLY B 417 -32.40 11.44 -0.23
CA GLY B 417 -33.22 10.80 0.77
C GLY B 417 -32.47 10.19 1.93
N VAL B 418 -31.15 10.30 1.96
CA VAL B 418 -30.37 9.72 3.05
C VAL B 418 -30.55 10.57 4.30
N VAL B 419 -30.71 9.93 5.44
CA VAL B 419 -30.71 10.61 6.73
C VAL B 419 -29.39 10.31 7.42
N LEU B 420 -28.63 11.34 7.73
CA LEU B 420 -27.35 11.15 8.39
C LEU B 420 -27.57 10.98 9.89
N ASP B 421 -26.88 9.99 10.46
CA ASP B 421 -27.01 9.72 11.88
C ASP B 421 -26.06 10.63 12.66
N GLY B 422 -25.86 10.34 13.94
CA GLY B 422 -24.98 11.14 14.75
C GLY B 422 -23.50 10.93 14.47
N GLY B 423 -23.14 9.92 13.70
CA GLY B 423 -21.75 9.64 13.42
C GLY B 423 -21.30 10.20 12.09
N GLN B 424 -22.24 10.55 11.23
CA GLN B 424 -21.91 11.18 9.96
C GLN B 424 -21.98 12.70 10.04
N ILE B 425 -22.74 13.25 10.98
CA ILE B 425 -22.76 14.68 11.21
C ILE B 425 -21.41 15.17 11.70
N VAL B 426 -20.79 14.43 12.63
CA VAL B 426 -19.47 14.79 13.11
C VAL B 426 -18.41 14.58 12.04
N THR B 427 -18.62 13.60 11.15
CA THR B 427 -17.69 13.37 10.06
C THR B 427 -17.76 14.51 9.04
N VAL B 428 -18.96 15.01 8.75
CA VAL B 428 -19.10 16.17 7.87
C VAL B 428 -18.48 17.41 8.52
N SER B 429 -18.73 17.60 9.83
CA SER B 429 -18.20 18.77 10.51
C SER B 429 -16.69 18.75 10.67
N LEU B 430 -16.05 17.58 10.67
CA LEU B 430 -14.60 17.54 10.72
C LEU B 430 -13.96 17.58 9.34
N THR B 431 -14.57 16.90 8.37
CA THR B 431 -14.01 16.89 7.03
C THR B 431 -14.21 18.22 6.31
N ALA B 432 -15.25 18.98 6.64
CA ALA B 432 -15.41 20.31 6.08
C ALA B 432 -14.34 21.26 6.60
N THR B 433 -13.98 21.10 7.88
CA THR B 433 -12.87 21.87 8.45
C THR B 433 -11.54 21.51 7.79
N LEU B 434 -11.29 20.21 7.60
CA LEU B 434 -10.02 19.80 6.99
C LEU B 434 -9.98 20.11 5.50
N ALA B 435 -11.13 20.21 4.85
CA ALA B 435 -11.16 20.48 3.42
C ALA B 435 -11.20 21.97 3.09
N SER B 436 -11.66 22.82 4.01
CA SER B 436 -11.59 24.24 3.79
C SER B 436 -10.15 24.75 3.79
N VAL B 437 -9.28 24.10 4.58
CA VAL B 437 -7.86 24.48 4.59
C VAL B 437 -7.19 24.00 3.32
N GLY B 438 -7.70 22.93 2.73
CA GLY B 438 -7.08 22.34 1.55
C GLY B 438 -7.57 22.90 0.24
N ALA B 439 -8.75 23.52 0.25
CA ALA B 439 -9.28 24.12 -0.97
C ALA B 439 -8.50 25.33 -1.43
N ALA B 440 -7.83 26.03 -0.51
CA ALA B 440 -7.04 27.20 -0.89
C ALA B 440 -5.55 26.91 -0.95
N SER B 441 -5.07 25.91 -0.22
CA SER B 441 -3.65 25.60 -0.23
C SER B 441 -3.23 24.83 -1.47
N ILE B 442 -4.15 24.10 -2.09
CA ILE B 442 -3.89 23.33 -3.29
C ILE B 442 -4.51 24.07 -4.47
N PRO B 443 -3.73 24.47 -5.47
CA PRO B 443 -4.31 25.23 -6.59
C PRO B 443 -5.16 24.34 -7.49
N SER B 444 -6.26 24.93 -7.97
CA SER B 444 -7.23 24.30 -8.87
C SER B 444 -7.83 23.02 -8.29
N ALA B 445 -7.92 22.97 -6.97
CA ALA B 445 -8.50 21.82 -6.29
C ALA B 445 -9.68 22.33 -5.49
N GLY B 446 -10.82 22.46 -6.17
CA GLY B 446 -12.03 22.90 -5.51
C GLY B 446 -13.09 21.84 -5.68
N LEU B 447 -12.82 20.90 -6.58
CA LEU B 447 -13.71 19.77 -6.79
C LEU B 447 -13.25 18.52 -6.08
N VAL B 448 -11.97 18.42 -5.74
CA VAL B 448 -11.51 17.26 -4.99
C VAL B 448 -11.86 17.38 -3.52
N THR B 449 -12.10 18.59 -3.03
CA THR B 449 -12.46 18.79 -1.63
C THR B 449 -13.90 18.38 -1.37
N MET B 450 -14.79 18.58 -2.34
CA MET B 450 -16.16 18.14 -2.18
C MET B 450 -16.27 16.62 -2.28
N LEU B 451 -15.46 16.02 -3.16
CA LEU B 451 -15.44 14.56 -3.26
C LEU B 451 -14.83 13.93 -2.03
N LEU B 452 -13.95 14.64 -1.33
CA LEU B 452 -13.43 14.14 -0.06
C LEU B 452 -14.53 13.97 0.97
N ILE B 453 -15.42 14.95 1.11
CA ILE B 453 -16.52 14.83 2.07
C ILE B 453 -17.54 13.80 1.61
N LEU B 454 -17.87 13.81 0.31
CA LEU B 454 -18.92 12.94 -0.20
C LEU B 454 -18.48 11.47 -0.20
N THR B 455 -17.17 11.21 -0.15
CA THR B 455 -16.75 9.84 0.09
C THR B 455 -16.33 9.59 1.53
N ALA B 456 -16.21 10.64 2.34
CA ALA B 456 -16.00 10.43 3.76
C ALA B 456 -17.26 9.93 4.43
N VAL B 457 -18.43 10.42 4.00
CA VAL B 457 -19.67 9.93 4.59
C VAL B 457 -20.41 8.98 3.67
N GLY B 458 -19.83 8.59 2.54
CA GLY B 458 -20.41 7.59 1.67
C GLY B 458 -21.68 8.03 0.97
N LEU B 459 -21.57 8.98 0.05
CA LEU B 459 -22.72 9.53 -0.64
C LEU B 459 -22.53 9.43 -2.15
N PRO B 460 -23.61 9.39 -2.93
CA PRO B 460 -23.47 9.43 -4.39
C PRO B 460 -22.96 10.78 -4.86
N THR B 461 -21.86 10.75 -5.60
CA THR B 461 -21.15 11.96 -5.99
C THR B 461 -21.64 12.53 -7.31
N GLU B 462 -22.63 11.89 -7.93
CA GLU B 462 -23.12 12.33 -9.23
C GLU B 462 -24.07 13.51 -9.12
N ASP B 463 -24.52 13.86 -7.92
CA ASP B 463 -25.37 15.01 -7.70
C ASP B 463 -24.57 16.30 -7.53
N ILE B 464 -23.24 16.23 -7.74
CA ILE B 464 -22.39 17.40 -7.55
C ILE B 464 -22.51 18.39 -8.70
N SER B 465 -23.16 17.99 -9.80
CA SER B 465 -23.26 18.87 -10.95
C SER B 465 -24.31 19.95 -10.73
N LEU B 466 -25.21 19.75 -9.78
CA LEU B 466 -26.17 20.79 -9.44
C LEU B 466 -25.56 21.83 -8.50
N LEU B 467 -24.35 21.59 -8.01
CA LEU B 467 -23.69 22.56 -7.15
C LEU B 467 -22.76 23.46 -7.95
N VAL B 468 -22.18 22.93 -9.04
CA VAL B 468 -21.31 23.70 -9.89
C VAL B 468 -22.09 24.73 -10.70
N ALA B 469 -23.38 24.48 -10.93
CA ALA B 469 -24.20 25.41 -11.70
C ALA B 469 -24.55 26.67 -10.93
N VAL B 470 -24.32 26.70 -9.62
CA VAL B 470 -24.56 27.90 -8.81
C VAL B 470 -23.32 28.33 -8.03
N ASP B 471 -22.15 27.76 -8.32
CA ASP B 471 -20.96 28.10 -7.54
C ASP B 471 -20.43 29.48 -7.88
N TRP B 472 -20.64 29.93 -9.12
CA TRP B 472 -20.15 31.25 -9.51
C TRP B 472 -21.09 32.37 -9.09
N LEU B 473 -22.21 32.04 -8.44
CA LEU B 473 -23.00 33.05 -7.76
C LEU B 473 -22.69 33.09 -6.26
N LEU B 474 -21.82 32.20 -5.78
CA LEU B 474 -21.56 32.07 -4.35
C LEU B 474 -20.11 32.24 -3.95
N ASP B 475 -19.14 32.02 -4.85
CA ASP B 475 -17.75 32.21 -4.45
C ASP B 475 -17.40 33.68 -4.24
N ARG B 476 -18.08 34.58 -4.95
CA ARG B 476 -17.89 36.01 -4.77
C ARG B 476 -18.34 36.51 -3.41
N MET B 477 -19.18 35.75 -2.71
CA MET B 477 -19.53 36.08 -1.34
C MET B 477 -18.84 35.17 -0.33
N ARG B 478 -18.31 34.02 -0.76
CA ARG B 478 -17.44 33.24 0.11
C ARG B 478 -16.14 34.01 0.40
N THR B 479 -15.60 34.66 -0.64
CA THR B 479 -14.34 35.37 -0.50
C THR B 479 -14.46 36.55 0.46
N SER B 480 -15.66 37.14 0.54
CA SER B 480 -15.91 38.25 1.45
C SER B 480 -15.82 37.82 2.91
N VAL B 481 -16.40 36.67 3.24
CA VAL B 481 -16.35 36.16 4.60
C VAL B 481 -14.93 35.71 4.95
N ASN B 482 -14.20 35.18 3.96
CA ASN B 482 -12.80 34.82 4.19
C ASN B 482 -11.94 36.04 4.51
N VAL B 483 -12.13 37.13 3.76
CA VAL B 483 -11.33 38.34 3.99
C VAL B 483 -11.71 39.00 5.31
N VAL B 484 -12.99 39.01 5.66
CA VAL B 484 -13.41 39.59 6.93
C VAL B 484 -12.88 38.76 8.11
N GLY B 485 -12.86 37.44 7.98
CA GLY B 485 -12.25 36.60 8.99
C GLY B 485 -10.75 36.78 9.12
N ASP B 486 -10.07 37.12 8.03
CA ASP B 486 -8.66 37.46 8.12
C ASP B 486 -8.43 38.78 8.85
N SER B 487 -9.24 39.79 8.53
CA SER B 487 -9.05 41.11 9.11
C SER B 487 -9.35 41.12 10.60
N PHE B 488 -10.36 40.37 11.02
CA PHE B 488 -10.64 40.30 12.46
C PHE B 488 -9.56 39.52 13.19
N GLY B 489 -8.94 38.54 12.54
CA GLY B 489 -7.82 37.85 13.17
C GLY B 489 -6.61 38.73 13.34
N ALA B 490 -6.32 39.56 12.33
CA ALA B 490 -5.26 40.54 12.48
C ALA B 490 -5.61 41.64 13.46
N GLY B 491 -6.89 41.86 13.74
CA GLY B 491 -7.25 42.78 14.79
C GLY B 491 -7.18 42.20 16.19
N ILE B 492 -7.35 40.89 16.30
CA ILE B 492 -7.36 40.21 17.59
C ILE B 492 -5.95 39.83 18.04
N VAL B 493 -5.13 39.30 17.13
CA VAL B 493 -3.78 38.88 17.48
C VAL B 493 -2.91 40.06 17.88
N TYR B 494 -3.16 41.25 17.34
CA TYR B 494 -2.49 42.45 17.81
C TYR B 494 -2.89 42.84 19.23
N HIS B 495 -4.15 42.68 19.60
CA HIS B 495 -4.57 42.99 20.95
C HIS B 495 -4.12 41.96 21.98
N LEU B 496 -3.99 40.69 21.61
CA LEU B 496 -3.44 39.70 22.52
C LEU B 496 -1.92 39.72 22.56
N SER B 497 -1.28 40.63 21.81
CA SER B 497 0.18 40.72 21.81
C SER B 497 0.67 42.16 21.86
N LYS B 498 0.01 43.02 22.65
CA LYS B 498 0.48 44.40 22.75
C LYS B 498 1.70 44.50 23.65
N SER B 499 1.68 43.78 24.77
CA SER B 499 2.73 43.91 25.78
C SER B 499 4.07 43.36 25.32
N GLU B 500 4.06 42.19 24.64
CA GLU B 500 5.30 41.60 24.17
C GLU B 500 5.95 42.45 23.10
N LEU B 501 5.14 43.01 22.19
CA LEU B 501 5.66 43.93 21.19
C LEU B 501 6.13 45.23 21.82
N ASP B 502 5.53 45.63 22.94
CA ASP B 502 6.00 46.84 23.62
C ASP B 502 7.36 46.60 24.28
N THR B 503 7.56 45.43 24.89
CA THR B 503 8.86 45.15 25.49
C THR B 503 9.94 44.88 24.44
N ILE B 504 9.58 44.32 23.28
CA ILE B 504 10.55 44.21 22.21
C ILE B 504 10.84 45.58 21.59
N ASP B 505 9.88 46.51 21.65
CA ASP B 505 10.14 47.87 21.20
C ASP B 505 11.04 48.59 22.21
N SER B 506 10.78 48.41 23.50
CA SER B 506 11.61 49.02 24.52
C SER B 506 12.53 48.00 25.19
N LYS C 40 10.80 6.39 45.03
CA LYS C 40 10.79 5.29 44.07
C LYS C 40 9.61 5.40 43.12
N LEU C 41 8.61 6.19 43.50
CA LEU C 41 7.42 6.39 42.69
C LEU C 41 7.69 7.24 41.46
N GLY C 42 8.70 8.11 41.50
CA GLY C 42 9.01 8.95 40.37
C GLY C 42 9.98 8.29 39.41
N LYS C 43 10.73 7.31 39.91
CA LYS C 43 11.60 6.51 39.07
C LYS C 43 10.78 5.38 38.45
N ASN C 44 10.96 5.21 37.13
CA ASN C 44 10.27 4.20 36.32
C ASN C 44 8.76 4.34 36.43
N LEU C 45 8.25 5.45 35.92
CA LEU C 45 6.82 5.75 35.97
C LEU C 45 6.05 5.09 34.83
N LEU C 46 6.29 3.83 34.60
CA LEU C 46 5.39 3.10 33.71
C LEU C 46 4.96 1.77 34.30
N LEU C 47 5.85 1.07 35.01
CA LEU C 47 5.45 -0.16 35.65
C LEU C 47 4.60 0.10 36.87
N THR C 48 4.88 1.19 37.58
CA THR C 48 4.06 1.53 38.75
C THR C 48 2.67 2.00 38.35
N LEU C 49 2.54 2.76 37.25
CA LEU C 49 1.21 3.14 36.79
C LEU C 49 0.47 1.94 36.22
N THR C 50 1.19 1.00 35.61
CA THR C 50 0.55 -0.22 35.12
C THR C 50 0.01 -1.07 36.25
N VAL C 51 0.78 -1.29 37.32
CA VAL C 51 0.24 -2.11 38.39
C VAL C 51 -0.80 -1.35 39.20
N PHE C 52 -0.72 -0.02 39.26
CA PHE C 52 -1.78 0.76 39.89
C PHE C 52 -3.07 0.68 39.08
N GLY C 53 -2.97 0.71 37.76
CA GLY C 53 -4.16 0.55 36.93
C GLY C 53 -4.75 -0.84 37.00
N VAL C 54 -3.89 -1.86 37.10
CA VAL C 54 -4.37 -3.24 37.25
C VAL C 54 -5.09 -3.43 38.57
N ILE C 55 -4.53 -2.90 39.67
CA ILE C 55 -5.17 -3.04 40.97
C ILE C 55 -6.46 -2.23 41.03
N LEU C 56 -6.47 -1.02 40.45
CA LEU C 56 -7.68 -0.21 40.46
C LEU C 56 -8.79 -0.83 39.61
N GLY C 57 -8.43 -1.37 38.45
CA GLY C 57 -9.42 -2.02 37.61
C GLY C 57 -9.96 -3.29 38.23
N ALA C 58 -9.10 -4.04 38.92
CA ALA C 58 -9.57 -5.24 39.60
C ALA C 58 -10.47 -4.90 40.78
N VAL C 59 -10.19 -3.80 41.48
CA VAL C 59 -11.05 -3.38 42.58
C VAL C 59 -12.41 -2.93 42.07
N CYS C 60 -12.42 -2.14 40.99
CA CYS C 60 -13.70 -1.68 40.44
C CYS C 60 -14.49 -2.83 39.81
N GLY C 61 -13.82 -3.79 39.19
CA GLY C 61 -14.53 -4.94 38.67
C GLY C 61 -15.06 -5.86 39.76
N GLY C 62 -14.28 -6.05 40.82
CA GLY C 62 -14.73 -6.93 41.89
C GLY C 62 -15.83 -6.30 42.72
N LEU C 63 -15.84 -4.97 42.80
CA LEU C 63 -16.94 -4.30 43.47
C LEU C 63 -18.16 -4.16 42.58
N LEU C 64 -17.97 -4.14 41.27
CA LEU C 64 -19.08 -3.87 40.37
C LEU C 64 -19.84 -5.10 39.93
N ARG C 65 -19.21 -6.28 39.94
CA ARG C 65 -19.96 -7.50 39.71
C ARG C 65 -20.73 -7.96 40.92
N LEU C 66 -20.43 -7.39 42.09
CA LEU C 66 -21.20 -7.67 43.30
C LEU C 66 -22.57 -7.02 43.25
N ALA C 67 -22.73 -5.94 42.49
CA ALA C 67 -23.93 -5.11 42.54
C ALA C 67 -25.13 -5.81 41.92
N SER C 68 -25.05 -6.14 40.63
CA SER C 68 -26.23 -6.60 39.90
C SER C 68 -25.76 -7.34 38.66
N PRO C 69 -26.65 -8.08 37.99
CA PRO C 69 -26.37 -8.49 36.61
C PRO C 69 -26.34 -7.28 35.69
N ILE C 70 -25.16 -6.95 35.20
CA ILE C 70 -24.96 -5.70 34.48
C ILE C 70 -25.45 -5.84 33.04
N HIS C 71 -26.04 -4.76 32.52
CA HIS C 71 -26.49 -4.70 31.13
C HIS C 71 -25.29 -4.82 30.20
N PRO C 72 -25.43 -5.48 29.05
CA PRO C 72 -24.27 -5.66 28.16
C PRO C 72 -23.80 -4.37 27.50
N ASP C 73 -24.67 -3.38 27.34
CA ASP C 73 -24.25 -2.15 26.66
C ASP C 73 -23.36 -1.31 27.56
N VAL C 74 -23.67 -1.23 28.85
CA VAL C 74 -22.78 -0.50 29.75
C VAL C 74 -21.51 -1.30 30.03
N VAL C 75 -21.55 -2.63 29.87
CA VAL C 75 -20.33 -3.43 29.86
C VAL C 75 -19.45 -3.05 28.69
N MET C 76 -20.05 -2.86 27.51
CA MET C 76 -19.30 -2.42 26.34
C MET C 76 -18.74 -1.02 26.53
N LEU C 77 -19.51 -0.13 27.14
CA LEU C 77 -19.02 1.22 27.42
C LEU C 77 -17.90 1.23 28.45
N ILE C 78 -17.87 0.24 29.34
CA ILE C 78 -16.75 0.14 30.28
C ILE C 78 -15.52 -0.38 29.57
N ALA C 79 -15.66 -1.45 28.80
CA ALA C 79 -14.51 -2.06 28.15
C ALA C 79 -14.08 -1.36 26.87
N PHE C 80 -14.70 -0.24 26.51
CA PHE C 80 -14.34 0.45 25.28
C PHE C 80 -12.93 1.07 25.23
N PRO C 81 -12.36 1.70 26.28
CA PRO C 81 -10.99 2.22 26.14
C PRO C 81 -9.93 1.14 25.95
N GLY C 82 -10.16 -0.06 26.46
CA GLY C 82 -9.26 -1.16 26.14
C GLY C 82 -9.35 -1.59 24.69
N ASP C 83 -10.55 -1.50 24.10
CA ASP C 83 -10.69 -1.75 22.68
C ASP C 83 -9.97 -0.69 21.86
N ILE C 84 -10.00 0.56 22.33
CA ILE C 84 -9.27 1.63 21.65
C ILE C 84 -7.76 1.39 21.75
N LEU C 85 -7.30 0.88 22.89
CA LEU C 85 -5.89 0.55 23.05
C LEU C 85 -5.46 -0.59 22.13
N MET C 86 -6.30 -1.62 22.02
CA MET C 86 -5.97 -2.74 21.14
C MET C 86 -5.96 -2.32 19.68
N ARG C 87 -6.85 -1.41 19.29
CA ARG C 87 -6.83 -0.93 17.91
C ARG C 87 -5.63 -0.05 17.63
N MET C 88 -5.25 0.81 18.58
CA MET C 88 -4.09 1.66 18.38
C MET C 88 -2.80 0.88 18.39
N LEU C 89 -2.77 -0.28 19.06
CA LEU C 89 -1.56 -1.09 18.99
C LEU C 89 -1.55 -1.98 17.75
N LYS C 90 -2.70 -2.48 17.31
CA LYS C 90 -2.76 -3.28 16.10
C LYS C 90 -2.59 -2.45 14.84
N MET C 91 -2.77 -1.13 14.92
CA MET C 91 -2.51 -0.26 13.79
C MET C 91 -1.03 -0.23 13.40
N LEU C 92 -0.14 -0.54 14.33
CA LEU C 92 1.28 -0.37 14.13
C LEU C 92 2.06 -1.65 13.97
N ILE C 93 1.41 -2.82 13.80
CA ILE C 93 2.23 -4.01 13.64
C ILE C 93 2.66 -4.21 12.21
N LEU C 94 2.04 -3.53 11.25
CA LEU C 94 2.50 -3.68 9.87
C LEU C 94 3.70 -2.79 9.53
N PRO C 95 3.72 -1.47 9.81
CA PRO C 95 4.94 -0.72 9.50
C PRO C 95 6.10 -1.04 10.41
N LEU C 96 5.84 -1.59 11.59
CA LEU C 96 6.95 -2.00 12.46
C LEU C 96 7.63 -3.24 11.93
N ILE C 97 6.87 -4.19 11.38
CA ILE C 97 7.46 -5.36 10.71
C ILE C 97 8.23 -4.93 9.47
N ILE C 98 7.60 -4.11 8.62
CA ILE C 98 8.21 -3.72 7.35
C ILE C 98 9.49 -2.92 7.58
N SER C 99 9.48 -1.99 8.54
CA SER C 99 10.68 -1.20 8.78
C SER C 99 11.73 -1.99 9.57
N SER C 100 11.31 -2.86 10.49
CA SER C 100 12.26 -3.54 11.35
C SER C 100 13.03 -4.60 10.60
N LEU C 101 12.38 -5.34 9.70
CA LEU C 101 13.08 -6.35 8.92
C LEU C 101 14.12 -5.72 7.99
N ILE C 102 13.76 -4.63 7.32
CA ILE C 102 14.66 -4.01 6.35
C ILE C 102 15.77 -3.25 7.05
N THR C 103 15.50 -2.69 8.23
CA THR C 103 16.55 -2.03 8.98
C THR C 103 17.50 -3.04 9.60
N GLY C 104 16.98 -4.15 10.13
CA GLY C 104 17.84 -5.13 10.77
C GLY C 104 18.65 -5.97 9.81
N LEU C 105 18.02 -6.56 8.81
CA LEU C 105 18.71 -7.51 7.94
C LEU C 105 19.68 -6.85 6.99
N SER C 106 19.59 -5.53 6.78
CA SER C 106 20.56 -4.83 5.97
C SER C 106 21.76 -4.35 6.77
N GLY C 107 21.71 -4.47 8.09
CA GLY C 107 22.81 -4.05 8.93
C GLY C 107 23.67 -5.21 9.39
N LEU C 108 23.55 -6.34 8.70
CA LEU C 108 24.33 -7.54 9.02
C LEU C 108 25.71 -7.45 8.40
N ASP C 109 26.74 -7.59 9.21
CA ASP C 109 28.12 -7.62 8.75
C ASP C 109 28.64 -9.05 8.80
N ALA C 110 29.05 -9.55 7.63
CA ALA C 110 29.67 -10.86 7.56
C ALA C 110 31.13 -10.85 8.01
N LYS C 111 31.70 -9.68 8.23
CA LYS C 111 33.04 -9.53 8.79
C LYS C 111 33.01 -9.33 10.31
N ALA C 112 31.92 -9.72 10.96
CA ALA C 112 31.74 -9.52 12.41
C ALA C 112 32.59 -10.54 13.16
N SER C 113 33.89 -10.22 13.23
CA SER C 113 34.94 -11.05 13.85
C SER C 113 35.01 -12.45 13.25
N GLY C 114 34.64 -12.59 11.99
CA GLY C 114 34.77 -13.88 11.30
C GLY C 114 33.70 -14.85 11.72
N ARG C 115 34.14 -16.02 12.19
CA ARG C 115 33.22 -17.11 12.50
C ARG C 115 32.53 -16.93 13.84
N LEU C 116 32.97 -15.97 14.66
CA LEU C 116 32.34 -15.74 15.95
C LEU C 116 30.95 -15.11 15.78
N GLY C 117 30.69 -14.48 14.64
CA GLY C 117 29.37 -14.01 14.36
C GLY C 117 28.44 -15.14 14.00
N THR C 118 28.89 -15.99 13.08
CA THR C 118 28.05 -17.07 12.57
C THR C 118 27.78 -18.14 13.61
N ARG C 119 28.77 -18.46 14.46
CA ARG C 119 28.55 -19.42 15.53
C ARG C 119 27.53 -18.91 16.55
N ALA C 120 27.64 -17.64 16.91
CA ALA C 120 26.71 -17.05 17.87
C ALA C 120 25.30 -16.97 17.28
N MET C 121 25.19 -16.67 15.97
CA MET C 121 23.87 -16.59 15.37
C MET C 121 23.21 -17.96 15.24
N VAL C 122 24.00 -18.99 14.93
CA VAL C 122 23.47 -20.35 14.87
C VAL C 122 23.03 -20.82 16.25
N TYR C 123 23.76 -20.42 17.31
CA TYR C 123 23.30 -20.75 18.67
C TYR C 123 22.01 -20.02 19.02
N TYR C 124 21.95 -18.72 18.73
CA TYR C 124 20.80 -17.91 19.13
C TYR C 124 19.53 -18.31 18.39
N MET C 125 19.64 -18.66 17.11
CA MET C 125 18.45 -19.09 16.39
C MET C 125 18.15 -20.57 16.55
N SER C 126 18.91 -21.29 17.37
CA SER C 126 18.56 -22.68 17.65
C SER C 126 17.91 -22.82 19.03
N THR C 127 18.48 -22.15 20.04
CA THR C 127 17.92 -22.29 21.39
C THR C 127 16.56 -21.62 21.51
N THR C 128 16.33 -20.55 20.75
CA THR C 128 15.02 -19.90 20.75
C THR C 128 13.95 -20.80 20.13
N ILE C 129 14.32 -21.52 19.07
CA ILE C 129 13.37 -22.43 18.42
C ILE C 129 13.06 -23.62 19.33
N ILE C 130 14.09 -24.14 20.00
CA ILE C 130 13.87 -25.24 20.95
C ILE C 130 13.00 -24.79 22.12
N ALA C 131 13.17 -23.54 22.57
CA ALA C 131 12.38 -23.02 23.67
C ALA C 131 10.92 -22.83 23.26
N ALA C 132 10.67 -22.34 22.05
CA ALA C 132 9.30 -22.15 21.60
C ALA C 132 8.59 -23.48 21.37
N VAL C 133 9.31 -24.47 20.85
CA VAL C 133 8.73 -25.79 20.64
C VAL C 133 8.40 -26.46 21.96
N LEU C 134 9.30 -26.32 22.96
CA LEU C 134 9.02 -26.86 24.29
C LEU C 134 7.85 -26.17 24.95
N GLY C 135 7.69 -24.87 24.70
CA GLY C 135 6.53 -24.15 25.24
C GLY C 135 5.23 -24.61 24.63
N VAL C 136 5.21 -24.85 23.32
CA VAL C 136 4.01 -25.32 22.64
C VAL C 136 3.63 -26.72 23.13
N ILE C 137 4.62 -27.61 23.26
CA ILE C 137 4.35 -28.96 23.75
C ILE C 137 3.86 -28.94 25.19
N LEU C 138 4.46 -28.11 26.04
CA LEU C 138 4.06 -28.08 27.44
C LEU C 138 2.72 -27.42 27.65
N VAL C 139 2.29 -26.51 26.78
CA VAL C 139 0.95 -25.97 26.95
C VAL C 139 -0.10 -26.87 26.31
N LEU C 140 0.27 -27.69 25.33
CA LEU C 140 -0.67 -28.66 24.79
C LEU C 140 -0.81 -29.89 25.66
N ALA C 141 0.16 -30.16 26.53
CA ALA C 141 0.13 -31.35 27.38
C ALA C 141 -0.44 -31.08 28.76
N ILE C 142 -0.08 -29.96 29.39
CA ILE C 142 -0.65 -29.60 30.68
C ILE C 142 -2.11 -29.22 30.53
N HIS C 143 -2.45 -28.57 29.42
CA HIS C 143 -3.77 -28.10 29.03
C HIS C 143 -4.46 -27.25 30.09
N PRO C 144 -4.02 -26.01 30.32
CA PRO C 144 -4.79 -25.13 31.20
C PRO C 144 -5.90 -24.44 30.44
N GLY C 145 -6.96 -24.10 31.15
CA GLY C 145 -8.08 -23.45 30.49
C GLY C 145 -8.99 -24.40 29.75
N ASN C 146 -9.66 -25.27 30.48
CA ASN C 146 -10.67 -26.13 29.88
C ASN C 146 -11.91 -25.34 29.53
N VAL C 162 -11.58 -30.21 8.92
CA VAL C 162 -10.76 -30.37 7.72
C VAL C 162 -9.57 -31.25 8.09
N SER C 163 -8.89 -31.80 7.09
CA SER C 163 -7.76 -32.68 7.33
C SER C 163 -6.55 -31.87 7.80
N SER C 164 -5.54 -32.58 8.31
CA SER C 164 -4.31 -31.91 8.71
C SER C 164 -3.46 -31.61 7.49
N LEU C 165 -3.59 -32.42 6.45
CA LEU C 165 -2.85 -32.20 5.21
C LEU C 165 -3.27 -30.92 4.54
N ASP C 166 -4.57 -30.63 4.52
CA ASP C 166 -5.05 -29.38 3.97
C ASP C 166 -4.61 -28.19 4.81
N ALA C 167 -4.48 -28.37 6.12
CA ALA C 167 -4.00 -27.29 6.98
C ALA C 167 -2.54 -26.99 6.72
N PHE C 168 -1.71 -28.02 6.55
CA PHE C 168 -0.30 -27.77 6.25
C PHE C 168 -0.11 -27.21 4.85
N LEU C 169 -0.93 -27.63 3.89
CA LEU C 169 -0.84 -27.04 2.57
C LEU C 169 -1.33 -25.60 2.56
N ASP C 170 -2.31 -25.26 3.40
CA ASP C 170 -2.70 -23.85 3.51
C ASP C 170 -1.62 -23.03 4.17
N LEU C 171 -0.86 -23.60 5.09
CA LEU C 171 0.28 -22.89 5.65
C LEU C 171 1.35 -22.63 4.60
N ILE C 172 1.66 -23.63 3.78
CA ILE C 172 2.67 -23.45 2.73
C ILE C 172 2.18 -22.48 1.66
N ARG C 173 0.88 -22.47 1.36
CA ARG C 173 0.35 -21.45 0.45
C ARG C 173 0.39 -20.06 1.07
N ASN C 174 0.22 -19.96 2.38
CA ASN C 174 0.21 -18.65 3.02
C ASN C 174 1.61 -18.08 3.19
N LEU C 175 2.65 -18.92 3.13
CA LEU C 175 4.01 -18.38 3.11
C LEU C 175 4.29 -17.60 1.84
N PHE C 176 3.72 -18.01 0.71
CA PHE C 176 3.97 -17.40 -0.60
C PHE C 176 2.68 -16.79 -1.12
N PRO C 177 2.39 -15.53 -0.82
CA PRO C 177 1.11 -14.94 -1.21
C PRO C 177 1.09 -14.55 -2.67
N GLU C 178 -0.09 -14.66 -3.27
CA GLU C 178 -0.28 -14.24 -4.66
C GLU C 178 -0.17 -12.74 -4.83
N ASN C 179 -0.59 -11.96 -3.85
CA ASN C 179 -0.62 -10.51 -3.94
C ASN C 179 -0.06 -9.94 -2.66
N LEU C 180 0.59 -8.79 -2.76
CA LEU C 180 1.19 -8.19 -1.56
C LEU C 180 0.25 -7.26 -0.82
N VAL C 181 -0.61 -6.54 -1.54
CA VAL C 181 -1.55 -5.67 -0.86
C VAL C 181 -2.68 -6.49 -0.23
N GLN C 182 -3.00 -7.63 -0.82
CA GLN C 182 -3.98 -8.51 -0.21
C GLN C 182 -3.40 -9.29 0.96
N ALA C 183 -2.09 -9.44 1.02
CA ALA C 183 -1.49 -10.13 2.15
C ALA C 183 -1.43 -9.24 3.39
N CYS C 184 -1.70 -7.95 3.25
CA CYS C 184 -1.75 -7.09 4.41
C CYS C 184 -3.03 -7.26 5.21
N PHE C 185 -4.08 -7.83 4.62
CA PHE C 185 -5.30 -8.02 5.40
C PHE C 185 -6.09 -9.29 5.09
N GLN C 186 -5.60 -10.23 4.29
CA GLN C 186 -6.38 -11.41 3.98
C GLN C 186 -5.48 -12.64 3.89
N GLN C 187 -6.01 -13.76 4.37
CA GLN C 187 -5.33 -15.05 4.30
C GLN C 187 -6.11 -15.95 3.37
N ILE C 188 -5.56 -17.12 3.09
CA ILE C 188 -6.25 -18.11 2.26
C ILE C 188 -6.52 -19.33 3.12
N GLN C 189 -7.55 -20.09 2.74
CA GLN C 189 -7.87 -21.31 3.46
C GLN C 189 -8.63 -22.25 2.54
N THR C 190 -8.63 -23.52 2.90
CA THR C 190 -9.28 -24.56 2.08
C THR C 190 -10.65 -24.87 2.66
N VAL C 191 -11.69 -24.40 1.98
CA VAL C 191 -13.06 -24.82 2.25
C VAL C 191 -13.29 -26.14 1.54
N THR C 192 -14.40 -26.80 1.82
CA THR C 192 -14.71 -28.05 1.14
C THR C 192 -16.22 -28.18 0.99
N LYS C 193 -16.62 -29.07 0.09
CA LYS C 193 -18.02 -29.39 -0.11
C LYS C 193 -18.41 -30.58 0.77
N LYS C 231 -14.12 -29.46 -6.40
CA LYS C 231 -14.87 -29.77 -5.20
C LYS C 231 -14.32 -29.03 -3.99
N LYS C 232 -13.01 -29.11 -3.80
CA LYS C 232 -12.34 -28.45 -2.68
C LYS C 232 -12.43 -26.93 -2.75
N GLY C 233 -11.72 -26.32 -3.70
CA GLY C 233 -11.71 -24.88 -3.82
C GLY C 233 -10.88 -24.20 -2.75
N LEU C 234 -10.49 -22.95 -3.05
CA LEU C 234 -9.70 -22.12 -2.16
C LEU C 234 -10.45 -20.82 -1.94
N GLU C 235 -10.50 -20.36 -0.70
CA GLU C 235 -11.34 -19.23 -0.33
C GLU C 235 -10.52 -18.27 0.54
N PHE C 236 -10.75 -16.97 0.37
CA PHE C 236 -10.04 -15.95 1.13
C PHE C 236 -10.78 -15.64 2.42
N LYS C 237 -10.22 -16.05 3.54
CA LYS C 237 -10.69 -15.63 4.85
C LYS C 237 -10.06 -14.30 5.22
N ASP C 238 -10.55 -13.69 6.29
CA ASP C 238 -10.08 -12.39 6.69
C ASP C 238 -9.10 -12.49 7.85
N GLY C 239 -8.18 -11.53 7.90
CA GLY C 239 -7.12 -11.53 8.89
C GLY C 239 -5.78 -11.30 8.25
N MET C 240 -4.86 -10.64 8.94
CA MET C 240 -3.58 -10.27 8.35
C MET C 240 -2.70 -11.50 8.15
N ASN C 241 -2.01 -11.54 7.02
CA ASN C 241 -1.11 -12.65 6.70
C ASN C 241 0.28 -12.27 7.18
N VAL C 242 0.66 -12.74 8.37
CA VAL C 242 1.91 -12.30 8.96
C VAL C 242 3.10 -13.04 8.35
N LEU C 243 2.96 -14.35 8.14
CA LEU C 243 4.10 -15.15 7.70
C LEU C 243 4.49 -14.84 6.26
N GLY C 244 3.53 -14.49 5.41
CA GLY C 244 3.85 -14.15 4.04
C GLY C 244 4.60 -12.85 3.93
N LEU C 245 4.20 -11.84 4.72
CA LEU C 245 4.91 -10.56 4.71
C LEU C 245 6.29 -10.70 5.33
N ILE C 246 6.42 -11.51 6.38
CA ILE C 246 7.72 -11.73 6.98
C ILE C 246 8.65 -12.46 6.01
N GLY C 247 8.12 -13.42 5.25
CA GLY C 247 8.94 -14.10 4.27
C GLY C 247 9.38 -13.20 3.12
N PHE C 248 8.46 -12.40 2.58
CA PHE C 248 8.81 -11.51 1.49
C PHE C 248 9.79 -10.44 1.93
N PHE C 249 9.63 -9.89 3.12
CA PHE C 249 10.55 -8.84 3.51
C PHE C 249 11.86 -9.37 4.06
N ILE C 250 11.92 -10.65 4.46
CA ILE C 250 13.20 -11.29 4.67
C ILE C 250 13.96 -11.38 3.35
N ALA C 251 13.27 -11.79 2.29
CA ALA C 251 13.89 -11.82 0.95
C ALA C 251 14.29 -10.43 0.49
N PHE C 252 13.48 -9.42 0.81
CA PHE C 252 13.76 -8.04 0.42
C PHE C 252 14.99 -7.49 1.13
N GLY C 253 15.07 -7.69 2.44
CA GLY C 253 16.23 -7.23 3.19
C GLY C 253 17.50 -7.96 2.84
N ILE C 254 17.41 -9.26 2.55
CA ILE C 254 18.60 -10.01 2.18
C ILE C 254 19.08 -9.59 0.79
N ALA C 255 18.16 -9.36 -0.14
CA ALA C 255 18.57 -8.89 -1.47
C ALA C 255 19.07 -7.45 -1.44
N MET C 256 18.59 -6.65 -0.49
CA MET C 256 19.07 -5.27 -0.38
C MET C 256 20.44 -5.20 0.26
N GLY C 257 20.71 -6.08 1.23
CA GLY C 257 22.02 -6.08 1.88
C GLY C 257 23.16 -6.50 0.97
N LYS C 258 22.86 -7.18 -0.13
CA LYS C 258 23.89 -7.56 -1.08
C LYS C 258 24.16 -6.50 -2.13
N MET C 259 23.33 -5.46 -2.23
CA MET C 259 23.62 -4.39 -3.16
C MET C 259 24.76 -3.52 -2.67
N GLY C 260 24.96 -3.44 -1.36
CA GLY C 260 26.09 -2.74 -0.81
C GLY C 260 25.79 -1.27 -0.63
N ASP C 261 26.67 -0.42 -1.17
CA ASP C 261 26.53 1.02 -1.02
C ASP C 261 25.62 1.64 -2.05
N GLN C 262 25.10 0.86 -3.00
CA GLN C 262 24.14 1.41 -3.95
C GLN C 262 22.79 1.66 -3.29
N ALA C 263 22.40 0.78 -2.38
CA ALA C 263 21.13 0.92 -1.67
C ALA C 263 21.31 1.60 -0.32
N LYS C 264 21.88 2.79 -0.33
CA LYS C 264 22.01 3.56 0.91
C LYS C 264 20.82 4.46 1.16
N LEU C 265 20.24 5.00 0.08
CA LEU C 265 19.06 5.85 0.18
C LEU C 265 17.87 5.10 0.74
N MET C 266 17.67 3.84 0.34
CA MET C 266 16.55 3.08 0.85
C MET C 266 16.72 2.67 2.31
N VAL C 267 17.94 2.32 2.74
CA VAL C 267 18.10 1.99 4.15
C VAL C 267 18.02 3.24 5.01
N ASP C 268 18.37 4.42 4.49
CA ASP C 268 18.15 5.64 5.27
C ASP C 268 16.67 5.97 5.39
N PHE C 269 15.91 5.77 4.30
CA PHE C 269 14.47 5.97 4.33
C PHE C 269 13.80 5.04 5.35
N PHE C 270 14.20 3.77 5.35
CA PHE C 270 13.57 2.84 6.30
C PHE C 270 14.07 3.03 7.71
N ASN C 271 15.28 3.56 7.92
CA ASN C 271 15.72 3.92 9.26
C ASN C 271 14.88 5.05 9.82
N ILE C 272 14.57 6.05 8.98
CA ILE C 272 13.73 7.16 9.43
C ILE C 272 12.32 6.68 9.75
N LEU C 273 11.79 5.77 8.93
CA LEU C 273 10.47 5.20 9.21
C LEU C 273 10.46 4.37 10.49
N ASN C 274 11.56 3.69 10.78
CA ASN C 274 11.65 2.89 11.99
C ASN C 274 11.72 3.77 13.24
N GLU C 275 12.45 4.88 13.17
CA GLU C 275 12.50 5.77 14.33
C GLU C 275 11.15 6.42 14.60
N ILE C 276 10.41 6.77 13.53
CA ILE C 276 9.10 7.38 13.70
C ILE C 276 8.12 6.40 14.31
N VAL C 277 8.11 5.15 13.83
CA VAL C 277 7.16 4.19 14.36
C VAL C 277 7.56 3.73 15.76
N MET C 278 8.84 3.83 16.14
CA MET C 278 9.20 3.53 17.52
C MET C 278 8.79 4.64 18.47
N LYS C 279 8.83 5.90 18.05
CA LYS C 279 8.28 6.97 18.87
C LYS C 279 6.77 6.83 19.03
N LEU C 280 6.08 6.37 17.98
CA LEU C 280 4.65 6.15 18.07
C LEU C 280 4.32 5.01 19.02
N VAL C 281 5.13 3.95 19.02
CA VAL C 281 4.94 2.85 19.98
C VAL C 281 5.21 3.31 21.40
N ILE C 282 6.17 4.23 21.60
CA ILE C 282 6.41 4.82 22.91
C ILE C 282 5.23 5.62 23.45
N MET C 283 4.54 6.40 22.62
CA MET C 283 3.41 7.21 23.11
C MET C 283 2.21 6.36 23.54
N ILE C 284 1.86 5.33 22.76
CA ILE C 284 0.69 4.53 23.06
C ILE C 284 0.89 3.72 24.33
N MET C 285 2.13 3.30 24.58
CA MET C 285 2.40 2.61 25.83
C MET C 285 2.37 3.55 27.03
N TRP C 286 2.51 4.86 26.82
CA TRP C 286 2.20 5.78 27.90
C TRP C 286 0.70 5.89 28.12
N TYR C 287 -0.08 5.76 27.05
CA TYR C 287 -1.54 5.76 27.24
C TYR C 287 -2.02 4.50 27.96
N SER C 288 -1.34 3.37 27.74
CA SER C 288 -1.69 2.01 28.16
C SER C 288 -2.25 1.73 29.58
N PRO C 289 -1.80 2.39 30.67
CA PRO C 289 -2.37 2.03 31.99
C PRO C 289 -3.82 2.42 32.19
N LEU C 290 -4.40 3.24 31.32
CA LEU C 290 -5.85 3.44 31.33
C LEU C 290 -6.59 2.34 30.59
N GLY C 291 -6.05 1.85 29.48
CA GLY C 291 -6.70 0.80 28.72
C GLY C 291 -6.64 -0.55 29.40
N ILE C 292 -5.53 -0.84 30.09
CA ILE C 292 -5.41 -2.11 30.79
C ILE C 292 -6.41 -2.21 31.93
N ALA C 293 -6.65 -1.08 32.61
CA ALA C 293 -7.62 -1.06 33.71
C ALA C 293 -9.04 -1.31 33.21
N CYS C 294 -9.41 -0.69 32.09
CA CYS C 294 -10.74 -0.88 31.55
C CYS C 294 -10.92 -2.29 31.01
N LEU C 295 -9.86 -2.87 30.42
CA LEU C 295 -9.96 -4.25 29.95
C LEU C 295 -10.10 -5.24 31.10
N ILE C 296 -9.39 -5.01 32.20
CA ILE C 296 -9.51 -5.89 33.35
C ILE C 296 -10.88 -5.77 34.00
N CYS C 297 -11.42 -4.54 34.07
CA CYS C 297 -12.75 -4.35 34.65
C CYS C 297 -13.83 -5.00 33.79
N GLY C 298 -13.72 -4.86 32.46
CA GLY C 298 -14.64 -5.53 31.56
C GLY C 298 -14.50 -7.04 31.54
N LYS C 299 -13.32 -7.57 31.88
CA LYS C 299 -13.17 -9.01 31.92
C LYS C 299 -13.62 -9.58 33.27
N ILE C 300 -13.55 -8.79 34.33
CA ILE C 300 -14.00 -9.29 35.62
C ILE C 300 -15.52 -9.23 35.71
N ILE C 301 -16.14 -8.20 35.12
CA ILE C 301 -17.59 -8.04 35.22
C ILE C 301 -18.33 -9.14 34.46
N ALA C 302 -17.75 -9.61 33.36
CA ALA C 302 -18.46 -10.56 32.50
C ALA C 302 -17.81 -11.94 32.52
N ILE C 303 -17.48 -12.45 33.70
CA ILE C 303 -16.76 -13.72 33.79
C ILE C 303 -17.66 -14.90 34.16
N LYS C 304 -18.83 -14.65 34.76
CA LYS C 304 -19.94 -15.58 35.04
C LYS C 304 -19.62 -16.62 36.12
N ASP C 305 -18.35 -16.73 36.51
CA ASP C 305 -17.87 -17.60 37.59
C ASP C 305 -16.43 -17.22 37.90
N LEU C 306 -16.10 -17.00 39.16
CA LEU C 306 -14.81 -16.44 39.51
C LEU C 306 -13.74 -17.47 39.82
N GLU C 307 -14.10 -18.60 40.43
CA GLU C 307 -13.13 -19.61 40.78
C GLU C 307 -12.80 -20.55 39.63
N VAL C 308 -13.35 -20.32 38.44
CA VAL C 308 -12.97 -21.12 37.28
C VAL C 308 -11.92 -20.39 36.46
N VAL C 309 -11.74 -19.08 36.66
CA VAL C 309 -10.68 -18.39 35.95
C VAL C 309 -9.45 -18.26 36.84
N ALA C 310 -9.62 -18.31 38.16
CA ALA C 310 -8.49 -18.31 39.07
C ALA C 310 -7.79 -19.66 39.12
N ARG C 311 -8.40 -20.70 38.57
CA ARG C 311 -7.73 -21.99 38.47
C ARG C 311 -6.89 -22.07 37.22
N GLN C 312 -7.41 -21.57 36.09
CA GLN C 312 -6.59 -21.60 34.89
C GLN C 312 -5.52 -20.51 34.92
N LEU C 313 -5.74 -19.41 35.64
CA LEU C 313 -4.63 -18.49 35.83
C LEU C 313 -3.58 -19.01 36.80
N GLY C 314 -3.88 -20.06 37.56
CA GLY C 314 -2.87 -20.70 38.37
C GLY C 314 -2.12 -21.75 37.58
N MET C 315 -2.86 -22.55 36.79
CA MET C 315 -2.22 -23.57 35.98
C MET C 315 -1.39 -22.97 34.85
N TYR C 316 -1.72 -21.75 34.41
CA TYR C 316 -0.91 -21.07 33.42
C TYR C 316 0.44 -20.65 33.99
N MET C 317 0.45 -20.14 35.22
CA MET C 317 1.72 -19.86 35.87
C MET C 317 2.50 -21.14 36.16
N VAL C 318 1.80 -22.23 36.45
CA VAL C 318 2.49 -23.49 36.71
C VAL C 318 3.13 -24.03 35.44
N THR C 319 2.46 -23.94 34.29
CA THR C 319 3.09 -24.45 33.08
C THR C 319 4.19 -23.54 32.57
N VAL C 320 4.12 -22.22 32.84
CA VAL C 320 5.23 -21.35 32.48
C VAL C 320 6.45 -21.63 33.36
N ILE C 321 6.24 -21.85 34.65
CA ILE C 321 7.36 -22.17 35.54
C ILE C 321 7.98 -23.53 35.23
N ILE C 322 7.15 -24.54 34.93
CA ILE C 322 7.67 -25.85 34.49
C ILE C 322 8.45 -25.72 33.18
N GLY C 323 7.96 -24.91 32.25
CA GLY C 323 8.68 -24.65 31.02
C GLY C 323 10.04 -24.00 31.21
N LEU C 324 10.10 -22.98 32.07
CA LEU C 324 11.36 -22.30 32.34
C LEU C 324 12.35 -23.23 33.03
N ILE C 325 11.87 -23.98 34.03
CA ILE C 325 12.72 -24.88 34.81
C ILE C 325 13.28 -25.98 33.92
N ILE C 326 12.42 -26.62 33.11
CA ILE C 326 12.83 -27.71 32.25
C ILE C 326 13.81 -27.20 31.20
N HIS C 327 13.44 -26.11 30.50
CA HIS C 327 14.26 -25.52 29.44
C HIS C 327 15.64 -25.14 29.94
N GLY C 328 15.73 -24.22 30.90
CA GLY C 328 17.01 -23.85 31.48
C GLY C 328 17.74 -25.03 32.11
N GLY C 329 17.25 -25.53 33.24
CA GLY C 329 17.92 -26.55 34.03
C GLY C 329 18.24 -27.87 33.37
N ILE C 330 17.52 -28.28 32.33
CA ILE C 330 17.88 -29.51 31.64
C ILE C 330 18.53 -29.20 30.31
N PHE C 331 17.84 -28.42 29.46
CA PHE C 331 18.25 -28.33 28.07
C PHE C 331 19.52 -27.50 27.90
N LEU C 332 19.81 -26.56 28.81
CA LEU C 332 21.02 -25.77 28.62
C LEU C 332 22.28 -26.48 29.10
N PRO C 333 22.31 -27.16 30.26
CA PRO C 333 23.49 -27.99 30.55
C PRO C 333 23.63 -29.19 29.65
N LEU C 334 22.55 -29.71 29.08
CA LEU C 334 22.67 -30.82 28.14
C LEU C 334 23.30 -30.35 26.83
N ILE C 335 22.93 -29.16 26.36
CA ILE C 335 23.45 -28.64 25.11
C ILE C 335 24.85 -28.10 25.36
N TYR C 336 25.19 -27.88 26.63
CA TYR C 336 26.58 -27.54 26.94
C TYR C 336 27.44 -28.79 27.06
N PHE C 337 26.84 -29.92 27.44
CA PHE C 337 27.64 -31.12 27.64
C PHE C 337 27.99 -31.79 26.33
N VAL C 338 27.05 -31.83 25.36
CA VAL C 338 27.32 -32.55 24.11
C VAL C 338 28.19 -31.75 23.14
N VAL C 339 28.54 -30.51 23.47
CA VAL C 339 29.34 -29.69 22.57
C VAL C 339 30.73 -29.51 23.18
N THR C 340 30.77 -28.98 24.40
CA THR C 340 32.06 -28.63 24.99
C THR C 340 32.68 -29.79 25.76
N ARG C 341 31.84 -30.70 26.28
CA ARG C 341 32.25 -31.84 27.10
C ARG C 341 33.03 -31.42 28.34
N LYS C 342 32.69 -30.27 28.89
CA LYS C 342 33.16 -29.81 30.19
C LYS C 342 32.05 -30.01 31.20
N ASN C 343 32.41 -30.00 32.48
CA ASN C 343 31.44 -30.28 33.53
C ASN C 343 30.57 -29.04 33.75
N PRO C 344 29.28 -29.09 33.46
CA PRO C 344 28.47 -27.86 33.44
C PRO C 344 28.03 -27.37 34.81
N PHE C 345 28.34 -28.09 35.89
CA PHE C 345 27.96 -27.61 37.22
C PHE C 345 28.93 -26.56 37.75
N SER C 346 30.21 -26.64 37.39
CA SER C 346 31.13 -25.55 37.66
C SER C 346 30.76 -24.30 36.86
N PHE C 347 30.06 -24.48 35.73
CA PHE C 347 29.59 -23.32 34.99
C PHE C 347 28.50 -22.58 35.74
N PHE C 348 27.56 -23.29 36.37
CA PHE C 348 26.59 -22.61 37.23
C PHE C 348 27.25 -22.09 38.50
N ALA C 349 28.32 -22.72 38.95
CA ALA C 349 29.08 -22.15 40.07
C ALA C 349 29.76 -20.86 39.66
N GLY C 350 30.04 -20.67 38.38
CA GLY C 350 30.64 -19.45 37.92
C GLY C 350 29.69 -18.28 37.73
N ILE C 351 28.52 -18.52 37.14
CA ILE C 351 27.64 -17.44 36.73
C ILE C 351 26.53 -17.19 37.75
N PHE C 352 26.75 -17.58 39.00
CA PHE C 352 25.69 -17.52 40.02
C PHE C 352 25.29 -16.09 40.35
N GLN C 353 26.25 -15.18 40.43
CA GLN C 353 25.94 -13.80 40.76
C GLN C 353 25.19 -13.11 39.65
N ALA C 354 25.46 -13.48 38.39
CA ALA C 354 24.69 -12.95 37.28
C ALA C 354 23.25 -13.42 37.33
N TRP C 355 23.02 -14.66 37.75
CA TRP C 355 21.66 -15.18 37.88
C TRP C 355 20.91 -14.51 39.01
N ILE C 356 21.57 -14.29 40.16
CA ILE C 356 20.94 -13.61 41.28
C ILE C 356 20.61 -12.16 40.92
N THR C 357 21.53 -11.49 40.23
CA THR C 357 21.28 -10.11 39.83
C THR C 357 20.21 -10.01 38.75
N ALA C 358 20.09 -11.02 37.89
CA ALA C 358 19.01 -11.03 36.91
C ALA C 358 17.66 -11.28 37.58
N LEU C 359 17.64 -12.07 38.65
CA LEU C 359 16.42 -12.19 39.45
C LEU C 359 16.11 -10.87 40.15
N GLY C 360 17.14 -10.13 40.54
CA GLY C 360 16.95 -8.87 41.23
C GLY C 360 16.44 -7.74 40.37
N THR C 361 17.22 -7.30 39.38
CA THR C 361 16.87 -6.11 38.64
C THR C 361 15.83 -6.34 37.56
N ALA C 362 15.51 -7.61 37.27
CA ALA C 362 14.45 -8.02 36.33
C ALA C 362 14.64 -7.44 34.94
N SER C 363 15.89 -7.29 34.50
CA SER C 363 16.19 -6.74 33.19
C SER C 363 17.53 -7.27 32.72
N SER C 364 17.55 -7.85 31.52
CA SER C 364 18.78 -8.40 30.97
C SER C 364 19.75 -7.32 30.52
N ALA C 365 19.26 -6.14 30.16
CA ALA C 365 20.13 -5.07 29.66
C ALA C 365 20.97 -4.44 30.76
N GLY C 366 20.41 -4.29 31.96
CA GLY C 366 21.17 -3.72 33.06
C GLY C 366 22.04 -4.69 33.81
N THR C 367 22.05 -5.95 33.40
CA THR C 367 22.79 -7.00 34.11
C THR C 367 24.12 -7.31 33.41
N LEU C 368 24.49 -6.51 32.41
CA LEU C 368 25.75 -6.74 31.70
C LEU C 368 27.02 -6.57 32.54
N PRO C 369 27.21 -5.52 33.36
CA PRO C 369 28.47 -5.45 34.13
C PRO C 369 28.60 -6.49 35.22
N VAL C 370 27.53 -7.20 35.56
CA VAL C 370 27.66 -8.31 36.49
C VAL C 370 28.08 -9.57 35.77
N THR C 371 27.46 -9.87 34.62
CA THR C 371 27.80 -11.09 33.91
C THR C 371 29.14 -11.01 33.22
N PHE C 372 29.63 -9.81 32.89
CA PHE C 372 31.00 -9.67 32.39
C PHE C 372 32.01 -10.03 33.46
N ARG C 373 31.86 -9.43 34.65
CA ARG C 373 32.71 -9.73 35.80
C ARG C 373 32.57 -11.17 36.27
N CYS C 374 31.44 -11.82 35.99
CA CYS C 374 31.33 -13.24 36.27
C CYS C 374 32.11 -14.06 35.26
N LEU C 375 31.79 -13.91 33.97
CA LEU C 375 32.33 -14.79 32.94
C LEU C 375 33.82 -14.62 32.76
N GLU C 376 34.27 -13.40 32.38
CA GLU C 376 35.66 -13.24 31.99
C GLU C 376 36.62 -13.11 33.17
N GLU C 377 36.14 -13.39 34.39
CA GLU C 377 37.01 -13.38 35.56
C GLU C 377 36.88 -14.69 36.33
N ASN C 378 35.83 -15.49 36.07
CA ASN C 378 35.65 -16.74 36.80
C ASN C 378 35.72 -17.97 35.93
N LEU C 379 35.43 -17.88 34.62
CA LEU C 379 35.35 -19.08 33.81
C LEU C 379 36.40 -19.15 32.70
N GLY C 380 37.32 -18.20 32.63
CA GLY C 380 38.38 -18.26 31.65
C GLY C 380 37.96 -18.00 30.23
N ILE C 381 36.82 -17.35 30.02
CA ILE C 381 36.38 -17.00 28.68
C ILE C 381 37.19 -15.80 28.20
N ASP C 382 37.59 -15.83 26.93
CA ASP C 382 38.42 -14.77 26.38
C ASP C 382 37.58 -13.51 26.18
N LYS C 383 38.24 -12.36 26.31
CA LYS C 383 37.57 -11.08 26.15
C LYS C 383 37.19 -10.78 24.70
N ARG C 384 37.77 -11.49 23.73
CA ARG C 384 37.34 -11.33 22.36
C ARG C 384 36.02 -12.04 22.08
N VAL C 385 35.60 -12.94 22.97
CA VAL C 385 34.36 -13.67 22.78
C VAL C 385 33.20 -12.97 23.46
N THR C 386 33.38 -12.59 24.74
CA THR C 386 32.28 -12.03 25.51
C THR C 386 31.86 -10.67 24.99
N ARG C 387 32.83 -9.83 24.61
CA ARG C 387 32.58 -8.47 24.13
C ARG C 387 31.79 -8.42 22.83
N PHE C 388 31.65 -9.53 22.12
CA PHE C 388 30.69 -9.63 21.04
C PHE C 388 29.46 -10.44 21.41
N VAL C 389 29.62 -11.56 22.12
CA VAL C 389 28.52 -12.50 22.31
C VAL C 389 27.49 -11.95 23.28
N LEU C 390 27.92 -11.40 24.40
CA LEU C 390 26.98 -10.89 25.38
C LEU C 390 26.19 -9.63 24.96
N PRO C 391 26.78 -8.57 24.37
CA PRO C 391 25.94 -7.41 24.04
C PRO C 391 25.03 -7.61 22.85
N VAL C 392 25.13 -8.70 22.11
CA VAL C 392 24.10 -9.01 21.13
C VAL C 392 23.14 -10.07 21.67
N GLY C 393 23.58 -10.87 22.63
CA GLY C 393 22.69 -11.81 23.28
C GLY C 393 21.75 -11.16 24.25
N ALA C 394 22.10 -9.99 24.75
CA ALA C 394 21.17 -9.22 25.57
C ALA C 394 20.13 -8.47 24.74
N THR C 395 20.17 -8.61 23.43
CA THR C 395 19.20 -7.99 22.54
C THR C 395 18.40 -9.00 21.74
N ILE C 396 19.02 -10.00 21.15
CA ILE C 396 18.31 -10.92 20.27
C ILE C 396 18.14 -12.30 20.85
N ASN C 397 18.81 -12.63 21.95
CA ASN C 397 18.69 -13.96 22.55
C ASN C 397 17.78 -13.87 23.76
N MET C 398 16.48 -13.99 23.51
CA MET C 398 15.46 -14.02 24.54
C MET C 398 14.74 -15.35 24.39
N ASP C 399 15.25 -16.39 25.05
CA ASP C 399 14.63 -17.70 24.98
C ASP C 399 13.67 -17.99 26.11
N GLY C 400 13.56 -17.09 27.08
CA GLY C 400 12.52 -17.23 28.07
C GLY C 400 11.26 -16.59 27.56
N THR C 401 11.42 -15.47 26.85
CA THR C 401 10.27 -14.78 26.26
C THR C 401 9.66 -15.60 25.13
N ALA C 402 10.46 -16.41 24.45
CA ALA C 402 9.92 -17.28 23.41
C ALA C 402 9.02 -18.36 24.00
N LEU C 403 9.45 -18.98 25.10
CA LEU C 403 8.63 -19.99 25.76
C LEU C 403 7.38 -19.37 26.38
N TYR C 404 7.52 -18.17 26.94
CA TYR C 404 6.37 -17.49 27.54
C TYR C 404 5.34 -17.11 26.49
N GLU C 405 5.78 -16.57 25.37
CA GLU C 405 4.85 -16.15 24.34
C GLU C 405 4.34 -17.30 23.49
N ALA C 406 5.00 -18.46 23.52
CA ALA C 406 4.42 -19.63 22.87
C ALA C 406 3.45 -20.36 23.78
N VAL C 407 3.59 -20.22 25.09
CA VAL C 407 2.58 -20.76 26.00
C VAL C 407 1.36 -19.86 26.04
N ALA C 408 1.56 -18.55 26.16
CA ALA C 408 0.49 -17.62 26.43
C ALA C 408 -0.37 -17.30 25.22
N ALA C 409 -0.06 -17.82 24.04
CA ALA C 409 -0.96 -17.68 22.90
C ALA C 409 -1.91 -18.86 22.81
N ILE C 410 -1.38 -20.06 22.99
CA ILE C 410 -2.22 -21.25 23.01
C ILE C 410 -3.06 -21.30 24.29
N PHE C 411 -2.66 -20.60 25.34
CA PHE C 411 -3.53 -20.48 26.51
C PHE C 411 -4.76 -19.64 26.21
N ILE C 412 -4.59 -18.54 25.47
CA ILE C 412 -5.75 -17.74 25.05
C ILE C 412 -6.57 -18.50 24.03
N ALA C 413 -5.94 -19.31 23.19
CA ALA C 413 -6.68 -20.18 22.28
C ALA C 413 -7.48 -21.23 23.03
N GLN C 414 -6.99 -21.71 24.17
CA GLN C 414 -7.73 -22.71 24.91
C GLN C 414 -8.79 -22.10 25.81
N MET C 415 -8.65 -20.83 26.19
CA MET C 415 -9.68 -20.21 27.02
C MET C 415 -10.94 -19.91 26.22
N ASN C 416 -10.79 -19.57 24.95
CA ASN C 416 -11.95 -19.28 24.10
C ASN C 416 -12.48 -20.50 23.39
N GLY C 417 -12.04 -21.70 23.77
CA GLY C 417 -12.56 -22.92 23.19
C GLY C 417 -12.05 -23.26 21.81
N VAL C 418 -11.16 -22.47 21.25
CA VAL C 418 -10.62 -22.73 19.91
C VAL C 418 -9.65 -23.89 20.00
N VAL C 419 -9.72 -24.79 19.04
CA VAL C 419 -8.73 -25.86 18.90
C VAL C 419 -7.84 -25.51 17.69
N LEU C 420 -6.56 -25.37 17.93
CA LEU C 420 -5.63 -25.04 16.86
C LEU C 420 -5.27 -26.31 16.09
N ASP C 421 -5.28 -26.20 14.76
CA ASP C 421 -4.96 -27.33 13.91
C ASP C 421 -3.45 -27.42 13.74
N GLY C 422 -3.00 -28.24 12.79
CA GLY C 422 -1.58 -28.39 12.55
C GLY C 422 -0.94 -27.21 11.84
N GLY C 423 -1.73 -26.28 11.33
CA GLY C 423 -1.19 -25.16 10.60
C GLY C 423 -1.07 -23.91 11.45
N GLN C 424 -1.77 -23.89 12.59
CA GLN C 424 -1.65 -22.78 13.52
C GLN C 424 -0.63 -23.05 14.62
N ILE C 425 -0.34 -24.31 14.90
CA ILE C 425 0.72 -24.66 15.84
C ILE C 425 2.07 -24.22 15.30
N VAL C 426 2.33 -24.46 14.02
CA VAL C 426 3.58 -24.03 13.41
C VAL C 426 3.63 -22.51 13.29
N THR C 427 2.47 -21.86 13.12
CA THR C 427 2.44 -20.41 13.06
C THR C 427 2.76 -19.80 14.43
N VAL C 428 2.25 -20.40 15.51
CA VAL C 428 2.60 -19.95 16.86
C VAL C 428 4.07 -20.19 17.13
N SER C 429 4.59 -21.36 16.73
CA SER C 429 5.99 -21.68 16.99
C SER C 429 6.96 -20.82 16.19
N LEU C 430 6.55 -20.29 15.03
CA LEU C 430 7.43 -19.40 14.29
C LEU C 430 7.27 -17.95 14.71
N THR C 431 6.04 -17.52 15.00
CA THR C 431 5.84 -16.14 15.38
C THR C 431 6.32 -15.87 16.80
N ALA C 432 6.33 -16.87 17.68
CA ALA C 432 6.92 -16.68 19.00
C ALA C 432 8.43 -16.51 18.92
N THR C 433 9.07 -17.24 18.00
CA THR C 433 10.49 -17.04 17.74
C THR C 433 10.78 -15.66 17.18
N LEU C 434 9.98 -15.21 16.22
CA LEU C 434 10.22 -13.90 15.63
C LEU C 434 9.85 -12.76 16.58
N ALA C 435 8.94 -13.01 17.51
CA ALA C 435 8.53 -11.96 18.44
C ALA C 435 9.38 -11.90 19.69
N SER C 436 10.05 -12.99 20.07
CA SER C 436 10.98 -12.93 21.19
C SER C 436 12.20 -12.08 20.87
N VAL C 437 12.61 -12.05 19.60
CA VAL C 437 13.73 -11.21 19.20
C VAL C 437 13.29 -9.75 19.16
N GLY C 438 12.01 -9.51 18.92
CA GLY C 438 11.51 -8.15 18.78
C GLY C 438 11.05 -7.52 20.08
N ALA C 439 10.75 -8.33 21.08
CA ALA C 439 10.34 -7.82 22.38
C ALA C 439 11.46 -7.10 23.12
N ALA C 440 12.72 -7.45 22.85
CA ALA C 440 13.83 -6.79 23.51
C ALA C 440 14.52 -5.76 22.63
N SER C 441 14.43 -5.91 21.31
CA SER C 441 15.08 -4.97 20.41
C SER C 441 14.31 -3.66 20.28
N ILE C 442 13.00 -3.70 20.50
CA ILE C 442 12.14 -2.52 20.42
C ILE C 442 11.78 -2.11 21.83
N PRO C 443 12.11 -0.89 22.26
CA PRO C 443 11.82 -0.49 23.64
C PRO C 443 10.34 -0.24 23.85
N SER C 444 9.87 -0.64 25.03
CA SER C 444 8.47 -0.50 25.49
C SER C 444 7.49 -1.17 24.55
N ALA C 445 7.93 -2.24 23.89
CA ALA C 445 7.08 -3.01 22.99
C ALA C 445 7.03 -4.43 23.53
N GLY C 446 6.15 -4.65 24.50
CA GLY C 446 5.98 -5.96 25.06
C GLY C 446 4.55 -6.40 24.88
N LEU C 447 3.70 -5.44 24.52
CA LEU C 447 2.31 -5.71 24.23
C LEU C 447 2.03 -5.83 22.75
N VAL C 448 2.88 -5.26 21.90
CA VAL C 448 2.68 -5.40 20.47
C VAL C 448 3.15 -6.78 19.99
N THR C 449 4.04 -7.43 20.74
CA THR C 449 4.52 -8.75 20.35
C THR C 449 3.48 -9.82 20.60
N MET C 450 2.67 -9.67 21.65
CA MET C 450 1.59 -10.61 21.91
C MET C 450 0.47 -10.44 20.89
N LEU C 451 0.18 -9.20 20.52
CA LEU C 451 -0.83 -8.94 19.51
C LEU C 451 -0.39 -9.43 18.15
N LEU C 452 0.92 -9.47 17.89
CA LEU C 452 1.42 -10.05 16.65
C LEU C 452 1.05 -11.53 16.53
N ILE C 453 1.23 -12.31 17.60
CA ILE C 453 0.88 -13.72 17.55
C ILE C 453 -0.64 -13.91 17.53
N LEU C 454 -1.36 -13.13 18.34
CA LEU C 454 -2.80 -13.31 18.45
C LEU C 454 -3.53 -12.87 17.17
N THR C 455 -2.90 -12.04 16.34
CA THR C 455 -3.48 -11.81 15.03
C THR C 455 -2.79 -12.61 13.94
N ALA C 456 -1.68 -13.28 14.24
CA ALA C 456 -1.11 -14.20 13.27
C ALA C 456 -1.94 -15.47 13.17
N VAL C 457 -2.49 -15.93 14.29
CA VAL C 457 -3.34 -17.11 14.23
C VAL C 457 -4.82 -16.79 14.35
N GLY C 458 -5.18 -15.50 14.38
CA GLY C 458 -6.57 -15.11 14.35
C GLY C 458 -7.35 -15.43 15.61
N LEU C 459 -7.01 -14.76 16.71
CA LEU C 459 -7.62 -15.02 18.01
C LEU C 459 -8.18 -13.74 18.59
N PRO C 460 -9.18 -13.83 19.46
CA PRO C 460 -9.68 -12.63 20.15
C PRO C 460 -8.64 -12.09 21.13
N THR C 461 -8.29 -10.82 20.95
CA THR C 461 -7.20 -10.21 21.69
C THR C 461 -7.65 -9.57 23.00
N GLU C 462 -8.94 -9.66 23.31
CA GLU C 462 -9.47 -9.02 24.51
C GLU C 462 -9.21 -9.84 25.77
N ASP C 463 -8.74 -11.08 25.63
CA ASP C 463 -8.40 -11.92 26.76
C ASP C 463 -6.96 -11.68 27.23
N ILE C 464 -6.28 -10.68 26.66
CA ILE C 464 -4.90 -10.40 27.00
C ILE C 464 -4.78 -9.70 28.35
N SER C 465 -5.89 -9.23 28.92
CA SER C 465 -5.83 -8.51 30.18
C SER C 465 -5.63 -9.47 31.35
N LEU C 466 -5.94 -10.75 31.15
CA LEU C 466 -5.66 -11.73 32.19
C LEU C 466 -4.21 -12.18 32.20
N LEU C 467 -3.43 -11.75 31.20
CA LEU C 467 -2.02 -12.10 31.16
C LEU C 467 -1.17 -10.99 31.78
N VAL C 468 -1.62 -9.74 31.66
CA VAL C 468 -0.91 -8.61 32.24
C VAL C 468 -1.03 -8.61 33.75
N ALA C 469 -2.08 -9.22 34.29
CA ALA C 469 -2.26 -9.26 35.74
C ALA C 469 -1.30 -10.22 36.44
N VAL C 470 -0.60 -11.08 35.69
CA VAL C 470 0.40 -11.96 36.27
C VAL C 470 1.77 -11.83 35.62
N ASP C 471 1.98 -10.80 34.79
CA ASP C 471 3.25 -10.68 34.08
C ASP C 471 4.37 -10.23 35.01
N TRP C 472 4.04 -9.47 36.05
CA TRP C 472 5.08 -9.00 36.97
C TRP C 472 5.44 -10.04 38.02
N LEU C 473 4.79 -11.21 37.98
CA LEU C 473 5.28 -12.35 38.75
C LEU C 473 6.11 -13.29 37.89
N LEU C 474 6.23 -13.02 36.59
CA LEU C 474 6.89 -13.93 35.66
C LEU C 474 8.05 -13.32 34.90
N ASP C 475 8.12 -12.00 34.73
CA ASP C 475 9.26 -11.44 34.00
C ASP C 475 10.56 -11.53 34.79
N ARG C 476 10.46 -11.53 36.12
CA ARG C 476 11.62 -11.69 36.99
C ARG C 476 12.24 -13.07 36.88
N MET C 477 11.51 -14.06 36.38
CA MET C 477 12.08 -15.37 36.09
C MET C 477 12.29 -15.60 34.61
N ARG C 478 11.66 -14.81 33.74
CA ARG C 478 12.03 -14.84 32.32
C ARG C 478 13.44 -14.31 32.11
N THR C 479 13.79 -13.26 32.85
CA THR C 479 15.10 -12.63 32.71
C THR C 479 16.22 -13.57 33.15
N SER C 480 15.93 -14.46 34.09
CA SER C 480 16.90 -15.43 34.56
C SER C 480 17.26 -16.44 33.48
N VAL C 481 16.26 -16.94 32.75
CA VAL C 481 16.51 -17.90 31.68
C VAL C 481 17.21 -17.20 30.52
N ASN C 482 16.88 -15.92 30.27
CA ASN C 482 17.58 -15.16 29.23
C ASN C 482 19.07 -15.00 29.56
N VAL C 483 19.40 -14.67 30.81
CA VAL C 483 20.79 -14.46 31.19
C VAL C 483 21.56 -15.79 31.19
N VAL C 484 20.92 -16.87 31.63
CA VAL C 484 21.58 -18.18 31.62
C VAL C 484 21.82 -18.65 30.18
N GLY C 485 20.87 -18.39 29.28
CA GLY C 485 21.10 -18.68 27.87
C GLY C 485 22.18 -17.84 27.23
N ASP C 486 22.38 -16.61 27.70
CA ASP C 486 23.52 -15.82 27.23
C ASP C 486 24.84 -16.38 27.71
N SER C 487 24.90 -16.76 28.99
CA SER C 487 26.16 -17.23 29.58
C SER C 487 26.59 -18.56 28.97
N PHE C 488 25.64 -19.44 28.69
CA PHE C 488 26.01 -20.71 28.06
C PHE C 488 26.44 -20.50 26.61
N GLY C 489 25.89 -19.50 25.94
CA GLY C 489 26.35 -19.19 24.59
C GLY C 489 27.76 -18.64 24.57
N ALA C 490 28.08 -17.78 25.54
CA ALA C 490 29.47 -17.32 25.67
C ALA C 490 30.40 -18.42 26.15
N GLY C 491 29.88 -19.48 26.76
CA GLY C 491 30.73 -20.61 27.09
C GLY C 491 30.94 -21.57 25.94
N ILE C 492 29.99 -21.61 25.01
CA ILE C 492 30.04 -22.52 23.88
C ILE C 492 30.83 -21.94 22.71
N VAL C 493 30.60 -20.66 22.39
CA VAL C 493 31.27 -20.02 21.27
C VAL C 493 32.78 -19.90 21.52
N TYR C 494 33.21 -19.77 22.77
CA TYR C 494 34.63 -19.85 23.09
C TYR C 494 35.23 -21.22 22.85
N HIS C 495 34.50 -22.30 23.14
CA HIS C 495 35.02 -23.63 22.89
C HIS C 495 35.01 -24.01 21.42
N LEU C 496 34.07 -23.51 20.62
CA LEU C 496 34.11 -23.74 19.19
C LEU C 496 35.07 -22.80 18.46
N SER C 497 35.77 -21.93 19.19
CA SER C 497 36.71 -21.01 18.57
C SER C 497 38.01 -20.90 19.36
N LYS C 498 38.52 -22.01 19.90
CA LYS C 498 39.77 -21.94 20.63
C LYS C 498 40.96 -21.86 19.68
N SER C 499 40.93 -22.65 18.60
CA SER C 499 42.06 -22.77 17.70
C SER C 499 42.31 -21.50 16.89
N GLU C 500 41.24 -20.87 16.40
CA GLU C 500 41.40 -19.65 15.61
C GLU C 500 41.93 -18.51 16.45
N LEU C 501 41.45 -18.40 17.69
CA LEU C 501 41.99 -17.40 18.61
C LEU C 501 43.41 -17.72 19.02
N ASP C 502 43.78 -19.01 19.03
CA ASP C 502 45.15 -19.37 19.35
C ASP C 502 46.10 -18.98 18.21
N THR C 503 45.67 -19.18 16.96
CA THR C 503 46.52 -18.78 15.83
C THR C 503 46.57 -17.26 15.66
N ILE C 504 45.49 -16.55 16.00
CA ILE C 504 45.57 -15.09 15.99
C ILE C 504 46.42 -14.60 17.16
N ASP C 505 46.48 -15.35 18.25
CA ASP C 505 47.39 -14.99 19.34
C ASP C 505 48.84 -15.26 18.94
N SER C 506 49.09 -16.39 18.28
CA SER C 506 50.43 -16.72 17.82
C SER C 506 50.57 -16.53 16.32
C1 CLR D . 9.51 3.91 -21.42
C2 CLR D . 10.15 4.72 -22.53
C3 CLR D . 11.66 4.68 -22.41
C4 CLR D . 12.14 3.24 -22.57
C5 CLR D . 11.41 2.33 -21.61
C6 CLR D . 12.14 1.44 -20.89
C7 CLR D . 11.54 0.56 -19.81
C8 CLR D . 10.05 0.38 -20.03
C9 CLR D . 9.38 1.73 -20.22
C10 CLR D . 9.91 2.43 -21.48
C11 CLR D . 7.85 1.66 -20.25
C12 CLR D . 7.25 0.82 -19.11
C13 CLR D . 7.92 -0.53 -19.12
C14 CLR D . 9.39 -0.32 -18.85
C15 CLR D . 9.93 -1.69 -18.45
C16 CLR D . 8.74 -2.38 -17.78
C17 CLR D . 7.52 -1.50 -18.00
C18 CLR D . 7.72 -1.20 -20.48
C19 CLR D . 9.28 1.79 -22.72
C20 CLR D . 6.26 -2.30 -18.29
C21 CLR D . 5.07 -1.39 -18.57
C22 CLR D . 5.96 -3.27 -17.15
C23 CLR D . 4.64 -4.00 -17.40
C24 CLR D . 4.38 -5.04 -16.32
C25 CLR D . 5.29 -6.25 -16.51
C26 CLR D . 6.72 -5.95 -16.04
C27 CLR D . 4.73 -7.47 -15.79
O1 CLR D . 12.25 5.48 -23.44
C10 GJ0 E . 9.44 -14.91 -25.09
N12 GJ0 E . 11.50 -13.72 -25.60
C2 GJ0 E . 6.32 -20.15 -21.85
C3 GJ0 E . 5.84 -18.88 -21.82
C5 GJ0 E . 6.69 -17.78 -21.93
C6 GJ0 E . 8.05 -18.01 -21.99
C8 GJ0 E . 9.45 -16.26 -23.08
C9 GJ0 E . 8.78 -15.76 -24.19
C11 GJ0 E . 10.77 -14.61 -24.90
C13 GJ0 E . 12.79 -14.16 -25.89
C14 GJ0 E . 13.42 -13.03 -26.49
C15 GJ0 E . 13.12 -12.97 -28.01
C17 GJ0 E . 14.27 -12.64 -28.97
C21 GJ0 E . 11.37 -15.02 -23.71
C22 GJ0 E . 10.72 -15.84 -22.84
C23 GJ0 E . 8.55 -19.29 -21.91
C25 GJ0 E . 7.69 -20.38 -21.84
F1 GJ0 E . 5.43 -21.15 -21.73
F4 GJ0 E . 4.48 -18.81 -21.82
N16 GJ0 E . 11.98 -13.71 -28.53
O7 GJ0 E . 9.00 -17.02 -22.00
O18 GJ0 E . 14.07 -11.85 -29.93
O19 GJ0 E . 15.41 -13.16 -28.82
O20 GJ0 E . 13.33 -15.21 -25.72
BR GJ0 E . 10.47 -19.59 -21.95
C1 CLR F . -0.42 21.97 8.87
C2 CLR F . 0.05 23.13 9.73
C3 CLR F . 1.02 24.01 8.93
C4 CLR F . 0.29 24.59 7.73
C5 CLR F . -0.36 23.50 6.93
C6 CLR F . -0.22 23.52 5.58
C7 CLR F . -0.73 22.42 4.67
C8 CLR F . -1.87 21.67 5.34
C9 CLR F . -1.47 21.23 6.75
C10 CLR F . -1.18 22.44 7.64
C11 CLR F . -2.48 20.29 7.41
C12 CLR F . -2.94 19.14 6.51
C13 CLR F . -3.43 19.73 5.20
C14 CLR F . -2.27 20.43 4.54
C15 CLR F . -2.68 20.62 3.10
C16 CLR F . -3.60 19.44 2.80
C17 CLR F . -3.86 18.73 4.13
C18 CLR F . -4.55 20.73 5.48
C19 CLR F . -2.50 23.06 8.06
C20 CLR F . -5.31 18.26 4.26
C21 CLR F . -5.51 17.48 5.55
C22 CLR F . -5.73 17.43 3.06
C23 CLR F . -7.16 16.92 3.21
C24 CLR F . -7.48 15.89 2.14
C25 CLR F . -7.84 16.56 0.82
C26 CLR F . -6.63 17.23 0.19
C27 CLR F . -8.47 15.54 -0.15
O1 CLR F . 1.50 25.06 9.77
C10 GJ0 G . -14.67 26.80 -2.78
N12 GJ0 G . -12.82 28.38 -2.63
C2 GJ0 G . -18.79 22.93 -6.72
C3 GJ0 G . -18.21 22.45 -5.58
C5 GJ0 G . -16.99 22.95 -5.13
C6 GJ0 G . -16.35 23.89 -5.92
C8 GJ0 G . -14.76 25.42 -4.75
C9 GJ0 G . -15.28 25.79 -3.53
C11 GJ0 G . -13.57 27.48 -3.28
C13 GJ0 G . -12.44 29.46 -3.42
C14 GJ0 G . -11.53 30.19 -2.60
C15 GJ0 G . -12.30 31.16 -1.66
C17 GJ0 G . -11.77 32.59 -1.48
C21 GJ0 G . -13.00 26.99 -4.45
C22 GJ0 G . -13.60 26.00 -5.18
C23 GJ0 G . -16.88 24.29 -7.12
C25 GJ0 G . -18.11 23.81 -7.53
F1 GJ0 G . -19.97 22.37 -7.08
F4 GJ0 G . -18.99 21.58 -4.88
N16 GJ0 G . -13.72 30.92 -1.39
O7 GJ0 G . -15.09 24.40 -5.63
O18 GJ0 G . -11.75 33.12 -0.34
O19 GJ0 G . -11.37 33.26 -2.47
O20 GJ0 G . -12.76 29.79 -4.53
BR GJ0 G . -15.93 25.58 -8.23
C1 CLR H . 18.36 -8.94 11.73
C2 CLR H . 19.84 -9.19 12.00
C3 CLR H . 20.43 -8.02 12.79
C4 CLR H . 19.74 -7.93 14.14
C5 CLR H . 18.25 -7.87 13.96
C6 CLR H . 17.56 -6.93 14.66
C7 CLR H . 16.08 -6.69 14.48
C8 CLR H . 15.39 -7.92 13.92
C9 CLR H . 16.14 -8.41 12.68
C10 CLR H . 17.56 -8.83 13.02
C11 CLR H . 15.40 -9.53 11.93
C12 CLR H . 13.91 -9.24 11.70
C13 CLR H . 13.28 -8.89 13.03
C14 CLR H . 13.95 -7.64 13.54
C15 CLR H . 13.02 -7.11 14.62
C16 CLR H . 11.63 -7.54 14.18
C17 CLR H . 11.81 -8.50 13.00
C18 CLR H . 13.50 -10.04 14.01
C19 CLR H . 17.53 -10.20 13.71
C20 CLR H . 10.85 -9.67 13.04
C21 CLR H . 10.83 -10.42 11.70
C22 CLR H . 9.44 -9.22 13.42
C23 CLR H . 9.02 -7.99 12.62
C24 CLR H . 8.48 -6.90 13.53
C25 CLR H . 7.46 -7.47 14.53
C26 CLR H . 7.38 -6.60 15.77
C27 CLR H . 6.10 -7.63 13.86
O1 CLR H . 21.84 -8.24 12.99
C10 GJ0 I . 8.14 -10.16 27.78
N12 GJ0 I . 10.41 -9.26 27.98
C2 GJ0 I . 1.39 -9.35 28.89
C3 GJ0 I . 1.89 -9.80 27.70
C5 GJ0 I . 3.15 -9.42 27.27
C6 GJ0 I . 3.86 -8.51 28.03
C8 GJ0 I . 6.35 -8.55 27.81
C9 GJ0 I . 6.78 -9.86 27.71
C11 GJ0 I . 9.07 -9.16 28.01
C13 GJ0 I . 11.05 -8.55 28.98
C14 GJ0 I . 12.43 -8.68 28.67
C15 GJ0 I . 13.00 -9.98 29.26
C17 GJ0 I . 14.38 -9.94 29.97
C21 GJ0 I . 8.60 -7.85 27.97
C22 GJ0 I . 7.27 -7.55 27.90
C23 GJ0 I . 3.31 -7.97 29.17
C25 GJ0 I . 2.07 -8.39 29.62
F1 GJ0 I . 0.15 -9.76 29.23
F4 GJ0 I . 1.10 -10.73 27.09
N16 GJ0 I . 12.09 -11.07 29.62
O7 GJ0 I . 5.08 -7.98 27.67
O18 GJ0 I . 15.22 -10.85 29.76
O19 GJ0 I . 14.66 -9.00 30.75
O20 GJ0 I . 10.62 -7.94 29.92
BR GJ0 I . 4.31 -6.67 30.21
#